data_9JP7
#
_entry.id   9JP7
#
_cell.length_a   128.045
_cell.length_b   270.201
_cell.length_c   113.627
_cell.angle_alpha   90.000
_cell.angle_beta   90.000
_cell.angle_gamma   90.000
#
_symmetry.space_group_name_H-M   'C 2 2 21'
#
loop_
_entity.id
_entity.type
_entity.pdbx_description
1 polymer '4,5-dihydroxyphthalate decarboxylase'
2 non-polymer 'ZINC ION'
3 non-polymer 'MAGNESIUM ION'
4 water water
#
_entity_poly.entity_id   1
_entity_poly.type   'polypeptide(L)'
_entity_poly.pdbx_seq_one_letter_code
;MGSSHHHHHHSSGLVPRGSHMNKLRLSVAMGDYDRTRPLYDGRVQIDGVDPVFMLLNPEEMFFRAMRSQDFDITEISFSS
YLVKHSQDSCPYIGIPVFVSRAFRHTSIYVRKDRIQRPEDLKGKRIGLPEYQLTANVWARAILEADHGVRPCDVHWVRGG
IETAARPEKIKLALPSDIHIENAPEGETISALLDRGDIDGFIGPRPPASTALRNPNIGWLYDDPTAAAKDYYRRTGIFPI
MHIVGIRKELAAQHPWLPSAVFKAFSQAKQAALDLLEDTSATKVTLPFVEEQIRAAKSTLGDDYWPYGVAASRRTLEAFV
RHHHAQGLSARLMAVEELFHPSTYETYSI
;
_entity_poly.pdbx_strand_id   A,B,C,D
#
loop_
_chem_comp.id
_chem_comp.type
_chem_comp.name
_chem_comp.formula
MG non-polymer 'MAGNESIUM ION' 'Mg 2'
ZN non-polymer 'ZINC ION' 'Zn 2'
#
# COMPACT_ATOMS: atom_id res chain seq x y z
N MET A 21 1.32 -15.37 -16.86
CA MET A 21 0.08 -16.08 -16.45
C MET A 21 0.45 -17.43 -15.82
N ASN A 22 1.74 -17.74 -15.76
CA ASN A 22 2.16 -19.07 -15.38
C ASN A 22 2.86 -19.02 -14.03
N LYS A 23 2.22 -19.60 -13.00
CA LYS A 23 2.62 -19.49 -11.61
C LYS A 23 2.61 -20.86 -10.96
N LEU A 24 2.98 -20.91 -9.68
CA LEU A 24 2.98 -22.16 -8.95
C LEU A 24 1.70 -22.28 -8.16
N ARG A 25 0.90 -23.31 -8.48
CA ARG A 25 -0.28 -23.65 -7.72
C ARG A 25 0.14 -24.37 -6.44
N LEU A 26 0.26 -23.62 -5.35
CA LEU A 26 0.68 -24.18 -4.08
C LEU A 26 -0.46 -24.09 -3.07
N SER A 27 -0.51 -25.05 -2.14
CA SER A 27 -1.41 -24.96 -0.99
C SER A 27 -0.69 -24.22 0.14
N VAL A 28 -1.42 -23.33 0.82
CA VAL A 28 -0.88 -22.55 1.93
C VAL A 28 -1.79 -22.69 3.14
N ALA A 29 -1.21 -23.05 4.30
CA ALA A 29 -1.98 -23.29 5.52
C ALA A 29 -1.45 -22.40 6.63
N MET A 30 -2.28 -21.49 7.12
CA MET A 30 -1.92 -20.56 8.19
C MET A 30 -3.10 -20.35 9.13
N GLY A 31 -2.85 -19.62 10.20
CA GLY A 31 -3.91 -19.23 11.12
C GLY A 31 -4.67 -18.02 10.59
N ASP A 32 -5.80 -17.71 11.23
CA ASP A 32 -6.64 -16.59 10.84
C ASP A 32 -6.30 -15.44 11.77
N TYR A 33 -5.33 -14.62 11.38
CA TYR A 33 -4.83 -13.53 12.19
C TYR A 33 -4.90 -12.24 11.39
N ASP A 34 -4.81 -11.11 12.08
CA ASP A 34 -4.79 -9.82 11.40
C ASP A 34 -3.61 -9.82 10.45
N ARG A 35 -2.53 -10.48 10.87
CA ARG A 35 -1.29 -10.44 10.14
C ARG A 35 -1.28 -11.45 8.99
N THR A 36 -2.39 -12.18 8.78
CA THR A 36 -2.48 -13.06 7.63
C THR A 36 -3.66 -12.69 6.74
N ARG A 37 -4.60 -11.89 7.25
CA ARG A 37 -5.76 -11.49 6.48
C ARG A 37 -5.35 -10.95 5.11
N PRO A 38 -4.37 -10.00 5.02
CA PRO A 38 -4.04 -9.37 3.73
C PRO A 38 -3.52 -10.34 2.69
N LEU A 39 -2.97 -11.47 3.15
CA LEU A 39 -2.62 -12.58 2.28
C LEU A 39 -3.88 -13.28 1.81
N TYR A 40 -4.68 -13.69 2.78
CA TYR A 40 -5.89 -14.44 2.50
C TYR A 40 -6.68 -13.76 1.39
N ASP A 41 -6.94 -12.46 1.54
CA ASP A 41 -7.78 -11.62 0.70
C ASP A 41 -7.15 -11.18 -0.61
N GLY A 42 -5.86 -11.46 -0.81
CA GLY A 42 -5.19 -11.06 -2.03
C GLY A 42 -4.53 -9.68 -1.97
N ARG A 43 -4.77 -8.89 -0.89
CA ARG A 43 -4.17 -7.57 -0.78
C ARG A 43 -2.64 -7.66 -0.93
N VAL A 44 -2.05 -8.71 -0.36
CA VAL A 44 -0.64 -9.02 -0.50
C VAL A 44 -0.58 -10.32 -1.31
N GLN A 45 0.31 -10.38 -2.30
CA GLN A 45 0.42 -11.60 -3.10
C GLN A 45 1.81 -12.19 -2.99
N ILE A 46 1.90 -13.50 -3.24
CA ILE A 46 3.18 -14.16 -3.22
C ILE A 46 3.74 -14.14 -4.63
N ASP A 47 4.97 -13.64 -4.78
CA ASP A 47 5.59 -13.59 -6.10
C ASP A 47 5.47 -14.97 -6.74
N GLY A 48 4.89 -15.01 -7.95
CA GLY A 48 4.93 -16.21 -8.79
C GLY A 48 4.15 -17.39 -8.23
N VAL A 49 3.22 -17.14 -7.30
CA VAL A 49 2.43 -18.21 -6.72
C VAL A 49 0.95 -17.86 -6.89
N ASP A 50 0.11 -18.89 -7.01
CA ASP A 50 -1.34 -18.81 -6.96
C ASP A 50 -1.80 -19.61 -5.76
N PRO A 51 -1.95 -18.94 -4.60
CA PRO A 51 -1.87 -19.62 -3.31
C PRO A 51 -2.73 -20.76 -2.78
N VAL A 52 -4.07 -20.81 -2.96
CA VAL A 52 -4.95 -21.76 -2.28
C VAL A 52 -4.74 -21.90 -0.76
N PHE A 53 -5.51 -21.08 -0.02
CA PHE A 53 -5.30 -20.98 1.41
C PHE A 53 -6.32 -21.86 2.15
N MET A 54 -5.92 -22.35 3.32
CA MET A 54 -6.76 -22.99 4.31
C MET A 54 -6.41 -22.41 5.67
N LEU A 55 -7.41 -21.84 6.37
CA LEU A 55 -7.18 -21.26 7.69
C LEU A 55 -7.48 -22.29 8.78
N LEU A 56 -6.46 -22.65 9.59
CA LEU A 56 -6.55 -23.77 10.52
C LEU A 56 -6.12 -23.33 11.90
N ASN A 57 -6.75 -23.89 12.93
CA ASN A 57 -6.26 -23.81 14.29
C ASN A 57 -4.92 -24.54 14.36
N PRO A 58 -4.03 -24.17 15.31
CA PRO A 58 -2.68 -24.75 15.35
C PRO A 58 -2.70 -26.27 15.42
N GLU A 59 -3.52 -26.81 16.34
CA GLU A 59 -3.61 -28.25 16.59
C GLU A 59 -3.82 -29.03 15.29
N GLU A 60 -4.76 -28.56 14.46
CA GLU A 60 -5.12 -29.29 13.26
C GLU A 60 -3.96 -29.26 12.29
N MET A 61 -3.34 -28.09 12.22
CA MET A 61 -2.41 -27.77 11.15
C MET A 61 -1.15 -28.59 11.38
N PHE A 62 -0.65 -28.57 12.63
CA PHE A 62 0.61 -29.21 12.93
C PHE A 62 0.44 -30.71 12.90
N PHE A 63 -0.72 -31.20 13.34
CA PHE A 63 -0.96 -32.63 13.31
C PHE A 63 -0.80 -33.13 11.89
N ARG A 64 -1.46 -32.42 10.96
CA ARG A 64 -1.53 -32.80 9.57
C ARG A 64 -0.17 -32.59 8.91
N ALA A 65 0.51 -31.50 9.27
CA ALA A 65 1.80 -31.16 8.64
C ALA A 65 2.86 -32.19 8.96
N MET A 66 2.85 -32.66 10.21
CA MET A 66 3.94 -33.46 10.73
C MET A 66 3.72 -34.94 10.41
N ARG A 67 2.47 -35.36 10.24
CA ARG A 67 2.14 -36.79 10.14
C ARG A 67 1.67 -37.15 8.74
N SER A 68 1.53 -36.16 7.86
CA SER A 68 0.78 -36.35 6.63
C SER A 68 1.29 -35.44 5.51
N GLN A 69 2.14 -34.46 5.84
CA GLN A 69 2.72 -33.56 4.85
C GLN A 69 1.66 -33.04 3.88
N ASP A 70 0.57 -32.44 4.41
CA ASP A 70 -0.57 -32.08 3.58
C ASP A 70 -0.23 -30.93 2.64
N PHE A 71 0.56 -29.98 3.14
CA PHE A 71 0.65 -28.66 2.56
C PHE A 71 1.98 -28.40 1.87
N ASP A 72 1.95 -27.46 0.93
CA ASP A 72 3.15 -27.02 0.24
C ASP A 72 3.90 -26.01 1.13
N ILE A 73 3.12 -25.05 1.66
CA ILE A 73 3.62 -24.05 2.58
C ILE A 73 2.73 -24.09 3.80
N THR A 74 3.33 -24.14 4.99
CA THR A 74 2.53 -24.19 6.21
C THR A 74 3.22 -23.55 7.40
N GLU A 75 2.41 -22.89 8.21
CA GLU A 75 2.78 -22.54 9.58
C GLU A 75 3.04 -23.83 10.35
N ILE A 76 4.10 -23.89 11.19
CA ILE A 76 4.44 -25.11 11.90
C ILE A 76 4.86 -24.84 13.33
N SER A 77 4.73 -25.86 14.17
CA SER A 77 5.32 -25.82 15.51
C SER A 77 6.81 -25.59 15.36
N PHE A 78 7.35 -24.57 16.04
CA PHE A 78 8.78 -24.38 15.97
C PHE A 78 9.45 -25.61 16.59
N SER A 79 8.91 -26.07 17.72
CA SER A 79 9.49 -27.22 18.38
C SER A 79 9.49 -28.42 17.44
N SER A 80 8.30 -28.82 16.98
CA SER A 80 8.16 -30.02 16.17
C SER A 80 9.09 -29.94 14.97
N TYR A 81 9.04 -28.83 14.22
CA TYR A 81 9.97 -28.63 13.11
C TYR A 81 11.39 -28.93 13.56
N LEU A 82 11.82 -28.41 14.73
CA LEU A 82 13.20 -28.58 15.15
C LEU A 82 13.50 -30.04 15.43
N VAL A 83 12.54 -30.75 16.02
CA VAL A 83 12.74 -32.17 16.28
C VAL A 83 13.13 -32.86 14.98
N LYS A 84 12.25 -32.74 13.97
CA LYS A 84 12.50 -33.39 12.69
C LYS A 84 13.69 -32.76 11.96
N HIS A 85 13.89 -31.44 12.10
CA HIS A 85 14.96 -30.76 11.38
C HIS A 85 16.33 -31.11 11.94
N SER A 86 16.40 -31.42 13.24
CA SER A 86 17.67 -31.70 13.89
C SER A 86 18.28 -33.01 13.37
N GLN A 87 17.42 -33.87 12.79
CA GLN A 87 17.81 -35.18 12.32
C GLN A 87 17.93 -35.20 10.81
N ASP A 88 17.85 -34.03 10.19
CA ASP A 88 17.77 -33.85 8.74
C ASP A 88 16.75 -34.79 8.09
N SER A 89 15.62 -35.01 8.78
CA SER A 89 14.55 -35.82 8.20
C SER A 89 13.22 -35.12 8.44
N CYS A 90 13.19 -33.81 8.11
CA CYS A 90 11.96 -33.05 8.08
C CYS A 90 11.62 -32.76 6.62
N PRO A 91 10.35 -32.96 6.21
CA PRO A 91 9.91 -32.68 4.85
C PRO A 91 9.95 -31.20 4.47
N TYR A 92 9.99 -30.33 5.48
CA TYR A 92 9.93 -28.89 5.28
C TYR A 92 11.27 -28.24 5.64
N ILE A 93 11.51 -27.06 5.07
CA ILE A 93 12.58 -26.18 5.49
C ILE A 93 11.94 -24.90 6.01
N GLY A 94 12.45 -24.40 7.13
CA GLY A 94 11.81 -23.27 7.78
C GLY A 94 12.28 -21.95 7.19
N ILE A 95 11.45 -20.92 7.31
CA ILE A 95 11.81 -19.54 7.05
C ILE A 95 11.47 -18.73 8.29
N PRO A 96 12.18 -17.62 8.61
CA PRO A 96 11.94 -16.88 9.84
C PRO A 96 10.69 -15.98 9.81
N VAL A 97 9.53 -16.58 9.48
CA VAL A 97 8.25 -15.89 9.59
C VAL A 97 7.58 -16.37 10.86
N PHE A 98 7.63 -15.54 11.89
CA PHE A 98 7.17 -15.94 13.22
C PHE A 98 5.71 -15.50 13.40
N VAL A 99 4.80 -16.14 12.64
CA VAL A 99 3.39 -15.81 12.66
C VAL A 99 2.79 -16.08 14.03
N SER A 100 3.55 -16.72 14.94
CA SER A 100 3.09 -16.88 16.30
C SER A 100 4.17 -16.54 17.33
N ARG A 101 3.92 -15.46 18.07
CA ARG A 101 4.75 -15.09 19.19
C ARG A 101 3.83 -14.77 20.35
N ALA A 102 4.33 -14.91 21.58
CA ALA A 102 3.55 -14.66 22.78
C ALA A 102 4.32 -15.17 23.99
N PHE A 103 4.18 -14.45 25.10
CA PHE A 103 4.74 -14.91 26.34
C PHE A 103 3.86 -16.02 26.86
N ARG A 104 4.48 -17.01 27.48
CA ARG A 104 3.70 -18.15 27.91
C ARG A 104 3.77 -18.26 29.42
N HIS A 105 3.83 -17.09 30.09
CA HIS A 105 3.65 -17.07 31.52
C HIS A 105 2.20 -17.47 31.81
N THR A 106 1.30 -17.06 30.90
CA THR A 106 -0.13 -17.30 31.05
C THR A 106 -0.40 -18.78 30.76
N SER A 107 0.65 -19.54 30.47
CA SER A 107 0.47 -20.88 29.95
C SER A 107 0.35 -21.89 31.08
N ILE A 108 0.71 -21.46 32.29
CA ILE A 108 0.88 -22.34 33.42
C ILE A 108 -0.26 -22.10 34.40
N TYR A 109 -1.16 -23.09 34.47
CA TYR A 109 -2.25 -23.16 35.43
C TYR A 109 -1.84 -24.14 36.53
N VAL A 110 -2.19 -23.79 37.77
CA VAL A 110 -1.92 -24.62 38.93
C VAL A 110 -3.14 -24.64 39.83
N ARG A 111 -3.14 -25.58 40.79
CA ARG A 111 -4.11 -25.55 41.85
C ARG A 111 -3.62 -24.62 42.96
N LYS A 112 -4.18 -23.41 43.00
CA LYS A 112 -3.70 -22.34 43.87
C LYS A 112 -3.85 -22.75 45.33
N ASP A 113 -4.68 -23.75 45.60
CA ASP A 113 -4.89 -24.28 46.95
C ASP A 113 -3.67 -25.09 47.44
N ARG A 114 -2.75 -25.43 46.51
CA ARG A 114 -1.58 -26.24 46.79
C ARG A 114 -0.31 -25.42 46.57
N ILE A 115 -0.22 -24.78 45.39
CA ILE A 115 0.98 -24.08 44.98
C ILE A 115 0.86 -22.59 45.35
N GLN A 116 1.70 -22.16 46.30
CA GLN A 116 1.76 -20.74 46.63
C GLN A 116 2.65 -20.01 45.63
N ARG A 117 3.78 -20.61 45.29
CA ARG A 117 4.87 -19.96 44.57
C ARG A 117 5.47 -20.97 43.60
N PRO A 118 6.01 -20.57 42.42
CA PRO A 118 6.51 -21.53 41.44
C PRO A 118 7.41 -22.67 41.92
N GLU A 119 8.28 -22.38 42.90
CA GLU A 119 9.26 -23.34 43.38
C GLU A 119 8.59 -24.60 43.95
N ASP A 120 7.29 -24.49 44.31
CA ASP A 120 6.56 -25.58 44.96
C ASP A 120 6.29 -26.73 43.99
N LEU A 121 6.49 -26.50 42.69
CA LEU A 121 6.15 -27.47 41.66
C LEU A 121 7.18 -28.59 41.57
N LYS A 122 8.35 -28.41 42.23
CA LYS A 122 9.35 -29.46 42.33
C LYS A 122 8.66 -30.73 42.83
N GLY A 123 8.80 -31.82 42.07
CA GLY A 123 8.38 -33.14 42.50
C GLY A 123 6.87 -33.32 42.56
N LYS A 124 6.13 -32.48 41.81
CA LYS A 124 4.69 -32.61 41.71
C LYS A 124 4.35 -33.27 40.39
N ARG A 125 3.04 -33.45 40.15
CA ARG A 125 2.54 -33.97 38.90
C ARG A 125 1.98 -32.80 38.08
N ILE A 126 2.64 -32.49 36.95
CA ILE A 126 2.20 -31.48 36.00
C ILE A 126 1.64 -32.22 34.79
N GLY A 127 0.56 -31.71 34.21
CA GLY A 127 -0.01 -32.32 33.02
C GLY A 127 0.25 -31.45 31.79
N LEU A 128 0.51 -32.10 30.65
CA LEU A 128 0.58 -31.40 29.38
C LEU A 128 -0.05 -32.25 28.29
N PRO A 129 -0.54 -31.65 27.17
CA PRO A 129 -1.14 -32.42 26.08
C PRO A 129 -0.13 -33.27 25.32
N GLU A 130 1.04 -32.70 25.06
CA GLU A 130 2.17 -33.41 24.48
C GLU A 130 3.39 -32.68 25.03
N TYR A 131 4.50 -33.42 25.19
CA TYR A 131 5.71 -32.88 25.81
C TYR A 131 6.39 -31.88 24.88
N GLN A 132 6.32 -32.13 23.56
CA GLN A 132 7.19 -31.43 22.64
C GLN A 132 6.55 -30.16 22.12
N LEU A 133 5.54 -29.63 22.79
CA LEU A 133 4.79 -28.48 22.28
C LEU A 133 5.59 -27.20 22.48
N THR A 134 5.49 -26.30 21.51
CA THR A 134 6.37 -25.14 21.51
C THR A 134 6.23 -24.34 22.80
N ALA A 135 4.98 -24.12 23.25
CA ALA A 135 4.76 -23.31 24.44
C ALA A 135 5.34 -24.01 25.68
N ASN A 136 5.15 -25.32 25.76
CA ASN A 136 5.71 -26.14 26.83
C ASN A 136 7.21 -25.97 26.96
N VAL A 137 7.91 -25.81 25.82
CA VAL A 137 9.34 -25.62 25.88
C VAL A 137 9.65 -24.29 26.58
N TRP A 138 9.00 -23.21 26.14
CA TRP A 138 9.22 -21.93 26.80
C TRP A 138 8.84 -21.99 28.27
N ALA A 139 7.75 -22.72 28.58
CA ALA A 139 7.25 -22.78 29.94
C ALA A 139 8.24 -23.49 30.86
N ARG A 140 8.77 -24.65 30.43
CA ARG A 140 9.69 -25.44 31.24
C ARG A 140 10.99 -24.68 31.42
N ALA A 141 11.32 -23.84 30.44
CA ALA A 141 12.53 -23.03 30.47
C ALA A 141 12.40 -21.98 31.57
N ILE A 142 11.18 -21.43 31.74
CA ILE A 142 10.97 -20.44 32.77
C ILE A 142 11.15 -21.11 34.12
N LEU A 143 10.55 -22.29 34.28
CA LEU A 143 10.53 -22.99 35.55
C LEU A 143 11.95 -23.40 35.96
N GLU A 144 12.75 -23.83 34.98
CA GLU A 144 14.18 -24.12 35.17
C GLU A 144 14.92 -22.82 35.48
N ALA A 145 15.02 -21.94 34.47
CA ALA A 145 15.90 -20.79 34.52
C ALA A 145 15.61 -19.89 35.72
N ASP A 146 14.41 -19.94 36.31
CA ASP A 146 14.24 -18.94 37.37
C ASP A 146 13.43 -19.42 38.57
N HIS A 147 13.30 -20.74 38.71
CA HIS A 147 12.73 -21.31 39.93
C HIS A 147 13.47 -22.59 40.31
N GLY A 148 14.30 -23.09 39.39
CA GLY A 148 15.10 -24.27 39.63
C GLY A 148 14.29 -25.55 39.48
N VAL A 149 13.14 -25.46 38.79
CA VAL A 149 12.30 -26.63 38.58
C VAL A 149 12.63 -27.23 37.21
N ARG A 150 13.48 -28.25 37.21
CA ARG A 150 14.00 -28.83 35.99
C ARG A 150 13.07 -29.94 35.52
N PRO A 151 12.86 -30.09 34.20
CA PRO A 151 12.13 -31.22 33.62
C PRO A 151 12.17 -32.55 34.39
N CYS A 152 13.36 -32.92 34.88
CA CYS A 152 13.54 -34.23 35.50
C CYS A 152 12.99 -34.24 36.93
N ASP A 153 12.71 -33.06 37.49
CA ASP A 153 12.20 -32.90 38.84
C ASP A 153 10.67 -33.00 38.86
N VAL A 154 10.06 -33.47 37.78
CA VAL A 154 8.61 -33.37 37.68
C VAL A 154 8.04 -34.69 37.21
N HIS A 155 6.90 -35.11 37.78
CA HIS A 155 6.12 -36.21 37.22
C HIS A 155 5.21 -35.62 36.15
N TRP A 156 5.55 -35.91 34.88
CA TRP A 156 4.80 -35.40 33.75
C TRP A 156 3.63 -36.34 33.46
N VAL A 157 2.47 -35.74 33.13
CA VAL A 157 1.28 -36.51 32.75
C VAL A 157 0.75 -35.98 31.43
N ARG A 158 0.68 -36.86 30.42
CA ARG A 158 0.31 -36.43 29.07
C ARG A 158 -1.05 -36.98 28.70
N GLY A 159 -1.93 -36.07 28.27
CA GLY A 159 -3.27 -36.36 27.81
C GLY A 159 -3.90 -35.08 27.26
N GLY A 160 -4.99 -35.23 26.49
CA GLY A 160 -5.60 -34.07 25.86
C GLY A 160 -6.21 -33.09 26.85
N ILE A 161 -6.47 -31.85 26.39
CA ILE A 161 -7.11 -30.82 27.19
C ILE A 161 -8.64 -30.93 27.06
N GLU A 162 -9.12 -31.08 25.81
CA GLU A 162 -10.54 -31.17 25.51
C GLU A 162 -11.00 -32.59 25.23
N THR A 163 -10.19 -33.34 24.44
CA THR A 163 -10.39 -34.76 24.15
C THR A 163 -9.30 -35.59 24.82
N ALA A 164 -9.69 -36.74 25.38
CA ALA A 164 -8.83 -37.45 26.33
C ALA A 164 -7.64 -38.08 25.61
N ALA A 165 -7.85 -38.62 24.40
CA ALA A 165 -6.80 -39.28 23.65
C ALA A 165 -6.05 -38.30 22.72
N ARG A 166 -4.77 -38.10 22.97
CA ARG A 166 -3.93 -37.21 22.18
C ARG A 166 -2.50 -37.74 22.13
N PRO A 167 -2.02 -38.19 20.94
CA PRO A 167 -0.66 -38.69 20.82
C PRO A 167 0.39 -37.57 20.83
N GLU A 168 1.62 -37.90 21.21
CA GLU A 168 2.78 -37.14 20.77
C GLU A 168 2.85 -37.21 19.24
N LYS A 169 2.85 -36.04 18.57
CA LYS A 169 2.70 -36.01 17.12
C LYS A 169 3.89 -36.64 16.41
N ILE A 170 5.10 -36.50 16.97
CA ILE A 170 6.29 -37.18 16.47
C ILE A 170 6.90 -37.98 17.64
N LYS A 171 7.55 -39.10 17.30
CA LYS A 171 8.16 -39.93 18.33
C LYS A 171 9.34 -39.16 18.92
N LEU A 172 9.62 -39.37 20.23
CA LEU A 172 10.74 -38.72 20.90
C LEU A 172 11.69 -39.75 21.51
N ALA A 173 13.00 -39.41 21.55
CA ALA A 173 13.95 -40.07 22.43
C ALA A 173 14.37 -39.09 23.53
N LEU A 174 13.53 -38.92 24.55
CA LEU A 174 13.82 -38.10 25.73
C LEU A 174 14.77 -38.86 26.65
N PRO A 175 15.79 -38.20 27.24
CA PRO A 175 16.62 -38.82 28.29
C PRO A 175 15.77 -39.41 29.42
N SER A 176 16.23 -40.51 30.04
CA SER A 176 15.33 -41.30 30.87
C SER A 176 15.24 -40.77 32.29
N ASP A 177 15.83 -39.59 32.55
CA ASP A 177 15.63 -38.92 33.83
C ASP A 177 14.32 -38.13 33.83
N ILE A 178 13.69 -38.01 32.64
CA ILE A 178 12.39 -37.39 32.41
C ILE A 178 11.31 -38.46 32.58
N HIS A 179 10.62 -38.46 33.72
CA HIS A 179 9.58 -39.44 34.03
C HIS A 179 8.27 -38.90 33.46
N ILE A 180 7.56 -39.73 32.67
CA ILE A 180 6.38 -39.24 31.95
C ILE A 180 5.39 -40.37 31.67
N GLU A 181 4.19 -40.26 32.28
CA GLU A 181 3.17 -41.30 32.12
C GLU A 181 1.86 -40.71 31.61
N ASN A 182 1.18 -41.48 30.75
CA ASN A 182 -0.10 -41.13 30.15
C ASN A 182 -1.13 -40.83 31.23
N ALA A 183 -2.16 -40.06 30.85
CA ALA A 183 -3.29 -39.79 31.73
C ALA A 183 -4.14 -41.07 31.78
N PRO A 184 -4.87 -41.34 32.89
CA PRO A 184 -5.88 -42.42 32.88
C PRO A 184 -6.73 -42.28 31.62
N GLU A 185 -6.91 -43.38 30.88
CA GLU A 185 -7.65 -43.32 29.63
C GLU A 185 -9.06 -42.78 29.90
N GLY A 186 -9.53 -41.90 29.02
CA GLY A 186 -10.87 -41.35 29.12
C GLY A 186 -10.87 -40.03 29.88
N GLU A 187 -9.80 -39.74 30.62
CA GLU A 187 -9.73 -38.55 31.46
C GLU A 187 -8.76 -37.55 30.83
N THR A 188 -9.22 -36.31 30.65
CA THR A 188 -8.36 -35.26 30.12
C THR A 188 -7.53 -34.68 31.26
N ILE A 189 -6.45 -33.98 30.89
CA ILE A 189 -5.62 -33.18 31.78
C ILE A 189 -6.53 -32.21 32.55
N SER A 190 -7.48 -31.61 31.83
CA SER A 190 -8.40 -30.63 32.38
C SER A 190 -9.14 -31.25 33.56
N ALA A 191 -9.68 -32.46 33.32
CA ALA A 191 -10.38 -33.20 34.35
C ALA A 191 -9.42 -33.51 35.50
N LEU A 192 -8.21 -34.00 35.18
CA LEU A 192 -7.24 -34.46 36.16
C LEU A 192 -6.82 -33.32 37.07
N LEU A 193 -6.82 -32.10 36.54
CA LEU A 193 -6.52 -30.92 37.33
C LEU A 193 -7.71 -30.57 38.22
N ASP A 194 -8.91 -30.74 37.66
CA ASP A 194 -10.17 -30.45 38.33
C ASP A 194 -10.28 -31.30 39.61
N ARG A 195 -9.92 -32.58 39.48
CA ARG A 195 -9.99 -33.55 40.56
C ARG A 195 -8.73 -33.46 41.40
N GLY A 196 -7.70 -32.80 40.88
CA GLY A 196 -6.45 -32.61 41.58
C GLY A 196 -5.63 -33.90 41.70
N ASP A 197 -5.64 -34.71 40.64
CA ASP A 197 -4.69 -35.81 40.47
C ASP A 197 -3.34 -35.26 40.02
N ILE A 198 -3.38 -34.06 39.44
CA ILE A 198 -2.19 -33.28 39.09
C ILE A 198 -2.27 -31.93 39.80
N ASP A 199 -1.09 -31.34 40.08
CA ASP A 199 -1.03 -30.07 40.79
C ASP A 199 -0.92 -28.91 39.81
N GLY A 200 -0.54 -29.23 38.55
CA GLY A 200 -0.24 -28.20 37.59
C GLY A 200 -0.51 -28.64 36.16
N PHE A 201 -0.49 -27.67 35.25
CA PHE A 201 -0.95 -27.84 33.89
C PHE A 201 -0.14 -26.86 33.05
N ILE A 202 0.42 -27.31 31.91
CA ILE A 202 0.92 -26.38 30.91
C ILE A 202 0.50 -26.82 29.50
N GLY A 203 0.22 -25.82 28.65
CA GLY A 203 -0.12 -26.03 27.24
C GLY A 203 -0.54 -24.71 26.57
N PRO A 204 -0.70 -24.68 25.22
CA PRO A 204 -0.97 -23.43 24.50
C PRO A 204 -2.38 -22.88 24.75
N ARG A 205 -3.28 -23.72 25.28
CA ARG A 205 -4.62 -23.28 25.63
C ARG A 205 -4.81 -23.42 27.14
N PRO A 206 -5.75 -22.66 27.75
CA PRO A 206 -6.07 -22.87 29.16
C PRO A 206 -6.79 -24.20 29.26
N PRO A 207 -7.01 -24.75 30.48
CA PRO A 207 -7.80 -25.97 30.66
C PRO A 207 -9.25 -25.74 30.22
N ALA A 208 -10.02 -26.81 29.99
CA ALA A 208 -11.40 -26.71 29.53
C ALA A 208 -12.26 -25.99 30.57
N SER A 209 -13.37 -25.38 30.12
CA SER A 209 -14.12 -24.44 30.94
C SER A 209 -14.62 -25.07 32.24
N THR A 210 -15.16 -26.30 32.19
CA THR A 210 -15.63 -27.00 33.37
C THR A 210 -14.56 -26.97 34.45
N ALA A 211 -13.31 -27.26 34.04
CA ALA A 211 -12.16 -27.20 34.94
C ALA A 211 -11.98 -25.75 35.39
N LEU A 212 -12.02 -24.80 34.44
CA LEU A 212 -11.72 -23.40 34.70
C LEU A 212 -12.58 -22.85 35.84
N ARG A 213 -13.79 -23.41 35.98
CA ARG A 213 -14.77 -22.89 36.91
C ARG A 213 -14.46 -23.32 38.33
N ASN A 214 -13.60 -24.34 38.46
CA ASN A 214 -13.09 -24.70 39.78
C ASN A 214 -12.42 -23.46 40.36
N PRO A 215 -12.89 -22.91 41.51
CA PRO A 215 -12.31 -21.69 42.07
C PRO A 215 -10.83 -21.82 42.44
N ASN A 216 -10.31 -23.06 42.45
CA ASN A 216 -8.98 -23.33 42.96
C ASN A 216 -7.96 -23.37 41.82
N ILE A 217 -8.45 -23.26 40.59
CA ILE A 217 -7.58 -23.25 39.42
C ILE A 217 -7.44 -21.82 38.93
N GLY A 218 -6.22 -21.45 38.51
CA GLY A 218 -5.86 -20.11 38.08
C GLY A 218 -4.39 -20.07 37.65
N TRP A 219 -3.95 -18.93 37.12
CA TRP A 219 -2.56 -18.83 36.69
C TRP A 219 -1.63 -18.98 37.89
N LEU A 220 -0.50 -19.63 37.65
CA LEU A 220 0.60 -19.64 38.61
C LEU A 220 0.95 -18.20 38.96
N TYR A 221 1.19 -17.40 37.90
CA TYR A 221 1.61 -16.03 38.07
C TYR A 221 0.37 -15.17 38.33
N ASP A 222 0.38 -14.46 39.47
CA ASP A 222 -0.71 -13.59 39.86
C ASP A 222 -0.79 -12.40 38.90
N ASP A 223 0.38 -11.98 38.41
CA ASP A 223 0.44 -10.89 37.46
C ASP A 223 1.33 -11.31 36.31
N PRO A 224 0.82 -12.14 35.38
CA PRO A 224 1.61 -12.61 34.26
C PRO A 224 2.21 -11.49 33.43
N THR A 225 1.44 -10.41 33.21
CA THR A 225 1.99 -9.32 32.42
C THR A 225 3.27 -8.83 33.07
N ALA A 226 3.23 -8.65 34.40
CA ALA A 226 4.36 -8.06 35.10
C ALA A 226 5.57 -8.98 34.99
N ALA A 227 5.36 -10.28 35.18
CA ALA A 227 6.43 -11.27 35.21
C ALA A 227 7.09 -11.39 33.84
N ALA A 228 6.26 -11.25 32.81
CA ALA A 228 6.74 -11.42 31.45
C ALA A 228 7.55 -10.20 31.01
N LYS A 229 7.17 -9.02 31.53
CA LYS A 229 7.86 -7.77 31.18
C LYS A 229 9.22 -7.75 31.84
N ASP A 230 9.27 -8.31 33.05
CA ASP A 230 10.51 -8.53 33.79
C ASP A 230 11.39 -9.51 33.00
N TYR A 231 10.83 -10.69 32.69
CA TYR A 231 11.46 -11.70 31.87
C TYR A 231 12.10 -11.05 30.65
N TYR A 232 11.31 -10.22 29.93
CA TYR A 232 11.77 -9.61 28.70
C TYR A 232 12.90 -8.60 28.97
N ARG A 233 12.80 -7.86 30.07
CA ARG A 233 13.87 -6.95 30.42
C ARG A 233 15.14 -7.75 30.69
N ARG A 234 14.97 -8.91 31.36
CA ARG A 234 16.09 -9.74 31.77
C ARG A 234 16.70 -10.44 30.55
N THR A 235 15.87 -10.91 29.61
CA THR A 235 16.41 -11.86 28.64
C THR A 235 16.36 -11.32 27.21
N GLY A 236 15.43 -10.41 26.92
CA GLY A 236 15.24 -9.91 25.56
C GLY A 236 14.57 -10.94 24.65
N ILE A 237 13.87 -11.90 25.28
CA ILE A 237 13.22 -13.00 24.60
C ILE A 237 11.73 -12.73 24.43
N PHE A 238 11.29 -12.62 23.18
CA PHE A 238 9.86 -12.64 22.91
C PHE A 238 9.54 -13.99 22.27
N PRO A 239 9.09 -14.99 23.07
CA PRO A 239 9.08 -16.39 22.65
C PRO A 239 8.41 -16.55 21.27
N ILE A 240 8.97 -17.47 20.48
CA ILE A 240 8.41 -17.79 19.18
C ILE A 240 7.72 -19.14 19.30
N MET A 241 6.49 -19.23 18.75
CA MET A 241 5.72 -20.44 18.84
C MET A 241 5.81 -21.15 17.49
N HIS A 242 5.49 -20.37 16.43
CA HIS A 242 5.28 -20.93 15.10
C HIS A 242 6.23 -20.29 14.11
N ILE A 243 6.81 -21.11 13.23
CA ILE A 243 7.48 -20.56 12.07
C ILE A 243 6.65 -20.90 10.83
N VAL A 244 7.22 -20.67 9.65
CA VAL A 244 6.59 -21.16 8.43
C VAL A 244 7.58 -22.08 7.73
N GLY A 245 7.02 -23.06 6.99
CA GLY A 245 7.78 -24.08 6.31
C GLY A 245 7.38 -24.27 4.83
N ILE A 246 8.33 -24.71 4.02
CA ILE A 246 8.06 -25.04 2.63
C ILE A 246 8.65 -26.43 2.42
N ARG A 247 7.99 -27.26 1.61
CA ARG A 247 8.54 -28.58 1.29
C ARG A 247 9.96 -28.40 0.76
N LYS A 248 10.87 -29.27 1.19
CA LYS A 248 12.28 -29.25 0.79
C LYS A 248 12.38 -29.19 -0.73
N GLU A 249 11.74 -30.14 -1.43
CA GLU A 249 11.85 -30.25 -2.88
C GLU A 249 11.51 -28.91 -3.52
N LEU A 250 10.51 -28.22 -2.97
CA LEU A 250 9.99 -27.02 -3.57
C LEU A 250 11.05 -25.92 -3.50
N ALA A 251 11.72 -25.80 -2.35
CA ALA A 251 12.74 -24.78 -2.10
C ALA A 251 13.97 -25.02 -2.98
N ALA A 252 14.25 -26.30 -3.26
CA ALA A 252 15.36 -26.69 -4.09
C ALA A 252 15.04 -26.37 -5.56
N GLN A 253 13.80 -26.66 -5.98
CA GLN A 253 13.37 -26.47 -7.34
C GLN A 253 13.21 -24.98 -7.66
N HIS A 254 12.84 -24.20 -6.65
CA HIS A 254 12.50 -22.81 -6.86
C HIS A 254 13.27 -21.96 -5.83
N PRO A 255 14.59 -21.70 -6.04
CA PRO A 255 15.42 -21.06 -5.01
C PRO A 255 14.99 -19.66 -4.58
N TRP A 256 13.96 -19.14 -5.24
CA TRP A 256 13.45 -17.80 -4.99
C TRP A 256 12.20 -17.86 -4.10
N LEU A 257 11.64 -19.06 -3.96
CA LEU A 257 10.35 -19.27 -3.33
C LEU A 257 10.43 -19.01 -1.83
N PRO A 258 11.46 -19.52 -1.12
CA PRO A 258 11.68 -19.10 0.27
C PRO A 258 11.61 -17.58 0.41
N SER A 259 12.42 -16.84 -0.36
CA SER A 259 12.47 -15.40 -0.16
C SER A 259 11.11 -14.78 -0.46
N ALA A 260 10.40 -15.29 -1.48
CA ALA A 260 9.12 -14.72 -1.88
C ALA A 260 8.10 -14.84 -0.75
N VAL A 261 8.06 -16.01 -0.14
CA VAL A 261 7.15 -16.30 0.95
C VAL A 261 7.50 -15.40 2.14
N PHE A 262 8.78 -15.32 2.48
CA PHE A 262 9.21 -14.48 3.59
C PHE A 262 8.68 -13.07 3.44
N LYS A 263 8.75 -12.53 2.21
CA LYS A 263 8.37 -11.17 1.89
C LYS A 263 6.87 -11.00 2.09
N ALA A 264 6.08 -11.87 1.46
CA ALA A 264 4.64 -11.73 1.52
C ALA A 264 4.17 -11.65 2.98
N PHE A 265 4.60 -12.60 3.82
CA PHE A 265 4.10 -12.64 5.17
C PHE A 265 4.49 -11.35 5.88
N SER A 266 5.73 -10.91 5.59
CA SER A 266 6.29 -9.66 6.05
C SER A 266 5.39 -8.47 5.70
N GLN A 267 4.96 -8.41 4.42
CA GLN A 267 4.13 -7.32 3.95
C GLN A 267 2.78 -7.36 4.66
N ALA A 268 2.19 -8.56 4.77
CA ALA A 268 0.90 -8.77 5.40
C ALA A 268 0.91 -8.25 6.83
N LYS A 269 1.99 -8.51 7.56
CA LYS A 269 2.11 -8.04 8.94
C LYS A 269 2.22 -6.52 8.94
N GLN A 270 3.03 -5.95 8.04
CA GLN A 270 3.11 -4.50 7.91
C GLN A 270 1.74 -3.90 7.61
N ALA A 271 1.00 -4.50 6.66
CA ALA A 271 -0.31 -4.00 6.27
C ALA A 271 -1.22 -3.97 7.49
N ALA A 272 -1.24 -5.09 8.24
CA ALA A 272 -2.11 -5.23 9.39
C ALA A 272 -1.72 -4.24 10.47
N LEU A 273 -0.41 -4.12 10.75
CA LEU A 273 0.07 -3.15 11.71
C LEU A 273 -0.29 -1.72 11.30
N ASP A 274 -0.26 -1.43 10.00
CA ASP A 274 -0.59 -0.10 9.49
C ASP A 274 -2.04 0.24 9.88
N LEU A 275 -2.92 -0.74 9.67
CA LEU A 275 -4.35 -0.67 9.97
C LEU A 275 -4.57 -0.59 11.48
N LEU A 276 -3.82 -1.38 12.24
CA LEU A 276 -4.05 -1.52 13.67
C LEU A 276 -3.70 -0.25 14.42
N GLU A 277 -2.66 0.45 13.94
CA GLU A 277 -2.14 1.65 14.59
C GLU A 277 -3.11 2.81 14.40
N ASP A 278 -4.02 2.68 13.43
CA ASP A 278 -4.97 3.73 13.16
C ASP A 278 -6.12 3.63 14.15
N THR A 279 -6.43 4.76 14.78
CA THR A 279 -7.35 4.79 15.90
C THR A 279 -8.67 5.43 15.47
N SER A 280 -8.88 5.56 14.16
CA SER A 280 -10.18 6.04 13.69
C SER A 280 -11.31 5.17 14.25
N ALA A 281 -10.97 3.90 14.47
CA ALA A 281 -11.82 2.82 14.92
C ALA A 281 -10.86 1.64 15.15
N THR A 282 -10.92 1.05 16.36
CA THR A 282 -9.88 0.10 16.70
C THR A 282 -10.21 -1.25 16.04
N LYS A 283 -9.20 -1.84 15.40
CA LYS A 283 -9.35 -2.98 14.53
C LYS A 283 -9.47 -4.28 15.32
N VAL A 284 -9.07 -4.30 16.61
CA VAL A 284 -9.40 -5.45 17.45
C VAL A 284 -10.56 -5.04 18.36
N THR A 285 -11.33 -6.02 18.82
CA THR A 285 -12.33 -5.72 19.83
C THR A 285 -11.66 -5.72 21.21
N LEU A 286 -10.86 -4.68 21.49
CA LEU A 286 -10.41 -4.39 22.84
C LEU A 286 -10.54 -2.91 23.13
N PRO A 287 -10.63 -2.51 24.41
CA PRO A 287 -10.42 -1.11 24.78
C PRO A 287 -8.93 -0.78 24.74
N PHE A 288 -8.62 0.51 24.81
CA PHE A 288 -7.27 0.99 25.09
C PHE A 288 -6.20 0.53 24.09
N VAL A 289 -6.55 0.27 22.83
CA VAL A 289 -5.59 -0.20 21.85
C VAL A 289 -4.45 0.83 21.65
N GLU A 290 -4.79 2.13 21.52
CA GLU A 290 -3.80 3.17 21.34
C GLU A 290 -2.69 3.00 22.37
N GLU A 291 -3.12 2.84 23.64
CA GLU A 291 -2.24 2.86 24.80
C GLU A 291 -1.37 1.61 24.73
N GLN A 292 -1.99 0.48 24.38
CA GLN A 292 -1.35 -0.81 24.32
C GLN A 292 -0.20 -0.80 23.31
N ILE A 293 -0.50 -0.32 22.10
CA ILE A 293 0.49 -0.28 21.03
C ILE A 293 1.72 0.45 21.55
N ARG A 294 1.47 1.60 22.20
CA ARG A 294 2.52 2.50 22.61
C ARG A 294 3.31 1.87 23.77
N ALA A 295 2.64 1.10 24.63
CA ALA A 295 3.29 0.42 25.72
C ALA A 295 4.12 -0.73 25.16
N ALA A 296 3.56 -1.44 24.20
CA ALA A 296 4.25 -2.55 23.55
C ALA A 296 5.55 -2.06 22.91
N LYS A 297 5.47 -0.96 22.15
CA LYS A 297 6.60 -0.33 21.47
C LYS A 297 7.65 0.12 22.49
N SER A 298 7.17 0.54 23.66
CA SER A 298 8.03 1.02 24.72
C SER A 298 8.86 -0.15 25.30
N THR A 299 8.20 -1.27 25.61
CA THR A 299 8.82 -2.37 26.33
C THR A 299 9.63 -3.24 25.37
N LEU A 300 9.10 -3.47 24.16
CA LEU A 300 9.68 -4.46 23.26
C LEU A 300 10.53 -3.80 22.16
N GLY A 301 10.25 -2.54 21.82
CA GLY A 301 10.87 -1.89 20.67
C GLY A 301 9.85 -1.68 19.56
N ASP A 302 10.08 -0.73 18.64
CA ASP A 302 9.02 -0.32 17.71
C ASP A 302 8.49 -1.51 16.93
N ASP A 303 9.41 -2.40 16.57
CA ASP A 303 9.07 -3.58 15.81
C ASP A 303 8.86 -4.73 16.81
N TYR A 304 7.80 -4.61 17.62
CA TYR A 304 7.63 -5.44 18.81
C TYR A 304 7.39 -6.90 18.40
N TRP A 305 6.71 -7.11 17.26
CA TRP A 305 6.55 -8.46 16.76
C TRP A 305 7.31 -8.62 15.45
N PRO A 306 8.67 -8.74 15.51
CA PRO A 306 9.49 -8.80 14.30
C PRO A 306 9.42 -10.21 13.70
N TYR A 307 9.37 -10.27 12.36
CA TYR A 307 9.85 -11.42 11.62
C TYR A 307 11.36 -11.20 11.37
N GLY A 308 12.08 -12.21 10.87
CA GLY A 308 13.47 -12.04 10.47
C GLY A 308 14.47 -12.47 11.56
N VAL A 309 15.66 -12.91 11.13
CA VAL A 309 16.58 -13.58 12.04
C VAL A 309 17.26 -12.60 13.00
N ALA A 310 18.00 -11.65 12.43
CA ALA A 310 18.76 -10.67 13.20
C ALA A 310 17.85 -10.09 14.26
N ALA A 311 16.63 -9.69 13.85
CA ALA A 311 15.67 -9.01 14.71
C ALA A 311 15.14 -9.90 15.85
N SER A 312 15.53 -11.18 15.86
CA SER A 312 14.98 -12.12 16.82
C SER A 312 16.09 -12.97 17.43
N ARG A 313 17.33 -12.49 17.29
CA ARG A 313 18.50 -13.30 17.58
C ARG A 313 18.42 -13.85 19.00
N ARG A 314 18.25 -12.97 20.00
CA ARG A 314 18.24 -13.44 21.38
C ARG A 314 17.25 -14.59 21.58
N THR A 315 16.06 -14.45 20.97
CA THR A 315 14.99 -15.42 21.12
C THR A 315 15.39 -16.73 20.45
N LEU A 316 15.94 -16.64 19.24
CA LEU A 316 16.30 -17.84 18.50
C LEU A 316 17.40 -18.58 19.26
N GLU A 317 18.38 -17.81 19.72
CA GLU A 317 19.55 -18.34 20.41
C GLU A 317 19.07 -19.17 21.60
N ALA A 318 18.13 -18.61 22.36
CA ALA A 318 17.62 -19.23 23.57
C ALA A 318 16.86 -20.49 23.21
N PHE A 319 16.12 -20.44 22.11
CA PHE A 319 15.26 -21.56 21.78
C PHE A 319 16.11 -22.80 21.56
N VAL A 320 17.10 -22.71 20.66
CA VAL A 320 17.91 -23.87 20.33
C VAL A 320 18.49 -24.47 21.61
N ARG A 321 19.05 -23.61 22.49
CA ARG A 321 19.56 -24.05 23.77
C ARG A 321 18.53 -24.86 24.54
N HIS A 322 17.37 -24.25 24.83
CA HIS A 322 16.30 -24.88 25.59
C HIS A 322 15.87 -26.20 24.93
N HIS A 323 15.71 -26.16 23.59
CA HIS A 323 15.21 -27.29 22.83
C HIS A 323 16.15 -28.48 23.04
N HIS A 324 17.46 -28.20 22.97
CA HIS A 324 18.45 -29.24 23.16
C HIS A 324 18.49 -29.69 24.63
N ALA A 325 18.54 -28.74 25.58
CA ALA A 325 18.47 -29.07 27.00
C ALA A 325 17.28 -29.99 27.26
N GLN A 326 16.07 -29.56 26.88
CA GLN A 326 14.86 -30.27 27.26
C GLN A 326 14.76 -31.63 26.57
N GLY A 327 15.69 -31.92 25.66
CA GLY A 327 15.91 -33.28 25.17
C GLY A 327 15.27 -33.56 23.82
N LEU A 328 14.99 -32.51 23.02
CA LEU A 328 14.17 -32.61 21.82
C LEU A 328 15.00 -32.40 20.55
N SER A 329 16.22 -31.88 20.70
CA SER A 329 17.17 -31.71 19.61
C SER A 329 18.17 -32.85 19.65
N ALA A 330 18.53 -33.37 18.46
CA ALA A 330 19.61 -34.35 18.29
C ALA A 330 20.87 -33.87 19.03
N ARG A 331 21.53 -32.85 18.47
CA ARG A 331 22.61 -32.08 19.10
C ARG A 331 22.14 -30.64 19.21
N LEU A 332 22.89 -29.77 19.90
CA LEU A 332 22.46 -28.38 20.07
C LEU A 332 22.56 -27.66 18.74
N MET A 333 21.43 -27.20 18.20
CA MET A 333 21.42 -26.61 16.87
C MET A 333 22.00 -25.19 16.89
N ALA A 334 22.52 -24.79 15.73
CA ALA A 334 23.03 -23.45 15.51
C ALA A 334 21.96 -22.62 14.81
N VAL A 335 21.78 -21.38 15.28
CA VAL A 335 20.78 -20.55 14.64
C VAL A 335 20.99 -20.60 13.11
N GLU A 336 22.23 -20.84 12.70
CA GLU A 336 22.65 -20.67 11.32
C GLU A 336 22.08 -21.77 10.44
N GLU A 337 21.58 -22.85 11.04
CA GLU A 337 21.13 -23.99 10.26
C GLU A 337 19.60 -24.15 10.38
N LEU A 338 18.95 -23.16 10.98
CA LEU A 338 17.54 -23.26 11.34
C LEU A 338 16.65 -23.01 10.14
N PHE A 339 17.08 -22.14 9.23
CA PHE A 339 16.21 -21.71 8.15
C PHE A 339 16.90 -21.91 6.79
N HIS A 340 16.14 -21.78 5.71
CA HIS A 340 16.71 -21.85 4.37
C HIS A 340 17.73 -20.74 4.20
N PRO A 341 18.93 -21.05 3.66
CA PRO A 341 20.03 -20.09 3.59
C PRO A 341 19.68 -18.71 3.04
N SER A 342 18.69 -18.64 2.15
CA SER A 342 18.47 -17.40 1.43
C SER A 342 17.69 -16.39 2.27
N THR A 343 17.45 -16.72 3.56
CA THR A 343 16.50 -15.94 4.35
C THR A 343 17.12 -15.34 5.60
N TYR A 344 18.46 -15.25 5.65
CA TYR A 344 19.11 -14.71 6.83
C TYR A 344 19.24 -13.19 6.72
N GLU A 345 18.70 -12.60 5.64
CA GLU A 345 18.84 -11.16 5.42
C GLU A 345 17.94 -10.75 4.26
N THR A 346 17.38 -9.54 4.35
CA THR A 346 16.70 -8.96 3.20
C THR A 346 17.33 -7.61 2.87
N TYR A 347 17.16 -7.19 1.61
CA TYR A 347 17.76 -5.99 1.08
C TYR A 347 17.21 -4.73 1.76
N SER A 348 17.89 -3.60 1.51
CA SER A 348 17.51 -2.29 2.00
C SER A 348 17.96 -1.22 1.00
N ILE A 349 17.36 -0.03 1.10
CA ILE A 349 17.63 1.10 0.23
C ILE A 349 18.34 2.21 1.04
N ASN B 22 -34.80 -16.73 -3.50
CA ASN B 22 -34.95 -15.26 -3.74
C ASN B 22 -34.78 -14.53 -2.41
N LYS B 23 -33.66 -13.80 -2.28
CA LYS B 23 -33.32 -13.02 -1.10
C LYS B 23 -33.21 -11.56 -1.49
N LEU B 24 -32.82 -10.71 -0.54
CA LEU B 24 -32.68 -9.30 -0.82
C LEU B 24 -31.22 -9.01 -1.16
N ARG B 25 -31.02 -8.46 -2.38
CA ARG B 25 -29.71 -8.04 -2.83
C ARG B 25 -29.40 -6.67 -2.22
N LEU B 26 -28.67 -6.66 -1.10
CA LEU B 26 -28.39 -5.42 -0.40
C LEU B 26 -26.89 -5.13 -0.42
N SER B 27 -26.52 -3.85 -0.49
CA SER B 27 -25.14 -3.43 -0.32
C SER B 27 -24.89 -3.18 1.17
N VAL B 28 -23.73 -3.59 1.67
CA VAL B 28 -23.37 -3.41 3.08
C VAL B 28 -21.97 -2.79 3.15
N ALA B 29 -21.86 -1.69 3.92
CA ALA B 29 -20.60 -0.97 4.05
C ALA B 29 -20.21 -0.89 5.52
N MET B 30 -19.07 -1.51 5.86
CA MET B 30 -18.58 -1.56 7.23
C MET B 30 -17.06 -1.45 7.23
N GLY B 31 -16.49 -1.34 8.44
CA GLY B 31 -15.04 -1.31 8.59
C GLY B 31 -14.45 -2.73 8.57
N ASP B 32 -13.11 -2.79 8.50
CA ASP B 32 -12.42 -4.07 8.46
C ASP B 32 -11.89 -4.34 9.85
N TYR B 33 -12.70 -5.03 10.66
CA TYR B 33 -12.38 -5.34 12.05
C TYR B 33 -12.54 -6.84 12.26
N ASP B 34 -12.01 -7.31 13.39
CA ASP B 34 -12.17 -8.71 13.76
C ASP B 34 -13.65 -9.02 13.84
N ARG B 35 -14.40 -8.02 14.30
CA ARG B 35 -15.80 -8.23 14.60
C ARG B 35 -16.66 -8.12 13.33
N THR B 36 -16.04 -7.89 12.17
CA THR B 36 -16.81 -7.88 10.94
C THR B 36 -16.32 -8.94 9.96
N ARG B 37 -15.12 -9.49 10.22
CA ARG B 37 -14.60 -10.52 9.33
C ARG B 37 -15.64 -11.62 9.10
N PRO B 38 -16.27 -12.20 10.14
CA PRO B 38 -17.15 -13.36 9.97
C PRO B 38 -18.38 -13.10 9.11
N LEU B 39 -18.77 -11.81 9.03
CA LEU B 39 -19.77 -11.37 8.08
C LEU B 39 -19.19 -11.39 6.67
N TYR B 40 -18.07 -10.68 6.53
CA TYR B 40 -17.46 -10.45 5.23
C TYR B 40 -17.31 -11.79 4.53
N ASP B 41 -16.74 -12.79 5.23
CA ASP B 41 -16.34 -14.04 4.59
C ASP B 41 -17.41 -15.11 4.67
N GLY B 42 -18.64 -14.75 5.08
CA GLY B 42 -19.77 -15.66 4.96
C GLY B 42 -20.01 -16.53 6.20
N ARG B 43 -19.09 -16.59 7.16
CA ARG B 43 -19.26 -17.44 8.33
C ARG B 43 -20.60 -17.15 9.02
N VAL B 44 -20.95 -15.87 9.09
CA VAL B 44 -22.22 -15.42 9.64
C VAL B 44 -22.99 -14.83 8.46
N GLN B 45 -24.28 -15.17 8.37
CA GLN B 45 -25.09 -14.71 7.25
C GLN B 45 -26.26 -13.87 7.73
N ILE B 46 -26.76 -12.99 6.86
CA ILE B 46 -27.90 -12.17 7.23
C ILE B 46 -29.17 -12.89 6.81
N ASP B 47 -30.12 -13.08 7.73
CA ASP B 47 -31.39 -13.69 7.36
C ASP B 47 -31.92 -13.02 6.10
N GLY B 48 -32.22 -13.82 5.07
CA GLY B 48 -32.97 -13.40 3.90
C GLY B 48 -32.22 -12.39 3.03
N VAL B 49 -30.91 -12.27 3.21
CA VAL B 49 -30.16 -11.26 2.47
C VAL B 49 -29.00 -11.96 1.76
N ASP B 50 -28.63 -11.42 0.59
CA ASP B 50 -27.42 -11.77 -0.14
C ASP B 50 -26.54 -10.53 -0.20
N PRO B 51 -25.64 -10.38 0.80
CA PRO B 51 -24.97 -9.10 1.01
C PRO B 51 -23.83 -8.91 0.00
N VAL B 52 -23.65 -7.68 -0.49
CA VAL B 52 -22.46 -7.28 -1.22
C VAL B 52 -21.70 -6.33 -0.29
N PHE B 53 -20.54 -6.75 0.18
CA PHE B 53 -19.83 -6.00 1.20
C PHE B 53 -18.73 -5.15 0.58
N MET B 54 -18.52 -3.97 1.16
CA MET B 54 -17.46 -3.03 0.82
C MET B 54 -16.85 -2.56 2.15
N LEU B 55 -15.54 -2.77 2.32
CA LEU B 55 -14.86 -2.39 3.54
C LEU B 55 -14.24 -1.00 3.37
N LEU B 56 -14.66 -0.03 4.21
CA LEU B 56 -14.27 1.36 4.05
C LEU B 56 -13.71 1.92 5.34
N ASN B 57 -12.74 2.85 5.22
CA ASN B 57 -12.30 3.63 6.38
C ASN B 57 -13.45 4.55 6.77
N PRO B 58 -13.53 4.97 8.06
CA PRO B 58 -14.69 5.74 8.53
C PRO B 58 -14.94 6.99 7.68
N GLU B 59 -13.89 7.79 7.45
CA GLU B 59 -13.99 9.07 6.74
C GLU B 59 -14.69 8.90 5.38
N GLU B 60 -14.29 7.87 4.62
CA GLU B 60 -14.83 7.71 3.29
C GLU B 60 -16.29 7.29 3.37
N MET B 61 -16.58 6.45 4.36
CA MET B 61 -17.85 5.75 4.46
C MET B 61 -18.91 6.79 4.82
N PHE B 62 -18.61 7.59 5.84
CA PHE B 62 -19.58 8.53 6.36
C PHE B 62 -19.79 9.64 5.36
N PHE B 63 -18.72 10.05 4.69
CA PHE B 63 -18.83 11.08 3.67
C PHE B 63 -19.85 10.64 2.62
N ARG B 64 -19.69 9.41 2.13
CA ARG B 64 -20.51 8.86 1.07
C ARG B 64 -21.92 8.57 1.59
N ALA B 65 -22.04 8.09 2.83
CA ALA B 65 -23.33 7.67 3.38
C ALA B 65 -24.25 8.88 3.55
N MET B 66 -23.65 9.99 4.01
CA MET B 66 -24.42 11.14 4.43
C MET B 66 -24.77 12.02 3.23
N ARG B 67 -23.93 12.01 2.19
CA ARG B 67 -24.00 13.02 1.16
C ARG B 67 -24.45 12.42 -0.18
N SER B 68 -24.59 11.09 -0.25
CA SER B 68 -25.03 10.50 -1.50
C SER B 68 -25.69 9.13 -1.30
N GLN B 69 -25.99 8.75 -0.06
CA GLN B 69 -26.84 7.60 0.24
C GLN B 69 -26.49 6.38 -0.61
N ASP B 70 -25.20 5.98 -0.59
CA ASP B 70 -24.74 4.96 -1.51
C ASP B 70 -25.31 3.59 -1.14
N PHE B 71 -25.45 3.35 0.17
CA PHE B 71 -25.56 1.99 0.69
C PHE B 71 -26.94 1.66 1.22
N ASP B 72 -27.27 0.37 1.22
CA ASP B 72 -28.51 -0.12 1.78
C ASP B 72 -28.39 -0.23 3.30
N ILE B 73 -27.26 -0.83 3.72
CA ILE B 73 -26.87 -0.92 5.12
C ILE B 73 -25.48 -0.33 5.24
N THR B 74 -25.28 0.53 6.24
CA THR B 74 -23.96 1.12 6.47
C THR B 74 -23.70 1.45 7.94
N GLU B 75 -22.46 1.24 8.34
CA GLU B 75 -21.89 1.81 9.54
C GLU B 75 -21.92 3.34 9.38
N ILE B 76 -22.24 4.09 10.45
CA ILE B 76 -22.35 5.55 10.32
C ILE B 76 -21.81 6.25 11.55
N SER B 77 -21.44 7.53 11.38
CA SER B 77 -21.12 8.37 12.52
C SER B 77 -22.34 8.43 13.41
N PHE B 78 -22.17 8.14 14.71
CA PHE B 78 -23.31 8.27 15.61
C PHE B 78 -23.72 9.74 15.61
N SER B 79 -22.73 10.64 15.69
CA SER B 79 -23.06 12.05 15.72
C SER B 79 -23.81 12.45 14.46
N SER B 80 -23.19 12.22 13.30
CA SER B 80 -23.80 12.61 12.04
C SER B 80 -25.23 12.08 11.93
N TYR B 81 -25.39 10.78 12.12
CA TYR B 81 -26.72 10.19 12.09
C TYR B 81 -27.67 11.02 12.96
N LEU B 82 -27.25 11.36 14.20
CA LEU B 82 -28.14 12.05 15.12
C LEU B 82 -28.49 13.43 14.58
N VAL B 83 -27.53 14.12 13.97
CA VAL B 83 -27.80 15.42 13.40
C VAL B 83 -28.98 15.29 12.43
N LYS B 84 -28.85 14.41 11.42
CA LYS B 84 -29.93 14.30 10.44
C LYS B 84 -31.16 13.60 11.03
N HIS B 85 -30.98 12.72 12.01
CA HIS B 85 -32.12 12.02 12.61
C HIS B 85 -32.94 12.97 13.49
N SER B 86 -32.30 13.98 14.09
CA SER B 86 -32.99 14.89 14.98
C SER B 86 -33.91 15.82 14.20
N GLN B 87 -33.70 15.93 12.89
CA GLN B 87 -34.48 16.80 12.02
C GLN B 87 -35.54 16.00 11.26
N ASP B 88 -35.66 14.70 11.60
CA ASP B 88 -36.51 13.72 10.95
C ASP B 88 -36.33 13.74 9.45
N SER B 89 -35.10 13.97 8.99
CA SER B 89 -34.81 13.87 7.56
C SER B 89 -33.43 13.26 7.39
N CYS B 90 -33.28 12.07 7.97
CA CYS B 90 -32.19 11.16 7.66
C CYS B 90 -32.74 10.01 6.81
N PRO B 91 -32.03 9.66 5.71
CA PRO B 91 -32.41 8.52 4.86
C PRO B 91 -32.31 7.15 5.55
N TYR B 92 -31.59 7.10 6.67
CA TYR B 92 -31.34 5.85 7.39
C TYR B 92 -32.06 5.86 8.73
N ILE B 93 -32.34 4.65 9.24
CA ILE B 93 -32.76 4.46 10.61
C ILE B 93 -31.67 3.63 11.29
N GLY B 94 -31.34 3.98 12.52
CA GLY B 94 -30.24 3.31 13.21
C GLY B 94 -30.69 1.99 13.84
N ILE B 95 -29.74 1.06 14.04
CA ILE B 95 -29.91 -0.09 14.91
C ILE B 95 -28.76 -0.08 15.92
N PRO B 96 -28.93 -0.63 17.14
CA PRO B 96 -27.88 -0.55 18.15
C PRO B 96 -26.72 -1.54 17.96
N VAL B 97 -26.11 -1.50 16.76
CA VAL B 97 -24.89 -2.23 16.50
C VAL B 97 -23.74 -1.24 16.56
N PHE B 98 -23.00 -1.27 17.66
CA PHE B 98 -21.96 -0.30 17.93
C PHE B 98 -20.61 -0.85 17.47
N VAL B 99 -20.43 -0.98 16.15
CA VAL B 99 -19.21 -1.55 15.59
C VAL B 99 -17.99 -0.67 15.90
N SER B 100 -18.23 0.54 16.45
CA SER B 100 -17.10 1.35 16.89
C SER B 100 -17.30 1.93 18.29
N ARG B 101 -16.48 1.46 19.23
CA ARG B 101 -16.46 2.00 20.58
C ARG B 101 -15.00 2.22 20.95
N ALA B 102 -14.75 3.16 21.87
CA ALA B 102 -13.41 3.49 22.32
C ALA B 102 -13.46 4.72 23.23
N PHE B 103 -12.59 4.76 24.23
CA PHE B 103 -12.44 5.97 25.02
C PHE B 103 -11.66 6.96 24.18
N ARG B 104 -12.01 8.24 24.30
CA ARG B 104 -11.37 9.23 23.46
C ARG B 104 -10.61 10.22 24.33
N HIS B 105 -10.06 9.71 25.44
CA HIS B 105 -9.10 10.48 26.21
C HIS B 105 -7.86 10.66 25.35
N THR B 106 -7.57 9.65 24.53
CA THR B 106 -6.40 9.63 23.67
C THR B 106 -6.60 10.62 22.52
N SER B 107 -7.76 11.28 22.52
CA SER B 107 -8.18 11.99 21.33
C SER B 107 -7.64 13.41 21.33
N ILE B 108 -7.19 13.85 22.51
CA ILE B 108 -6.77 15.23 22.70
C ILE B 108 -5.24 15.30 22.77
N TYR B 109 -4.66 15.90 21.73
CA TYR B 109 -3.26 16.27 21.66
C TYR B 109 -3.14 17.77 21.95
N VAL B 110 -2.10 18.14 22.71
CA VAL B 110 -1.84 19.52 23.06
C VAL B 110 -0.34 19.79 22.93
N ARG B 111 0.04 21.07 22.96
CA ARG B 111 1.43 21.43 23.10
C ARG B 111 1.79 21.44 24.58
N LYS B 112 2.48 20.38 25.03
CA LYS B 112 2.76 20.12 26.43
C LYS B 112 3.57 21.27 27.01
N ASP B 113 4.25 22.04 26.14
CA ASP B 113 5.09 23.15 26.55
C ASP B 113 4.22 24.35 26.98
N ARG B 114 2.93 24.32 26.65
CA ARG B 114 1.99 25.40 26.95
C ARG B 114 0.95 24.94 27.98
N ILE B 115 0.32 23.78 27.71
CA ILE B 115 -0.75 23.27 28.56
C ILE B 115 -0.19 22.26 29.57
N GLN B 116 -0.11 22.70 30.83
CA GLN B 116 0.38 21.86 31.91
C GLN B 116 -0.73 20.92 32.38
N ARG B 117 -1.95 21.46 32.48
CA ARG B 117 -3.11 20.66 32.87
C ARG B 117 -4.32 21.14 32.06
N PRO B 118 -5.37 20.29 31.88
CA PRO B 118 -6.50 20.61 31.02
C PRO B 118 -7.12 22.02 31.14
N GLU B 119 -7.19 22.55 32.36
CA GLU B 119 -7.87 23.82 32.60
C GLU B 119 -7.21 24.97 31.87
N ASP B 120 -5.96 24.78 31.40
CA ASP B 120 -5.19 25.82 30.71
C ASP B 120 -5.78 26.13 29.32
N LEU B 121 -6.66 25.25 28.83
CA LEU B 121 -7.20 25.35 27.48
C LEU B 121 -8.27 26.44 27.37
N LYS B 122 -8.73 26.98 28.51
CA LYS B 122 -9.67 28.10 28.48
C LYS B 122 -9.08 29.20 27.60
N GLY B 123 -9.86 29.62 26.59
CA GLY B 123 -9.54 30.76 25.75
C GLY B 123 -8.35 30.52 24.81
N LYS B 124 -8.03 29.26 24.53
CA LYS B 124 -6.96 28.93 23.59
C LYS B 124 -7.57 28.54 22.24
N ARG B 125 -6.68 28.23 21.29
CA ARG B 125 -7.07 27.81 19.96
C ARG B 125 -6.88 26.30 19.85
N ILE B 126 -8.00 25.56 19.70
CA ILE B 126 -8.01 24.10 19.50
C ILE B 126 -8.40 23.86 18.04
N GLY B 127 -7.76 22.89 17.40
CA GLY B 127 -8.08 22.56 16.03
C GLY B 127 -8.79 21.22 15.92
N LEU B 128 -9.74 21.10 14.98
CA LEU B 128 -10.41 19.84 14.71
C LEU B 128 -10.70 19.72 13.22
N PRO B 129 -10.87 18.50 12.67
CA PRO B 129 -11.14 18.33 11.24
C PRO B 129 -12.53 18.78 10.85
N GLU B 130 -13.53 18.43 11.66
CA GLU B 130 -14.88 18.94 11.54
C GLU B 130 -15.42 18.95 12.98
N TYR B 131 -16.39 19.85 13.21
CA TYR B 131 -16.91 20.08 14.55
C TYR B 131 -17.77 18.89 14.97
N GLN B 132 -18.51 18.29 14.00
CA GLN B 132 -19.60 17.41 14.37
C GLN B 132 -19.13 16.00 14.69
N LEU B 133 -17.82 15.71 14.57
CA LEU B 133 -17.28 14.36 14.62
C LEU B 133 -17.54 13.62 15.94
N THR B 134 -17.86 12.33 15.85
CA THR B 134 -18.34 11.63 17.03
C THR B 134 -17.36 11.73 18.19
N ALA B 135 -16.06 11.53 17.91
CA ALA B 135 -15.05 11.54 18.97
C ALA B 135 -14.97 12.93 19.61
N ASN B 136 -15.01 13.97 18.75
CA ASN B 136 -14.99 15.35 19.19
C ASN B 136 -16.11 15.65 20.20
N VAL B 137 -17.27 15.02 20.02
CA VAL B 137 -18.36 15.24 20.94
C VAL B 137 -17.97 14.68 22.30
N TRP B 138 -17.52 13.41 22.34
CA TRP B 138 -17.07 12.83 23.60
C TRP B 138 -15.95 13.68 24.23
N ALA B 139 -15.03 14.18 23.39
CA ALA B 139 -13.87 14.91 23.88
C ALA B 139 -14.28 16.24 24.54
N ARG B 140 -15.17 17.01 23.88
CA ARG B 140 -15.60 18.31 24.39
C ARG B 140 -16.39 18.11 25.68
N ALA B 141 -17.06 16.96 25.78
CA ALA B 141 -17.83 16.61 26.96
C ALA B 141 -16.90 16.41 28.15
N ILE B 142 -15.74 15.79 27.91
CA ILE B 142 -14.79 15.56 28.98
C ILE B 142 -14.27 16.90 29.48
N LEU B 143 -13.93 17.79 28.53
CA LEU B 143 -13.32 19.06 28.87
C LEU B 143 -14.30 19.95 29.63
N GLU B 144 -15.59 19.89 29.26
CA GLU B 144 -16.66 20.55 30.00
C GLU B 144 -16.83 19.87 31.36
N ALA B 145 -17.29 18.61 31.35
CA ALA B 145 -17.73 17.92 32.56
C ALA B 145 -16.64 17.86 33.62
N ASP B 146 -15.37 18.04 33.26
CA ASP B 146 -14.30 17.67 34.16
C ASP B 146 -13.27 18.78 34.36
N HIS B 147 -13.36 19.87 33.59
CA HIS B 147 -12.33 20.90 33.63
C HIS B 147 -12.94 22.29 33.41
N GLY B 148 -14.23 22.31 33.09
CA GLY B 148 -15.00 23.55 32.94
C GLY B 148 -14.64 24.26 31.65
N VAL B 149 -14.09 23.52 30.68
CA VAL B 149 -13.74 24.09 29.40
C VAL B 149 -14.89 23.80 28.45
N ARG B 150 -15.76 24.79 28.30
CA ARG B 150 -16.99 24.64 27.53
C ARG B 150 -16.68 25.03 26.10
N PRO B 151 -17.29 24.35 25.11
CA PRO B 151 -17.24 24.79 23.71
C PRO B 151 -17.07 26.28 23.44
N CYS B 152 -17.81 27.11 24.18
CA CYS B 152 -17.84 28.55 23.93
C CYS B 152 -16.58 29.25 24.45
N ASP B 153 -15.80 28.55 25.29
CA ASP B 153 -14.60 29.09 25.90
C ASP B 153 -13.38 28.90 24.99
N VAL B 154 -13.61 28.50 23.73
CA VAL B 154 -12.51 28.01 22.93
C VAL B 154 -12.59 28.65 21.55
N HIS B 155 -11.42 29.04 21.02
CA HIS B 155 -11.33 29.42 19.62
C HIS B 155 -11.11 28.13 18.83
N TRP B 156 -12.14 27.68 18.11
CA TRP B 156 -12.07 26.46 17.31
C TRP B 156 -11.50 26.78 15.93
N VAL B 157 -10.65 25.86 15.44
CA VAL B 157 -10.07 25.98 14.12
C VAL B 157 -10.29 24.67 13.35
N ARG B 158 -10.94 24.75 12.19
CA ARG B 158 -11.33 23.57 11.45
C ARG B 158 -10.53 23.49 10.15
N GLY B 159 -9.91 22.33 9.96
CA GLY B 159 -9.15 21.98 8.77
C GLY B 159 -8.77 20.50 8.85
N GLY B 160 -8.43 19.89 7.72
CA GLY B 160 -8.04 18.49 7.72
C GLY B 160 -6.80 18.15 8.57
N ILE B 161 -6.64 16.85 8.88
CA ILE B 161 -5.48 16.33 9.60
C ILE B 161 -4.36 15.99 8.61
N GLU B 162 -4.73 15.32 7.51
CA GLU B 162 -3.80 14.83 6.48
C GLU B 162 -3.88 15.70 5.23
N THR B 163 -5.08 16.10 4.80
CA THR B 163 -5.29 17.03 3.68
C THR B 163 -5.90 18.34 4.18
N ALA B 164 -5.48 19.48 3.64
CA ALA B 164 -5.91 20.77 4.15
C ALA B 164 -7.42 20.99 4.00
N ALA B 165 -8.02 20.62 2.85
CA ALA B 165 -9.42 20.99 2.58
C ALA B 165 -10.40 19.88 3.00
N ARG B 166 -11.26 20.16 4.00
CA ARG B 166 -12.20 19.16 4.53
C ARG B 166 -13.53 19.81 4.96
N PRO B 167 -14.64 19.54 4.24
CA PRO B 167 -15.94 20.11 4.58
C PRO B 167 -16.58 19.54 5.84
N GLU B 168 -17.41 20.33 6.51
CA GLU B 168 -18.42 19.80 7.41
C GLU B 168 -19.39 18.94 6.58
N LYS B 169 -19.55 17.66 6.96
CA LYS B 169 -20.32 16.67 6.20
C LYS B 169 -21.76 17.13 5.91
N ILE B 170 -22.42 17.69 6.92
CA ILE B 170 -23.78 18.19 6.80
C ILE B 170 -23.76 19.62 7.35
N LYS B 171 -24.72 20.46 6.92
CA LYS B 171 -24.86 21.80 7.44
C LYS B 171 -25.18 21.71 8.93
N LEU B 172 -24.66 22.68 9.70
CA LEU B 172 -24.98 22.81 11.11
C LEU B 172 -25.56 24.19 11.35
N ALA B 173 -26.50 24.24 12.30
CA ALA B 173 -26.93 25.52 12.88
C ALA B 173 -26.38 25.58 14.31
N LEU B 174 -25.09 25.97 14.41
CA LEU B 174 -24.42 26.05 15.69
C LEU B 174 -24.83 27.32 16.42
N PRO B 175 -25.15 27.26 17.74
CA PRO B 175 -25.41 28.49 18.51
C PRO B 175 -24.21 29.44 18.41
N SER B 176 -24.47 30.75 18.49
CA SER B 176 -23.47 31.72 18.09
C SER B 176 -22.46 32.00 19.20
N ASP B 177 -22.51 31.23 20.30
CA ASP B 177 -21.50 31.34 21.35
C ASP B 177 -20.25 30.52 20.97
N ILE B 178 -20.37 29.70 19.92
CA ILE B 178 -19.32 28.82 19.42
C ILE B 178 -18.56 29.57 18.33
N HIS B 179 -17.36 30.07 18.66
CA HIS B 179 -16.53 30.78 17.69
C HIS B 179 -15.69 29.74 16.94
N ILE B 180 -15.74 29.72 15.60
CA ILE B 180 -15.12 28.65 14.83
C ILE B 180 -14.75 29.11 13.42
N GLU B 181 -13.45 29.06 13.10
CA GLU B 181 -12.97 29.53 11.82
C GLU B 181 -12.10 28.48 11.14
N ASN B 182 -12.15 28.48 9.79
CA ASN B 182 -11.29 27.72 8.91
C ASN B 182 -9.82 27.92 9.24
N ALA B 183 -9.01 26.91 8.92
CA ALA B 183 -7.57 26.96 9.08
C ALA B 183 -7.01 27.88 8.01
N PRO B 184 -5.84 28.53 8.22
CA PRO B 184 -5.11 29.19 7.14
C PRO B 184 -5.05 28.26 5.93
N GLU B 185 -5.45 28.78 4.77
CA GLU B 185 -5.65 27.95 3.60
C GLU B 185 -4.37 27.18 3.26
N GLY B 186 -4.54 25.89 2.94
CA GLY B 186 -3.44 25.04 2.51
C GLY B 186 -2.76 24.33 3.68
N GLU B 187 -3.08 24.74 4.92
CA GLU B 187 -2.40 24.22 6.09
C GLU B 187 -3.31 23.27 6.84
N THR B 188 -2.78 22.10 7.22
CA THR B 188 -3.53 21.17 8.03
C THR B 188 -3.45 21.57 9.50
N ILE B 189 -4.40 21.05 10.29
CA ILE B 189 -4.43 21.16 11.74
C ILE B 189 -3.10 20.66 12.29
N SER B 190 -2.64 19.54 11.72
CA SER B 190 -1.41 18.88 12.12
C SER B 190 -0.26 19.87 12.03
N ALA B 191 -0.16 20.55 10.88
CA ALA B 191 0.85 21.59 10.67
C ALA B 191 0.67 22.70 11.70
N LEU B 192 -0.57 23.18 11.86
CA LEU B 192 -0.88 24.33 12.70
C LEU B 192 -0.48 24.07 14.15
N LEU B 193 -0.56 22.80 14.56
CA LEU B 193 -0.16 22.40 15.91
C LEU B 193 1.37 22.36 15.97
N ASP B 194 1.99 21.89 14.88
CA ASP B 194 3.43 21.75 14.76
C ASP B 194 4.09 23.12 14.93
N ARG B 195 3.50 24.14 14.30
CA ARG B 195 4.01 25.50 14.34
C ARG B 195 3.53 26.19 15.61
N GLY B 196 2.51 25.61 16.25
CA GLY B 196 1.94 26.15 17.47
C GLY B 196 1.14 27.43 17.21
N ASP B 197 0.41 27.49 16.09
CA ASP B 197 -0.62 28.47 15.84
C ASP B 197 -1.87 28.11 16.64
N ILE B 198 -1.98 26.82 16.99
CA ILE B 198 -3.00 26.30 17.88
C ILE B 198 -2.31 25.61 19.07
N ASP B 199 -3.00 25.61 20.21
CA ASP B 199 -2.43 25.05 21.43
C ASP B 199 -2.90 23.60 21.61
N GLY B 200 -3.96 23.22 20.89
CA GLY B 200 -4.61 21.94 21.09
C GLY B 200 -5.22 21.38 19.80
N PHE B 201 -5.56 20.09 19.83
CA PHE B 201 -6.00 19.34 18.67
C PHE B 201 -6.94 18.27 19.19
N ILE B 202 -8.11 18.11 18.56
CA ILE B 202 -8.92 16.91 18.78
C ILE B 202 -9.44 16.33 17.47
N GLY B 203 -9.49 14.99 17.43
CA GLY B 203 -9.98 14.26 16.27
C GLY B 203 -9.89 12.74 16.47
N PRO B 204 -10.53 11.93 15.59
CA PRO B 204 -10.48 10.47 15.72
C PRO B 204 -9.11 9.86 15.46
N ARG B 205 -8.24 10.62 14.80
CA ARG B 205 -6.87 10.19 14.54
C ARG B 205 -5.91 11.14 15.24
N PRO B 206 -4.69 10.68 15.59
CA PRO B 206 -3.66 11.59 16.08
C PRO B 206 -3.26 12.50 14.92
N PRO B 207 -2.50 13.60 15.20
CA PRO B 207 -1.98 14.47 14.14
C PRO B 207 -1.03 13.70 13.23
N ALA B 208 -0.74 14.23 12.03
CA ALA B 208 0.15 13.60 11.05
C ALA B 208 1.55 13.40 11.64
N SER B 209 2.30 12.42 11.09
CA SER B 209 3.52 11.94 11.73
C SER B 209 4.58 13.03 11.80
N THR B 210 4.73 13.81 10.71
CA THR B 210 5.65 14.94 10.66
C THR B 210 5.42 15.83 11.89
N ALA B 211 4.15 16.13 12.18
CA ALA B 211 3.77 16.85 13.37
C ALA B 211 4.18 16.07 14.61
N LEU B 212 3.86 14.77 14.63
CA LEU B 212 4.03 13.93 15.81
C LEU B 212 5.47 13.95 16.30
N ARG B 213 6.41 14.21 15.37
CA ARG B 213 7.85 14.18 15.65
C ARG B 213 8.27 15.38 16.50
N ASN B 214 7.40 16.39 16.54
CA ASN B 214 7.62 17.53 17.42
C ASN B 214 7.63 17.05 18.87
N PRO B 215 8.75 17.21 19.61
CA PRO B 215 8.82 16.72 20.99
C PRO B 215 7.84 17.39 21.94
N ASN B 216 7.20 18.47 21.48
CA ASN B 216 6.36 19.29 22.35
C ASN B 216 4.89 18.88 22.24
N ILE B 217 4.61 17.95 21.31
CA ILE B 217 3.25 17.46 21.15
C ILE B 217 3.12 16.09 21.82
N GLY B 218 1.96 15.84 22.45
CA GLY B 218 1.58 14.55 22.99
C GLY B 218 0.21 14.63 23.65
N TRP B 219 -0.24 13.54 24.27
CA TRP B 219 -1.56 13.53 24.88
C TRP B 219 -1.66 14.57 25.99
N LEU B 220 -2.83 15.21 26.07
CA LEU B 220 -3.16 16.05 27.21
C LEU B 220 -3.02 15.21 28.47
N TYR B 221 -3.66 14.04 28.47
CA TYR B 221 -3.64 13.14 29.61
C TYR B 221 -2.32 12.36 29.62
N ASP B 222 -1.59 12.46 30.72
CA ASP B 222 -0.33 11.75 30.89
C ASP B 222 -0.61 10.25 31.00
N ASP B 223 -1.75 9.90 31.59
CA ASP B 223 -2.11 8.48 31.68
C ASP B 223 -3.55 8.30 31.24
N PRO B 224 -3.82 8.33 29.92
CA PRO B 224 -5.19 8.21 29.40
C PRO B 224 -5.92 6.97 29.90
N THR B 225 -5.22 5.83 29.95
CA THR B 225 -5.88 4.62 30.37
C THR B 225 -6.42 4.83 31.77
N ALA B 226 -5.59 5.43 32.65
CA ALA B 226 -5.98 5.58 34.04
C ALA B 226 -7.22 6.47 34.15
N ALA B 227 -7.21 7.58 33.40
CA ALA B 227 -8.24 8.60 33.49
C ALA B 227 -9.57 8.04 32.99
N ALA B 228 -9.46 7.19 31.96
CA ALA B 228 -10.64 6.63 31.31
C ALA B 228 -11.29 5.58 32.20
N LYS B 229 -10.48 4.86 32.98
CA LYS B 229 -11.00 3.81 33.84
C LYS B 229 -11.73 4.42 35.03
N ASP B 230 -11.21 5.57 35.47
CA ASP B 230 -11.86 6.39 36.49
C ASP B 230 -13.18 6.92 35.92
N TYR B 231 -13.12 7.58 34.76
CA TYR B 231 -14.27 8.06 34.01
C TYR B 231 -15.34 6.97 33.98
N TYR B 232 -14.94 5.75 33.56
CA TYR B 232 -15.86 4.64 33.40
C TYR B 232 -16.45 4.22 34.75
N ARG B 233 -15.62 4.22 35.82
CA ARG B 233 -16.13 3.90 37.14
C ARG B 233 -17.19 4.94 37.50
N ARG B 234 -16.91 6.21 37.18
CA ARG B 234 -17.76 7.31 37.59
C ARG B 234 -19.06 7.32 36.77
N THR B 235 -18.99 7.01 35.48
CA THR B 235 -20.14 7.30 34.63
C THR B 235 -20.79 6.06 34.04
N GLY B 236 -20.00 4.98 33.89
CA GLY B 236 -20.49 3.75 33.26
C GLY B 236 -20.58 3.91 31.74
N ILE B 237 -19.83 4.87 31.19
CA ILE B 237 -19.89 5.23 29.79
C ILE B 237 -18.72 4.61 29.04
N PHE B 238 -19.03 3.73 28.09
CA PHE B 238 -18.03 3.32 27.11
C PHE B 238 -18.41 3.95 25.78
N PRO B 239 -17.80 5.10 25.43
CA PRO B 239 -18.24 5.92 24.30
C PRO B 239 -18.47 5.10 23.04
N ILE B 240 -19.52 5.47 22.31
CA ILE B 240 -19.86 4.85 21.05
C ILE B 240 -19.50 5.84 19.96
N MET B 241 -18.86 5.35 18.90
CA MET B 241 -18.45 6.21 17.80
C MET B 241 -19.43 6.00 16.65
N HIS B 242 -19.66 4.72 16.29
CA HIS B 242 -20.37 4.34 15.09
C HIS B 242 -21.57 3.46 15.45
N ILE B 243 -22.70 3.69 14.76
CA ILE B 243 -23.78 2.71 14.80
C ILE B 243 -23.90 2.09 13.40
N VAL B 244 -24.97 1.32 13.18
CA VAL B 244 -25.25 0.84 11.85
C VAL B 244 -26.64 1.33 11.45
N GLY B 245 -26.86 1.44 10.12
CA GLY B 245 -28.07 2.07 9.60
C GLY B 245 -28.64 1.37 8.38
N ILE B 246 -29.95 1.50 8.21
CA ILE B 246 -30.62 0.87 7.08
C ILE B 246 -31.47 1.96 6.46
N ARG B 247 -31.58 1.97 5.12
CA ARG B 247 -32.48 2.90 4.45
C ARG B 247 -33.88 2.76 5.04
N LYS B 248 -34.54 3.91 5.25
CA LYS B 248 -35.86 3.97 5.86
C LYS B 248 -36.84 3.08 5.09
N GLU B 249 -36.94 3.27 3.77
CA GLU B 249 -37.86 2.52 2.92
C GLU B 249 -37.71 1.03 3.19
N LEU B 250 -36.46 0.59 3.34
CA LEU B 250 -36.15 -0.82 3.44
C LEU B 250 -36.76 -1.40 4.72
N ALA B 251 -36.60 -0.66 5.83
CA ALA B 251 -37.04 -1.06 7.15
C ALA B 251 -38.57 -1.12 7.21
N ALA B 252 -39.22 -0.22 6.47
CA ALA B 252 -40.66 -0.15 6.37
C ALA B 252 -41.18 -1.34 5.56
N GLN B 253 -40.52 -1.65 4.45
CA GLN B 253 -40.97 -2.70 3.55
C GLN B 253 -40.68 -4.07 4.14
N HIS B 254 -39.63 -4.16 4.97
CA HIS B 254 -39.17 -5.45 5.48
C HIS B 254 -39.00 -5.35 6.99
N PRO B 255 -40.10 -5.39 7.78
CA PRO B 255 -40.04 -5.15 9.23
C PRO B 255 -39.16 -6.11 10.03
N TRP B 256 -38.62 -7.13 9.35
CA TRP B 256 -37.77 -8.13 9.97
C TRP B 256 -36.29 -7.82 9.73
N LEU B 257 -36.03 -6.90 8.79
CA LEU B 257 -34.68 -6.65 8.29
C LEU B 257 -33.82 -5.96 9.34
N PRO B 258 -34.34 -4.93 10.05
CA PRO B 258 -33.62 -4.40 11.20
C PRO B 258 -33.17 -5.52 12.13
N SER B 259 -34.10 -6.34 12.60
CA SER B 259 -33.75 -7.35 13.59
C SER B 259 -32.71 -8.31 13.01
N ALA B 260 -32.84 -8.67 11.72
CA ALA B 260 -31.96 -9.65 11.11
C ALA B 260 -30.51 -9.15 11.11
N VAL B 261 -30.36 -7.87 10.73
CA VAL B 261 -29.06 -7.23 10.66
C VAL B 261 -28.47 -7.16 12.06
N PHE B 262 -29.27 -6.74 13.04
CA PHE B 262 -28.81 -6.64 14.42
C PHE B 262 -28.18 -7.96 14.87
N LYS B 263 -28.83 -9.08 14.51
CA LYS B 263 -28.40 -10.41 14.92
C LYS B 263 -27.05 -10.74 14.28
N ALA B 264 -26.98 -10.60 12.95
CA ALA B 264 -25.78 -10.99 12.24
C ALA B 264 -24.55 -10.29 12.86
N PHE B 265 -24.63 -8.96 13.03
CA PHE B 265 -23.46 -8.24 13.49
C PHE B 265 -23.08 -8.77 14.87
N SER B 266 -24.12 -9.03 15.67
CA SER B 266 -24.04 -9.59 17.01
C SER B 266 -23.28 -10.93 16.97
N GLN B 267 -23.64 -11.79 16.03
CA GLN B 267 -23.03 -13.11 15.95
C GLN B 267 -21.57 -12.97 15.55
N ALA B 268 -21.30 -12.10 14.57
CA ALA B 268 -19.96 -11.85 14.07
C ALA B 268 -19.05 -11.42 15.21
N LYS B 269 -19.54 -10.53 16.10
CA LYS B 269 -18.77 -10.09 17.24
C LYS B 269 -18.52 -11.26 18.19
N GLN B 270 -19.55 -12.06 18.46
CA GLN B 270 -19.38 -13.24 19.29
C GLN B 270 -18.33 -14.19 18.66
N ALA B 271 -18.43 -14.43 17.36
CA ALA B 271 -17.50 -15.30 16.66
C ALA B 271 -16.07 -14.81 16.85
N ALA B 272 -15.87 -13.51 16.64
CA ALA B 272 -14.54 -12.90 16.71
C ALA B 272 -14.01 -12.97 18.14
N LEU B 273 -14.86 -12.64 19.12
CA LEU B 273 -14.48 -12.76 20.52
C LEU B 273 -14.10 -14.21 20.85
N ASP B 274 -14.83 -15.19 20.29
CA ASP B 274 -14.58 -16.60 20.58
C ASP B 274 -13.15 -16.94 20.17
N LEU B 275 -12.77 -16.46 18.96
CA LEU B 275 -11.45 -16.67 18.38
C LEU B 275 -10.40 -15.91 19.21
N LEU B 276 -10.72 -14.68 19.61
CA LEU B 276 -9.74 -13.80 20.23
C LEU B 276 -9.34 -14.29 21.61
N GLU B 277 -10.28 -14.91 22.32
CA GLU B 277 -10.07 -15.37 23.69
C GLU B 277 -9.16 -16.60 23.69
N ASP B 278 -9.06 -17.28 22.54
CA ASP B 278 -8.30 -18.49 22.49
C ASP B 278 -6.81 -18.16 22.32
N THR B 279 -5.98 -18.79 23.15
CA THR B 279 -4.59 -18.43 23.29
C THR B 279 -3.68 -19.42 22.55
N SER B 280 -4.28 -20.26 21.68
CA SER B 280 -3.47 -21.12 20.84
C SER B 280 -2.45 -20.31 20.05
N ALA B 281 -2.85 -19.08 19.74
CA ALA B 281 -2.11 -18.11 18.95
C ALA B 281 -2.93 -16.81 19.03
N THR B 282 -2.29 -15.68 19.35
CA THR B 282 -3.09 -14.48 19.55
C THR B 282 -3.44 -13.90 18.18
N LYS B 283 -4.72 -13.58 17.97
CA LYS B 283 -5.27 -13.21 16.68
C LYS B 283 -4.98 -11.75 16.35
N VAL B 284 -4.63 -10.92 17.36
CA VAL B 284 -4.16 -9.58 17.06
C VAL B 284 -2.65 -9.56 17.22
N THR B 285 -2.00 -8.64 16.52
CA THR B 285 -0.57 -8.48 16.73
C THR B 285 -0.36 -7.56 17.93
N LEU B 286 -0.64 -8.09 19.13
CA LEU B 286 -0.20 -7.46 20.37
C LEU B 286 0.41 -8.51 21.30
N PRO B 287 1.26 -8.11 22.26
CA PRO B 287 1.56 -8.96 23.41
C PRO B 287 0.40 -8.96 24.40
N PHE B 288 0.44 -9.88 25.37
CA PHE B 288 -0.38 -9.84 26.59
C PHE B 288 -1.89 -9.81 26.34
N VAL B 289 -2.38 -10.38 25.23
CA VAL B 289 -3.81 -10.33 24.94
C VAL B 289 -4.64 -11.01 26.04
N GLU B 290 -4.23 -12.19 26.50
CA GLU B 290 -4.93 -12.90 27.56
C GLU B 290 -5.21 -11.95 28.72
N GLU B 291 -4.17 -11.20 29.12
CA GLU B 291 -4.19 -10.37 30.30
C GLU B 291 -5.15 -9.22 30.04
N GLN B 292 -5.08 -8.67 28.83
CA GLN B 292 -5.88 -7.54 28.39
C GLN B 292 -7.37 -7.87 28.49
N ILE B 293 -7.74 -9.02 27.90
CA ILE B 293 -9.12 -9.45 27.85
C ILE B 293 -9.65 -9.48 29.27
N ARG B 294 -8.87 -10.07 30.19
CA ARG B 294 -9.27 -10.31 31.56
C ARG B 294 -9.43 -8.99 32.29
N ALA B 295 -8.54 -8.04 32.00
CA ALA B 295 -8.59 -6.73 32.61
C ALA B 295 -9.81 -5.97 32.09
N ALA B 296 -10.03 -6.06 30.77
CA ALA B 296 -11.15 -5.40 30.13
C ALA B 296 -12.46 -5.89 30.71
N LYS B 297 -12.62 -7.22 30.84
CA LYS B 297 -13.82 -7.85 31.39
C LYS B 297 -14.02 -7.41 32.83
N SER B 298 -12.92 -7.16 33.53
CA SER B 298 -12.97 -6.76 34.92
C SER B 298 -13.53 -5.36 35.07
N THR B 299 -13.02 -4.42 34.26
CA THR B 299 -13.40 -3.02 34.36
C THR B 299 -14.75 -2.76 33.71
N LEU B 300 -15.02 -3.39 32.56
CA LEU B 300 -16.15 -3.03 31.72
C LEU B 300 -17.30 -4.00 31.88
N GLY B 301 -17.04 -5.25 32.30
CA GLY B 301 -18.05 -6.29 32.40
C GLY B 301 -17.82 -7.36 31.32
N ASP B 302 -18.41 -8.54 31.51
CA ASP B 302 -18.15 -9.68 30.64
C ASP B 302 -18.34 -9.32 29.17
N ASP B 303 -19.39 -8.54 28.90
CA ASP B 303 -19.71 -8.14 27.56
C ASP B 303 -19.10 -6.77 27.33
N TYR B 304 -17.76 -6.69 27.31
CA TYR B 304 -17.07 -5.42 27.44
C TYR B 304 -17.33 -4.53 26.23
N TRP B 305 -17.54 -5.16 25.07
CA TRP B 305 -17.92 -4.40 23.89
C TRP B 305 -19.35 -4.74 23.50
N PRO B 306 -20.38 -4.26 24.25
CA PRO B 306 -21.75 -4.68 24.03
C PRO B 306 -22.36 -3.98 22.83
N TYR B 307 -23.09 -4.76 22.01
CA TYR B 307 -24.15 -4.22 21.17
C TYR B 307 -25.42 -4.24 22.04
N GLY B 308 -26.49 -3.58 21.57
CA GLY B 308 -27.79 -3.64 22.24
C GLY B 308 -28.03 -2.49 23.24
N VAL B 309 -29.29 -2.10 23.42
CA VAL B 309 -29.63 -0.84 24.04
C VAL B 309 -29.45 -0.91 25.56
N ALA B 310 -30.17 -1.82 26.22
CA ALA B 310 -30.15 -1.97 27.67
C ALA B 310 -28.70 -1.94 28.14
N ALA B 311 -27.85 -2.77 27.49
CA ALA B 311 -26.45 -2.94 27.87
C ALA B 311 -25.59 -1.68 27.66
N SER B 312 -26.19 -0.62 27.09
CA SER B 312 -25.44 0.57 26.75
C SER B 312 -26.15 1.81 27.27
N ARG B 313 -27.12 1.63 28.18
CA ARG B 313 -28.05 2.70 28.50
C ARG B 313 -27.32 3.97 28.93
N ARG B 314 -26.48 3.85 29.95
CA ARG B 314 -25.74 5.01 30.45
C ARG B 314 -25.03 5.75 29.32
N THR B 315 -24.41 5.01 28.40
CA THR B 315 -23.66 5.59 27.30
C THR B 315 -24.61 6.34 26.34
N LEU B 316 -25.73 5.69 26.03
CA LEU B 316 -26.68 6.27 25.09
C LEU B 316 -27.25 7.55 25.68
N GLU B 317 -27.61 7.44 26.95
CA GLU B 317 -28.24 8.52 27.70
C GLU B 317 -27.34 9.77 27.62
N ALA B 318 -26.04 9.55 27.86
CA ALA B 318 -25.08 10.65 27.93
C ALA B 318 -24.89 11.23 26.55
N PHE B 319 -24.92 10.37 25.53
CA PHE B 319 -24.63 10.86 24.20
C PHE B 319 -25.65 11.92 23.82
N VAL B 320 -26.95 11.55 23.90
CA VAL B 320 -27.99 12.46 23.46
C VAL B 320 -27.85 13.78 24.18
N ARG B 321 -27.64 13.74 25.49
CA ARG B 321 -27.41 14.94 26.30
C ARG B 321 -26.33 15.82 25.69
N HIS B 322 -25.11 15.25 25.58
CA HIS B 322 -23.96 16.00 25.08
C HIS B 322 -24.26 16.53 23.68
N HIS B 323 -24.85 15.68 22.84
CA HIS B 323 -25.11 16.02 21.45
C HIS B 323 -25.99 17.26 21.38
N HIS B 324 -27.03 17.28 22.21
CA HIS B 324 -27.96 18.39 22.25
C HIS B 324 -27.29 19.61 22.86
N ALA B 325 -26.62 19.46 24.00
CA ALA B 325 -25.83 20.53 24.59
C ALA B 325 -24.91 21.15 23.55
N GLN B 326 -24.05 20.36 22.90
CA GLN B 326 -23.02 20.87 22.00
C GLN B 326 -23.61 21.58 20.78
N GLY B 327 -24.94 21.44 20.59
CA GLY B 327 -25.69 22.22 19.63
C GLY B 327 -25.90 21.51 18.29
N LEU B 328 -25.91 20.17 18.32
CA LEU B 328 -25.92 19.34 17.12
C LEU B 328 -27.26 18.62 16.97
N SER B 329 -28.07 18.57 18.04
CA SER B 329 -29.43 18.04 17.99
C SER B 329 -30.40 19.19 17.80
N ALA B 330 -31.32 19.09 16.80
CA ALA B 330 -32.29 20.12 16.46
C ALA B 330 -33.50 20.02 17.40
N ARG B 331 -33.81 18.80 17.85
CA ARG B 331 -34.82 18.53 18.83
C ARG B 331 -34.14 17.81 19.99
N LEU B 332 -34.77 17.83 21.17
CA LEU B 332 -34.47 16.89 22.26
C LEU B 332 -34.60 15.47 21.76
N MET B 333 -33.52 14.68 21.82
CA MET B 333 -33.69 13.25 21.50
C MET B 333 -33.84 12.37 22.75
N ALA B 334 -34.80 11.43 22.65
CA ALA B 334 -35.00 10.41 23.66
C ALA B 334 -34.33 9.12 23.20
N VAL B 335 -33.62 8.44 24.10
CA VAL B 335 -33.01 7.17 23.75
C VAL B 335 -34.01 6.34 22.95
N GLU B 336 -35.30 6.53 23.24
CA GLU B 336 -36.34 5.62 22.77
C GLU B 336 -36.59 5.81 21.28
N GLU B 337 -36.10 6.91 20.71
CA GLU B 337 -36.39 7.22 19.32
C GLU B 337 -35.11 7.17 18.48
N LEU B 338 -34.03 6.63 19.07
CA LEU B 338 -32.72 6.60 18.44
C LEU B 338 -32.66 5.50 17.38
N PHE B 339 -33.35 4.38 17.63
CA PHE B 339 -33.20 3.22 16.77
C PHE B 339 -34.57 2.73 16.29
N HIS B 340 -34.57 1.84 15.29
CA HIS B 340 -35.81 1.27 14.81
C HIS B 340 -36.47 0.49 15.93
N PRO B 341 -37.80 0.67 16.13
CA PRO B 341 -38.48 0.12 17.31
C PRO B 341 -38.27 -1.37 17.56
N SER B 342 -37.99 -2.14 16.52
CA SER B 342 -37.97 -3.59 16.67
C SER B 342 -36.67 -4.07 17.33
N THR B 343 -35.80 -3.12 17.74
CA THR B 343 -34.45 -3.47 18.12
C THR B 343 -34.12 -3.00 19.54
N TYR B 344 -35.13 -2.77 20.37
CA TYR B 344 -34.86 -2.33 21.72
C TYR B 344 -34.64 -3.52 22.65
N GLU B 345 -34.69 -4.73 22.09
CA GLU B 345 -34.53 -5.93 22.87
C GLU B 345 -34.40 -7.12 21.94
N THR B 346 -33.64 -8.14 22.36
CA THR B 346 -33.68 -9.40 21.64
C THR B 346 -34.19 -10.51 22.56
N TYR B 347 -34.68 -11.59 21.93
CA TYR B 347 -35.19 -12.72 22.68
C TYR B 347 -34.06 -13.42 23.44
N SER B 348 -34.44 -14.27 24.38
CA SER B 348 -33.54 -15.02 25.20
C SER B 348 -34.14 -16.38 25.52
N ILE B 349 -33.26 -17.33 25.87
CA ILE B 349 -33.71 -18.67 26.19
C ILE B 349 -33.50 -18.92 27.68
N MET C 21 7.92 -28.65 -27.08
CA MET C 21 6.65 -29.32 -26.69
C MET C 21 6.62 -29.43 -25.16
N ASN C 22 7.71 -29.90 -24.56
CA ASN C 22 7.91 -29.74 -23.13
C ASN C 22 9.08 -28.78 -22.91
N LYS C 23 8.78 -27.60 -22.36
CA LYS C 23 9.68 -26.45 -22.45
C LYS C 23 10.53 -26.38 -21.19
N LEU C 24 11.31 -25.30 -21.06
CA LEU C 24 12.14 -25.13 -19.89
C LEU C 24 11.41 -24.25 -18.88
N ARG C 25 11.25 -24.81 -17.68
CA ARG C 25 10.62 -24.17 -16.55
C ARG C 25 11.60 -23.19 -15.91
N LEU C 26 11.61 -21.91 -16.31
CA LEU C 26 12.61 -20.99 -15.81
C LEU C 26 11.95 -19.88 -15.00
N SER C 27 12.65 -19.39 -13.96
CA SER C 27 12.20 -18.22 -13.22
C SER C 27 12.84 -16.98 -13.88
N VAL C 28 12.07 -15.89 -13.98
CA VAL C 28 12.53 -14.67 -14.61
C VAL C 28 12.21 -13.49 -13.69
N ALA C 29 13.22 -12.65 -13.42
CA ALA C 29 13.07 -11.52 -12.51
C ALA C 29 13.47 -10.24 -13.23
N MET C 30 12.49 -9.33 -13.39
CA MET C 30 12.71 -8.06 -14.09
C MET C 30 11.91 -6.96 -13.40
N GLY C 31 12.11 -5.72 -13.87
CA GLY C 31 11.34 -4.59 -13.40
C GLY C 31 9.98 -4.50 -14.08
N ASP C 32 9.10 -3.65 -13.54
CA ASP C 32 7.77 -3.43 -14.09
C ASP C 32 7.82 -2.17 -14.93
N TYR C 33 8.12 -2.35 -16.22
CA TYR C 33 8.31 -1.26 -17.15
C TYR C 33 7.41 -1.47 -18.36
N ASP C 34 7.23 -0.42 -19.16
CA ASP C 34 6.47 -0.52 -20.39
C ASP C 34 7.11 -1.59 -21.25
N ARG C 35 8.44 -1.64 -21.19
CA ARG C 35 9.20 -2.48 -22.08
C ARG C 35 9.28 -3.92 -21.57
N THR C 36 8.64 -4.21 -20.43
CA THR C 36 8.61 -5.59 -19.96
C THR C 36 7.18 -6.11 -19.86
N ARG C 37 6.19 -5.20 -19.88
CA ARG C 37 4.79 -5.60 -19.77
C ARG C 37 4.48 -6.74 -20.76
N PRO C 38 4.82 -6.61 -22.06
CA PRO C 38 4.39 -7.59 -23.06
C PRO C 38 4.99 -8.98 -22.85
N LEU C 39 6.13 -9.05 -22.13
CA LEU C 39 6.64 -10.32 -21.64
C LEU C 39 5.76 -10.85 -20.52
N TYR C 40 5.59 -10.01 -19.51
CA TYR C 40 4.90 -10.39 -18.29
C TYR C 40 3.57 -11.06 -18.68
N ASP C 41 2.78 -10.39 -19.54
CA ASP C 41 1.40 -10.77 -19.78
C ASP C 41 1.27 -11.69 -21.00
N GLY C 42 2.40 -12.21 -21.51
CA GLY C 42 2.34 -13.27 -22.51
C GLY C 42 2.30 -12.79 -23.97
N ARG C 43 2.10 -11.49 -24.21
CA ARG C 43 2.02 -10.98 -25.57
C ARG C 43 3.26 -11.38 -26.38
N VAL C 44 4.42 -11.35 -25.74
CA VAL C 44 5.68 -11.82 -26.31
C VAL C 44 6.09 -13.06 -25.50
N GLN C 45 6.56 -14.11 -26.17
CA GLN C 45 6.91 -15.33 -25.46
C GLN C 45 8.37 -15.72 -25.69
N ILE C 46 8.94 -16.51 -24.79
CA ILE C 46 10.33 -16.90 -24.95
C ILE C 46 10.38 -18.25 -25.68
N ASP C 47 11.11 -18.33 -26.79
CA ASP C 47 11.21 -19.60 -27.48
C ASP C 47 11.66 -20.68 -26.50
N GLY C 48 10.89 -21.77 -26.43
CA GLY C 48 11.27 -22.97 -25.71
C GLY C 48 11.28 -22.81 -24.19
N VAL C 49 10.70 -21.74 -23.68
CA VAL C 49 10.68 -21.50 -22.25
C VAL C 49 9.23 -21.28 -21.82
N ASP C 50 8.92 -21.70 -20.57
CA ASP C 50 7.68 -21.41 -19.88
C ASP C 50 8.00 -20.57 -18.66
N PRO C 51 8.00 -19.23 -18.82
CA PRO C 51 8.60 -18.34 -17.83
C PRO C 51 7.68 -18.16 -16.63
N VAL C 52 8.28 -18.12 -15.44
CA VAL C 52 7.59 -17.68 -14.23
C VAL C 52 8.18 -16.34 -13.84
N PHE C 53 7.41 -15.27 -13.98
CA PHE C 53 7.94 -13.93 -13.82
C PHE C 53 7.65 -13.40 -12.41
N MET C 54 8.58 -12.60 -11.89
CA MET C 54 8.44 -11.84 -10.66
C MET C 54 8.95 -10.43 -10.94
N LEU C 55 8.12 -9.42 -10.68
CA LEU C 55 8.50 -8.03 -10.90
C LEU C 55 9.06 -7.44 -9.60
N LEU C 56 10.32 -6.99 -9.62
CA LEU C 56 11.00 -6.53 -8.41
C LEU C 56 11.59 -5.15 -8.62
N ASN C 57 11.68 -4.36 -7.53
CA ASN C 57 12.48 -3.16 -7.53
C ASN C 57 13.95 -3.57 -7.67
N PRO C 58 14.81 -2.69 -8.24
CA PRO C 58 16.20 -3.04 -8.50
C PRO C 58 16.93 -3.53 -7.25
N GLU C 59 16.81 -2.75 -6.15
CA GLU C 59 17.50 -3.05 -4.89
C GLU C 59 17.29 -4.50 -4.45
N GLU C 60 16.04 -4.96 -4.49
CA GLU C 60 15.72 -6.28 -3.98
C GLU C 60 16.29 -7.35 -4.92
N MET C 61 16.23 -7.05 -6.21
CA MET C 61 16.50 -8.02 -7.25
C MET C 61 17.99 -8.32 -7.25
N PHE C 62 18.79 -7.24 -7.22
CA PHE C 62 20.23 -7.36 -7.31
C PHE C 62 20.77 -7.98 -6.03
N PHE C 63 20.17 -7.60 -4.90
CA PHE C 63 20.59 -8.15 -3.63
C PHE C 63 20.49 -9.67 -3.69
N ARG C 64 19.32 -10.14 -4.14
CA ARG C 64 18.98 -11.55 -4.14
C ARG C 64 19.80 -12.28 -5.20
N ALA C 65 19.99 -11.63 -6.36
CA ALA C 65 20.67 -12.27 -7.47
C ALA C 65 22.15 -12.53 -7.13
N MET C 66 22.76 -11.56 -6.47
CA MET C 66 24.20 -11.57 -6.28
C MET C 66 24.59 -12.42 -5.08
N ARG C 67 23.69 -12.57 -4.09
CA ARG C 67 24.07 -13.08 -2.79
C ARG C 67 23.43 -14.43 -2.52
N SER C 68 22.52 -14.87 -3.40
CA SER C 68 21.86 -16.16 -3.16
C SER C 68 21.33 -16.79 -4.46
N GLN C 69 21.70 -16.23 -5.61
CA GLN C 69 21.43 -16.83 -6.91
C GLN C 69 20.00 -17.36 -7.01
N ASP C 70 19.00 -16.49 -6.77
CA ASP C 70 17.61 -16.93 -6.69
C ASP C 70 17.09 -17.36 -8.06
N PHE C 71 17.50 -16.64 -9.12
CA PHE C 71 16.77 -16.65 -10.37
C PHE C 71 17.52 -17.37 -11.48
N ASP C 72 16.77 -17.86 -12.47
CA ASP C 72 17.37 -18.48 -13.65
C ASP C 72 17.82 -17.39 -14.62
N ILE C 73 16.91 -16.43 -14.85
CA ILE C 73 17.15 -15.26 -15.67
C ILE C 73 16.81 -14.04 -14.82
N THR C 74 17.72 -13.06 -14.79
CA THR C 74 17.45 -11.86 -14.02
C THR C 74 18.10 -10.63 -14.63
N GLU C 75 17.39 -9.51 -14.51
CA GLU C 75 17.96 -8.17 -14.68
C GLU C 75 19.01 -7.98 -13.58
N ILE C 76 20.16 -7.35 -13.89
CA ILE C 76 21.24 -7.20 -12.89
C ILE C 76 21.89 -5.83 -12.98
N SER C 77 22.51 -5.38 -11.89
CA SER C 77 23.40 -4.24 -11.90
C SER C 77 24.50 -4.51 -12.91
N PHE C 78 24.69 -3.58 -13.85
CA PHE C 78 25.77 -3.74 -14.80
C PHE C 78 27.09 -3.74 -14.00
N SER C 79 27.20 -2.81 -13.06
CA SER C 79 28.43 -2.71 -12.30
C SER C 79 28.68 -4.03 -11.57
N SER C 80 27.72 -4.43 -10.72
CA SER C 80 27.89 -5.61 -9.89
C SER C 80 28.27 -6.81 -10.74
N TYR C 81 27.50 -7.07 -11.80
CA TYR C 81 27.82 -8.14 -12.73
C TYR C 81 29.30 -8.04 -13.14
N LEU C 82 29.76 -6.84 -13.51
CA LEU C 82 31.12 -6.70 -14.01
C LEU C 82 32.14 -7.03 -12.91
N VAL C 83 31.85 -6.61 -11.68
CA VAL C 83 32.74 -6.93 -10.59
C VAL C 83 32.96 -8.44 -10.54
N LYS C 84 31.87 -9.21 -10.44
CA LYS C 84 32.01 -10.65 -10.32
C LYS C 84 32.44 -11.29 -11.64
N HIS C 85 32.07 -10.70 -12.77
CA HIS C 85 32.43 -11.25 -14.06
C HIS C 85 33.93 -11.04 -14.36
N SER C 86 34.52 -9.97 -13.82
CA SER C 86 35.91 -9.67 -14.09
C SER C 86 36.83 -10.68 -13.41
N GLN C 87 36.29 -11.38 -12.40
CA GLN C 87 37.07 -12.33 -11.62
C GLN C 87 36.79 -13.76 -12.08
N ASP C 88 35.97 -13.90 -13.13
CA ASP C 88 35.38 -15.17 -13.58
C ASP C 88 34.87 -16.02 -12.41
N SER C 89 34.24 -15.38 -11.42
CA SER C 89 33.31 -16.15 -10.60
C SER C 89 32.02 -15.39 -10.37
N CYS C 90 31.31 -15.15 -11.48
CA CYS C 90 29.91 -14.77 -11.45
C CYS C 90 29.06 -15.96 -11.88
N PRO C 91 27.97 -16.28 -11.15
CA PRO C 91 27.06 -17.36 -11.52
C PRO C 91 26.28 -17.11 -12.82
N TYR C 92 26.24 -15.86 -13.27
CA TYR C 92 25.45 -15.47 -14.44
C TYR C 92 26.37 -15.05 -15.59
N ILE C 93 25.87 -15.18 -16.83
CA ILE C 93 26.51 -14.61 -18.00
C ILE C 93 25.55 -13.56 -18.56
N GLY C 94 26.10 -12.42 -18.97
CA GLY C 94 25.27 -11.30 -19.41
C GLY C 94 24.84 -11.45 -20.87
N ILE C 95 23.70 -10.81 -21.21
CA ILE C 95 23.28 -10.59 -22.59
C ILE C 95 23.04 -9.10 -22.75
N PRO C 96 23.19 -8.50 -23.95
CA PRO C 96 23.04 -7.05 -24.10
C PRO C 96 21.59 -6.58 -24.18
N VAL C 97 20.80 -6.93 -23.15
CA VAL C 97 19.46 -6.42 -22.98
C VAL C 97 19.53 -5.34 -21.90
N PHE C 98 19.48 -4.08 -22.33
CA PHE C 98 19.68 -2.97 -21.42
C PHE C 98 18.32 -2.45 -20.95
N VAL C 99 17.62 -3.25 -20.14
CA VAL C 99 16.30 -2.88 -19.65
C VAL C 99 16.36 -1.64 -18.76
N SER C 100 17.57 -1.16 -18.42
CA SER C 100 17.69 0.09 -17.70
C SER C 100 18.77 1.00 -18.29
N ARG C 101 18.31 2.14 -18.84
CA ARG C 101 19.19 3.20 -19.31
C ARG C 101 18.64 4.52 -18.79
N ALA C 102 19.50 5.52 -18.63
CA ALA C 102 19.12 6.83 -18.13
C ALA C 102 20.38 7.66 -17.87
N PHE C 103 20.25 8.97 -18.08
CA PHE C 103 21.34 9.86 -17.70
C PHE C 103 21.29 10.04 -16.20
N ARG C 104 22.45 10.12 -15.58
CA ARG C 104 22.49 10.18 -14.13
C ARG C 104 23.13 11.50 -13.71
N HIS C 105 22.88 12.55 -14.51
CA HIS C 105 23.18 13.90 -14.06
C HIS C 105 22.26 14.22 -12.88
N THR C 106 21.03 13.68 -12.96
CA THR C 106 20.01 13.88 -11.95
C THR C 106 20.36 13.09 -10.70
N SER C 107 21.49 12.39 -10.73
CA SER C 107 21.81 11.43 -9.69
C SER C 107 22.53 12.12 -8.53
N ILE C 108 23.01 13.34 -8.78
CA ILE C 108 23.84 14.06 -7.84
C ILE C 108 23.04 15.18 -7.19
N TYR C 109 22.76 14.99 -5.90
CA TYR C 109 22.17 15.99 -5.01
C TYR C 109 23.29 16.59 -4.16
N VAL C 110 23.24 17.92 -3.96
CA VAL C 110 24.23 18.63 -3.16
C VAL C 110 23.51 19.64 -2.28
N ARG C 111 24.24 20.18 -1.30
CA ARG C 111 23.74 21.34 -0.57
C ARG C 111 24.11 22.60 -1.33
N LYS C 112 23.11 23.18 -2.01
CA LYS C 112 23.29 24.31 -2.92
C LYS C 112 23.88 25.50 -2.14
N ASP C 113 23.70 25.51 -0.81
CA ASP C 113 24.17 26.61 0.03
C ASP C 113 25.69 26.54 0.21
N ARG C 114 26.31 25.41 -0.17
CA ARG C 114 27.75 25.21 -0.05
C ARG C 114 28.40 25.12 -1.43
N ILE C 115 27.83 24.27 -2.31
CA ILE C 115 28.42 24.03 -3.62
C ILE C 115 27.77 24.95 -4.67
N GLN C 116 28.52 25.95 -5.16
CA GLN C 116 28.03 26.88 -6.17
C GLN C 116 28.11 26.22 -7.55
N ARG C 117 29.23 25.52 -7.80
CA ARG C 117 29.42 24.79 -9.04
C ARG C 117 30.15 23.47 -8.75
N PRO C 118 30.05 22.45 -9.64
CA PRO C 118 30.62 21.12 -9.38
C PRO C 118 32.04 21.05 -8.80
N GLU C 119 32.93 21.93 -9.25
CA GLU C 119 34.34 21.89 -8.88
C GLU C 119 34.54 22.06 -7.38
N ASP C 120 33.51 22.58 -6.68
CA ASP C 120 33.59 22.87 -5.24
C ASP C 120 33.59 21.59 -4.41
N LEU C 121 33.26 20.45 -5.04
CA LEU C 121 33.14 19.17 -4.36
C LEU C 121 34.49 18.54 -4.01
N LYS C 122 35.58 19.10 -4.57
CA LYS C 122 36.92 18.64 -4.21
C LYS C 122 37.07 18.68 -2.70
N GLY C 123 37.43 17.55 -2.11
CA GLY C 123 37.78 17.47 -0.69
C GLY C 123 36.58 17.61 0.25
N LYS C 124 35.37 17.34 -0.28
CA LYS C 124 34.18 17.36 0.55
C LYS C 124 33.78 15.93 0.91
N ARG C 125 32.68 15.81 1.66
CA ARG C 125 32.12 14.53 2.04
C ARG C 125 30.88 14.27 1.18
N ILE C 126 30.96 13.25 0.29
CA ILE C 126 29.83 12.81 -0.53
C ILE C 126 29.33 11.49 0.05
N GLY C 127 28.02 11.33 0.10
CA GLY C 127 27.43 10.09 0.61
C GLY C 127 26.85 9.26 -0.53
N LEU C 128 26.99 7.94 -0.41
CA LEU C 128 26.37 7.02 -1.34
C LEU C 128 25.88 5.77 -0.59
N PRO C 129 24.88 5.04 -1.12
CA PRO C 129 24.39 3.81 -0.46
C PRO C 129 25.40 2.67 -0.50
N GLU C 130 26.05 2.49 -1.64
CA GLU C 130 27.16 1.56 -1.81
C GLU C 130 28.04 2.19 -2.87
N TYR C 131 29.34 1.86 -2.84
CA TYR C 131 30.31 2.44 -3.75
C TYR C 131 30.10 1.90 -5.17
N GLN C 132 29.72 0.61 -5.27
CA GLN C 132 29.86 -0.08 -6.53
C GLN C 132 28.62 0.04 -7.39
N LEU C 133 27.72 0.99 -7.09
CA LEU C 133 26.42 1.04 -7.74
C LEU C 133 26.52 1.59 -9.15
N THR C 134 25.72 1.05 -10.07
CA THR C 134 25.91 1.36 -11.49
C THR C 134 25.85 2.86 -11.73
N ALA C 135 24.86 3.54 -11.12
CA ALA C 135 24.68 4.97 -11.37
C ALA C 135 25.89 5.74 -10.83
N ASN C 136 26.34 5.34 -9.63
CA ASN C 136 27.50 5.94 -8.99
C ASN C 136 28.73 5.91 -9.90
N VAL C 137 28.87 4.84 -10.68
CA VAL C 137 30.00 4.76 -11.59
C VAL C 137 29.87 5.87 -12.65
N TRP C 138 28.71 5.95 -13.30
CA TRP C 138 28.50 6.99 -14.29
C TRP C 138 28.68 8.38 -13.66
N ALA C 139 28.21 8.54 -12.42
CA ALA C 139 28.24 9.84 -11.75
C ALA C 139 29.67 10.29 -11.49
N ARG C 140 30.51 9.39 -10.94
CA ARG C 140 31.89 9.71 -10.59
C ARG C 140 32.68 10.01 -11.86
N ALA C 141 32.28 9.37 -12.96
CA ALA C 141 32.91 9.56 -14.26
C ALA C 141 32.66 10.98 -14.76
N ILE C 142 31.45 11.48 -14.52
CA ILE C 142 31.12 12.84 -14.94
C ILE C 142 31.96 13.82 -14.14
N LEU C 143 32.04 13.59 -12.83
CA LEU C 143 32.72 14.51 -11.93
C LEU C 143 34.22 14.56 -12.21
N GLU C 144 34.80 13.40 -12.55
CA GLU C 144 36.17 13.32 -13.00
C GLU C 144 36.30 13.99 -14.38
N ALA C 145 35.67 13.39 -15.40
CA ALA C 145 35.89 13.78 -16.79
C ALA C 145 35.59 15.26 -17.05
N ASP C 146 34.81 15.91 -16.18
CA ASP C 146 34.22 17.19 -16.55
C ASP C 146 34.45 18.28 -15.50
N HIS C 147 35.00 17.93 -14.34
CA HIS C 147 35.16 18.91 -13.27
C HIS C 147 36.44 18.66 -12.48
N GLY C 148 37.11 17.54 -12.79
CA GLY C 148 38.38 17.19 -12.17
C GLY C 148 38.21 16.73 -10.73
N VAL C 149 37.00 16.27 -10.40
CA VAL C 149 36.72 15.75 -9.08
C VAL C 149 36.87 14.23 -9.13
N ARG C 150 38.06 13.77 -8.71
CA ARG C 150 38.43 12.38 -8.88
C ARG C 150 38.04 11.63 -7.62
N PRO C 151 37.56 10.38 -7.73
CA PRO C 151 37.29 9.52 -6.58
C PRO C 151 38.16 9.74 -5.32
N CYS C 152 39.46 9.91 -5.52
CA CYS C 152 40.42 9.99 -4.43
C CYS C 152 40.38 11.35 -3.74
N ASP C 153 39.76 12.34 -4.40
CA ASP C 153 39.65 13.71 -3.90
C ASP C 153 38.44 13.87 -2.97
N VAL C 154 37.82 12.77 -2.56
CA VAL C 154 36.52 12.89 -1.92
C VAL C 154 36.53 12.00 -0.67
N HIS C 155 35.95 12.51 0.43
CA HIS C 155 35.63 11.67 1.57
C HIS C 155 34.28 11.01 1.28
N TRP C 156 34.31 9.70 0.97
CA TRP C 156 33.11 8.95 0.67
C TRP C 156 32.46 8.45 1.95
N VAL C 157 31.12 8.54 2.01
CA VAL C 157 30.38 8.09 3.19
C VAL C 157 29.26 7.16 2.73
N ARG C 158 29.28 5.92 3.23
CA ARG C 158 28.35 4.90 2.77
C ARG C 158 27.36 4.56 3.87
N GLY C 159 26.08 4.61 3.48
CA GLY C 159 24.94 4.20 4.29
C GLY C 159 23.67 4.24 3.43
N GLY C 160 22.61 3.56 3.89
CA GLY C 160 21.34 3.54 3.19
C GLY C 160 20.69 4.93 3.04
N ILE C 161 19.76 5.00 2.08
CA ILE C 161 19.00 6.20 1.77
C ILE C 161 17.74 6.25 2.64
N GLU C 162 17.08 5.11 2.75
CA GLU C 162 15.82 4.92 3.49
C GLU C 162 16.07 4.26 4.84
N THR C 163 16.88 3.19 4.87
CA THR C 163 17.24 2.45 6.08
C THR C 163 18.73 2.61 6.34
N ALA C 164 19.11 2.77 7.61
CA ALA C 164 20.47 3.17 7.93
C ALA C 164 21.49 2.07 7.61
N ALA C 165 21.14 0.79 7.87
CA ALA C 165 22.09 -0.29 7.64
C ALA C 165 21.91 -0.92 6.25
N ARG C 166 22.93 -0.81 5.38
CA ARG C 166 22.91 -1.35 4.03
C ARG C 166 24.33 -1.77 3.58
N PRO C 167 24.58 -3.09 3.41
CA PRO C 167 25.90 -3.58 3.03
C PRO C 167 26.28 -3.30 1.58
N GLU C 168 27.59 -3.22 1.31
CA GLU C 168 28.10 -3.48 -0.03
C GLU C 168 27.73 -4.91 -0.42
N LYS C 169 27.01 -5.08 -1.56
CA LYS C 169 26.46 -6.38 -1.95
C LYS C 169 27.57 -7.43 -2.10
N ILE C 170 28.68 -7.05 -2.74
CA ILE C 170 29.80 -7.93 -3.01
C ILE C 170 31.07 -7.28 -2.47
N LYS C 171 32.05 -8.10 -2.06
CA LYS C 171 33.29 -7.58 -1.52
C LYS C 171 34.04 -6.86 -2.63
N LEU C 172 34.78 -5.80 -2.27
CA LEU C 172 35.58 -5.04 -3.20
C LEU C 172 37.04 -5.02 -2.75
N ALA C 173 37.96 -4.91 -3.72
CA ALA C 173 39.34 -4.54 -3.45
C ALA C 173 39.62 -3.18 -4.08
N LEU C 174 39.20 -2.09 -3.42
CA LEU C 174 39.34 -0.74 -3.97
C LEU C 174 40.76 -0.24 -3.76
N PRO C 175 41.40 0.41 -4.77
CA PRO C 175 42.71 1.05 -4.57
C PRO C 175 42.71 1.99 -3.36
N SER C 176 43.85 2.08 -2.67
CA SER C 176 43.88 2.65 -1.32
C SER C 176 43.97 4.17 -1.34
N ASP C 177 43.84 4.79 -2.53
CA ASP C 177 43.75 6.24 -2.62
C ASP C 177 42.29 6.70 -2.37
N ILE C 178 41.37 5.73 -2.32
CA ILE C 178 39.94 5.94 -2.14
C ILE C 178 39.64 5.88 -0.64
N HIS C 179 39.40 7.03 -0.01
CA HIS C 179 39.04 7.12 1.39
C HIS C 179 37.52 6.95 1.51
N ILE C 180 37.05 6.01 2.33
CA ILE C 180 35.63 5.66 2.36
C ILE C 180 35.22 5.08 3.72
N GLU C 181 34.28 5.73 4.41
CA GLU C 181 33.89 5.37 5.75
C GLU C 181 32.37 5.19 5.82
N ASN C 182 31.93 4.29 6.71
CA ASN C 182 30.53 4.11 7.12
C ASN C 182 29.93 5.44 7.58
N ALA C 183 28.61 5.53 7.49
CA ALA C 183 27.88 6.68 8.00
C ALA C 183 27.90 6.62 9.53
N PRO C 184 27.80 7.78 10.23
CA PRO C 184 27.47 7.80 11.65
C PRO C 184 26.35 6.80 11.93
N GLU C 185 26.59 5.96 12.94
CA GLU C 185 25.78 4.78 13.22
C GLU C 185 24.30 5.14 13.30
N GLY C 186 23.47 4.36 12.59
CA GLY C 186 22.03 4.45 12.65
C GLY C 186 21.45 5.67 11.91
N GLU C 187 22.28 6.41 11.18
CA GLU C 187 21.81 7.57 10.43
C GLU C 187 21.91 7.30 8.93
N THR C 188 20.85 7.69 8.17
CA THR C 188 20.88 7.50 6.74
C THR C 188 21.66 8.64 6.07
N ILE C 189 22.09 8.39 4.82
CA ILE C 189 22.70 9.38 3.95
C ILE C 189 21.77 10.57 3.85
N SER C 190 20.47 10.26 3.68
CA SER C 190 19.44 11.27 3.49
C SER C 190 19.46 12.23 4.68
N ALA C 191 19.48 11.66 5.89
CA ALA C 191 19.56 12.45 7.12
C ALA C 191 20.85 13.27 7.12
N LEU C 192 21.99 12.60 6.81
CA LEU C 192 23.31 13.20 6.90
C LEU C 192 23.42 14.42 5.97
N LEU C 193 22.70 14.36 4.84
CA LEU C 193 22.67 15.47 3.90
C LEU C 193 21.79 16.58 4.47
N ASP C 194 20.69 16.18 5.09
CA ASP C 194 19.71 17.09 5.67
C ASP C 194 20.39 18.00 6.70
N ARG C 195 21.23 17.37 7.55
CA ARG C 195 21.91 18.06 8.63
C ARG C 195 23.20 18.68 8.11
N GLY C 196 23.61 18.27 6.90
CA GLY C 196 24.80 18.80 6.25
C GLY C 196 26.08 18.31 6.91
N ASP C 197 26.11 17.04 7.35
CA ASP C 197 27.33 16.34 7.73
C ASP C 197 28.08 15.91 6.47
N ILE C 198 27.34 15.81 5.36
CA ILE C 198 27.88 15.59 4.03
C ILE C 198 27.43 16.75 3.13
N ASP C 199 28.25 17.07 2.12
CA ASP C 199 27.96 18.20 1.24
C ASP C 199 27.26 17.72 -0.03
N GLY C 200 27.35 16.41 -0.29
CA GLY C 200 26.82 15.83 -1.52
C GLY C 200 26.32 14.41 -1.33
N PHE C 201 25.61 13.91 -2.34
CA PHE C 201 24.88 12.65 -2.31
C PHE C 201 24.85 12.14 -3.73
N ILE C 202 25.18 10.87 -3.95
CA ILE C 202 24.89 10.22 -5.22
C ILE C 202 24.30 8.84 -5.00
N GLY C 203 23.34 8.48 -5.87
CA GLY C 203 22.71 7.18 -5.84
C GLY C 203 21.56 7.05 -6.85
N PRO C 204 21.03 5.82 -7.04
CA PRO C 204 20.00 5.58 -8.07
C PRO C 204 18.65 6.23 -7.75
N ARG C 205 18.44 6.58 -6.47
CA ARG C 205 17.22 7.25 -6.03
C ARG C 205 17.59 8.62 -5.48
N PRO C 206 16.65 9.60 -5.48
CA PRO C 206 16.90 10.86 -4.78
C PRO C 206 16.92 10.56 -3.28
N PRO C 207 17.38 11.50 -2.43
CA PRO C 207 17.33 11.33 -0.97
C PRO C 207 15.87 11.26 -0.52
N ALA C 208 15.65 10.77 0.72
CA ALA C 208 14.31 10.56 1.26
C ALA C 208 13.56 11.89 1.36
N SER C 209 12.22 11.84 1.40
CA SER C 209 11.41 13.04 1.19
C SER C 209 11.67 14.08 2.27
N THR C 210 11.78 13.64 3.53
CA THR C 210 12.08 14.50 4.67
C THR C 210 13.31 15.33 4.37
N ALA C 211 14.35 14.70 3.83
CA ALA C 211 15.54 15.39 3.37
C ALA C 211 15.18 16.34 2.22
N LEU C 212 14.40 15.84 1.24
CA LEU C 212 14.10 16.60 0.02
C LEU C 212 13.47 17.94 0.35
N ARG C 213 12.78 18.01 1.51
CA ARG C 213 12.02 19.17 1.93
C ARG C 213 12.97 20.28 2.39
N ASN C 214 14.23 19.93 2.66
CA ASN C 214 15.23 20.93 2.98
C ASN C 214 15.41 21.84 1.76
N PRO C 215 15.11 23.16 1.86
CA PRO C 215 15.23 24.05 0.71
C PRO C 215 16.66 24.22 0.19
N ASN C 216 17.65 23.67 0.91
CA ASN C 216 19.06 23.85 0.56
C ASN C 216 19.56 22.68 -0.29
N ILE C 217 18.72 21.65 -0.46
CA ILE C 217 19.10 20.49 -1.24
C ILE C 217 18.42 20.57 -2.61
N GLY C 218 19.16 20.20 -3.66
CA GLY C 218 18.65 20.07 -5.01
C GLY C 218 19.70 19.44 -5.91
N TRP C 219 19.39 19.34 -7.22
CA TRP C 219 20.37 18.83 -8.17
C TRP C 219 21.58 19.75 -8.22
N LEU C 220 22.76 19.12 -8.35
CA LEU C 220 23.97 19.86 -8.62
C LEU C 220 23.76 20.68 -9.89
N TYR C 221 23.30 20.02 -10.95
CA TYR C 221 23.07 20.67 -12.22
C TYR C 221 21.71 21.36 -12.18
N ASP C 222 21.72 22.68 -12.43
CA ASP C 222 20.52 23.48 -12.43
C ASP C 222 19.65 23.07 -13.61
N ASP C 223 20.28 22.63 -14.71
CA ASP C 223 19.54 22.17 -15.86
C ASP C 223 20.11 20.82 -16.30
N PRO C 224 19.76 19.73 -15.59
CA PRO C 224 20.32 18.41 -15.91
C PRO C 224 20.07 17.98 -17.35
N THR C 225 18.87 18.28 -17.86
CA THR C 225 18.55 17.89 -19.22
C THR C 225 19.59 18.51 -20.14
N ALA C 226 19.87 19.80 -19.94
CA ALA C 226 20.76 20.51 -20.85
C ALA C 226 22.16 19.88 -20.81
N ALA C 227 22.65 19.60 -19.60
CA ALA C 227 24.00 19.11 -19.39
C ALA C 227 24.17 17.73 -20.00
N ALA C 228 23.10 16.94 -19.91
CA ALA C 228 23.12 15.56 -20.36
C ALA C 228 23.08 15.51 -21.90
N LYS C 229 22.39 16.47 -22.52
CA LYS C 229 22.28 16.51 -23.96
C LYS C 229 23.61 16.93 -24.57
N ASP C 230 24.30 17.83 -23.85
CA ASP C 230 25.63 18.26 -24.18
C ASP C 230 26.58 17.06 -24.06
N TYR C 231 26.58 16.43 -22.87
CA TYR C 231 27.31 15.21 -22.58
C TYR C 231 27.14 14.22 -23.74
N TYR C 232 25.89 13.97 -24.14
CA TYR C 232 25.59 12.99 -25.17
C TYR C 232 26.14 13.44 -26.53
N ARG C 233 26.06 14.74 -26.82
CA ARG C 233 26.62 15.23 -28.07
C ARG C 233 28.13 15.00 -28.04
N ARG C 234 28.75 15.23 -26.87
CA ARG C 234 30.20 15.14 -26.73
C ARG C 234 30.64 13.68 -26.77
N THR C 235 29.89 12.76 -26.16
CA THR C 235 30.44 11.45 -25.91
C THR C 235 29.71 10.34 -26.66
N GLY C 236 28.42 10.55 -26.96
CA GLY C 236 27.58 9.52 -27.58
C GLY C 236 27.21 8.41 -26.59
N ILE C 237 27.24 8.75 -25.30
CA ILE C 237 27.03 7.81 -24.21
C ILE C 237 25.61 7.97 -23.66
N PHE C 238 24.80 6.92 -23.80
CA PHE C 238 23.53 6.86 -23.10
C PHE C 238 23.68 5.80 -22.01
N PRO C 239 24.03 6.21 -20.76
CA PRO C 239 24.48 5.28 -19.72
C PRO C 239 23.55 4.08 -19.57
N ILE C 240 24.16 2.92 -19.33
CA ILE C 240 23.43 1.69 -19.10
C ILE C 240 23.51 1.39 -17.61
N MET C 241 22.37 1.03 -17.01
CA MET C 241 22.31 0.74 -15.59
C MET C 241 22.29 -0.77 -15.41
N HIS C 242 21.36 -1.42 -16.12
CA HIS C 242 21.03 -2.82 -15.91
C HIS C 242 21.20 -3.61 -17.18
N ILE C 243 21.77 -4.82 -17.06
CA ILE C 243 21.72 -5.77 -18.16
C ILE C 243 20.81 -6.92 -17.73
N VAL C 244 20.81 -8.00 -18.51
CA VAL C 244 20.11 -9.22 -18.11
C VAL C 244 21.13 -10.35 -18.09
N GLY C 245 20.86 -11.35 -17.24
CA GLY C 245 21.77 -12.44 -17.00
C GLY C 245 21.10 -13.81 -16.92
N ILE C 246 21.85 -14.86 -17.26
CA ILE C 246 21.34 -16.21 -17.21
C ILE C 246 22.38 -17.03 -16.47
N ARG C 247 21.93 -18.01 -15.67
CA ARG C 247 22.85 -18.90 -14.99
C ARG C 247 23.80 -19.53 -16.00
N LYS C 248 25.09 -19.61 -15.63
CA LYS C 248 26.14 -20.29 -16.38
C LYS C 248 25.67 -21.64 -16.92
N GLU C 249 25.27 -22.56 -16.01
CA GLU C 249 24.96 -23.93 -16.42
C GLU C 249 23.92 -23.92 -17.52
N LEU C 250 22.98 -22.98 -17.42
CA LEU C 250 21.83 -22.97 -18.30
C LEU C 250 22.27 -22.65 -19.72
N ALA C 251 23.17 -21.66 -19.85
CA ALA C 251 23.69 -21.18 -21.11
C ALA C 251 24.55 -22.25 -21.79
N ALA C 252 25.25 -23.04 -20.96
CA ALA C 252 26.10 -24.11 -21.42
C ALA C 252 25.24 -25.27 -21.95
N GLN C 253 24.17 -25.60 -21.21
CA GLN C 253 23.34 -26.72 -21.57
C GLN C 253 22.46 -26.38 -22.77
N HIS C 254 22.11 -25.10 -22.90
CA HIS C 254 21.13 -24.68 -23.90
C HIS C 254 21.68 -23.49 -24.69
N PRO C 255 22.62 -23.73 -25.64
CA PRO C 255 23.32 -22.64 -26.33
C PRO C 255 22.44 -21.68 -27.13
N TRP C 256 21.13 -21.96 -27.17
CA TRP C 256 20.17 -21.16 -27.91
C TRP C 256 19.41 -20.22 -26.96
N LEU C 257 19.55 -20.47 -25.65
CA LEU C 257 18.74 -19.81 -24.64
C LEU C 257 19.14 -18.35 -24.49
N PRO C 258 20.46 -18.01 -24.46
CA PRO C 258 20.87 -16.61 -24.55
C PRO C 258 20.16 -15.89 -25.70
N SER C 259 20.27 -16.41 -26.92
CA SER C 259 19.69 -15.73 -28.06
C SER C 259 18.18 -15.58 -27.90
N ALA C 260 17.51 -16.62 -27.37
CA ALA C 260 16.05 -16.62 -27.26
C ALA C 260 15.59 -15.50 -26.34
N VAL C 261 16.29 -15.37 -25.21
CA VAL C 261 15.97 -14.36 -24.22
C VAL C 261 16.19 -12.98 -24.83
N PHE C 262 17.34 -12.80 -25.49
CA PHE C 262 17.67 -11.53 -26.13
C PHE C 262 16.52 -11.07 -27.03
N LYS C 263 15.95 -12.02 -27.80
CA LYS C 263 14.89 -11.74 -28.78
C LYS C 263 13.64 -11.26 -28.05
N ALA C 264 13.17 -12.05 -27.08
CA ALA C 264 11.93 -11.75 -26.41
C ALA C 264 11.97 -10.32 -25.87
N PHE C 265 13.02 -9.97 -25.11
CA PHE C 265 13.07 -8.68 -24.47
C PHE C 265 13.01 -7.60 -25.55
N SER C 266 13.74 -7.87 -26.65
CA SER C 266 13.78 -7.06 -27.84
C SER C 266 12.38 -6.80 -28.39
N GLN C 267 11.58 -7.88 -28.52
CA GLN C 267 10.25 -7.76 -29.08
C GLN C 267 9.37 -6.94 -28.13
N ALA C 268 9.47 -7.23 -26.83
CA ALA C 268 8.70 -6.55 -25.79
C ALA C 268 8.92 -5.05 -25.86
N LYS C 269 10.18 -4.63 -26.04
CA LYS C 269 10.50 -3.22 -26.15
C LYS C 269 9.87 -2.65 -27.43
N GLN C 270 10.00 -3.35 -28.56
CA GLN C 270 9.37 -2.91 -29.80
C GLN C 270 7.85 -2.75 -29.59
N ALA C 271 7.22 -3.75 -28.96
CA ALA C 271 5.78 -3.73 -28.75
C ALA C 271 5.39 -2.47 -27.98
N ALA C 272 6.12 -2.24 -26.88
CA ALA C 272 5.83 -1.13 -25.98
C ALA C 272 6.05 0.20 -26.69
N LEU C 273 7.16 0.31 -27.43
CA LEU C 273 7.43 1.52 -28.19
C LEU C 273 6.34 1.76 -29.23
N ASP C 274 5.82 0.68 -29.85
CA ASP C 274 4.78 0.82 -30.84
C ASP C 274 3.55 1.50 -30.22
N LEU C 275 3.20 1.02 -29.03
CA LEU C 275 2.08 1.54 -28.24
C LEU C 275 2.34 2.97 -27.79
N LEU C 276 3.58 3.24 -27.35
CA LEU C 276 3.91 4.51 -26.71
C LEU C 276 3.85 5.67 -27.69
N GLU C 277 4.21 5.39 -28.95
CA GLU C 277 4.33 6.42 -29.97
C GLU C 277 2.92 6.84 -30.41
N ASP C 278 1.91 6.01 -30.13
CA ASP C 278 0.56 6.46 -30.43
C ASP C 278 0.09 7.41 -29.33
N THR C 279 0.00 8.70 -29.64
CA THR C 279 -0.21 9.73 -28.62
C THR C 279 -1.66 10.22 -28.66
N SER C 280 -2.53 9.52 -29.39
CA SER C 280 -3.95 9.81 -29.32
C SER C 280 -4.42 9.69 -27.87
N ALA C 281 -3.76 8.79 -27.12
CA ALA C 281 -3.94 8.59 -25.70
C ALA C 281 -2.57 8.18 -25.17
N THR C 282 -2.00 9.00 -24.30
CA THR C 282 -0.60 8.79 -23.95
C THR C 282 -0.52 7.65 -22.94
N LYS C 283 0.42 6.73 -23.19
CA LYS C 283 0.57 5.51 -22.42
C LYS C 283 1.32 5.77 -21.12
N VAL C 284 2.05 6.90 -21.02
CA VAL C 284 2.58 7.31 -19.72
C VAL C 284 1.71 8.44 -19.18
N THR C 285 1.63 8.54 -17.87
CA THR C 285 0.90 9.66 -17.29
C THR C 285 1.84 10.86 -17.21
N LEU C 286 2.16 11.46 -18.36
CA LEU C 286 2.84 12.74 -18.42
C LEU C 286 2.16 13.66 -19.43
N PRO C 287 2.33 14.99 -19.32
CA PRO C 287 2.02 15.89 -20.43
C PRO C 287 3.10 15.81 -21.49
N PHE C 288 2.82 16.39 -22.66
CA PHE C 288 3.83 16.67 -23.67
C PHE C 288 4.55 15.42 -24.18
N VAL C 289 3.91 14.24 -24.17
CA VAL C 289 4.57 13.03 -24.61
C VAL C 289 5.00 13.13 -26.09
N GLU C 290 4.10 13.63 -26.96
CA GLU C 290 4.40 13.78 -28.37
C GLU C 290 5.75 14.47 -28.52
N GLU C 291 5.92 15.57 -27.78
CA GLU C 291 7.06 16.47 -27.90
C GLU C 291 8.31 15.71 -27.44
N GLN C 292 8.16 14.98 -26.34
CA GLN C 292 9.22 14.25 -25.69
C GLN C 292 9.81 13.22 -26.66
N ILE C 293 8.92 12.40 -27.23
CA ILE C 293 9.31 11.33 -28.12
C ILE C 293 10.18 11.92 -29.22
N ARG C 294 9.69 13.03 -29.79
CA ARG C 294 10.29 13.63 -30.98
C ARG C 294 11.65 14.22 -30.63
N ALA C 295 11.75 14.79 -29.42
CA ALA C 295 13.00 15.37 -28.95
C ALA C 295 14.00 14.25 -28.68
N ALA C 296 13.51 13.18 -28.05
CA ALA C 296 14.36 12.04 -27.71
C ALA C 296 14.97 11.45 -28.98
N LYS C 297 14.13 11.22 -29.99
CA LYS C 297 14.53 10.66 -31.28
C LYS C 297 15.52 11.58 -31.96
N SER C 298 15.36 12.89 -31.75
CA SER C 298 16.20 13.89 -32.35
C SER C 298 17.62 13.83 -31.78
N THR C 299 17.73 13.76 -30.45
CA THR C 299 19.02 13.83 -29.78
C THR C 299 19.73 12.48 -29.82
N LEU C 300 18.98 11.39 -29.65
CA LEU C 300 19.59 10.08 -29.42
C LEU C 300 19.57 9.21 -30.68
N GLY C 301 18.61 9.47 -31.60
CA GLY C 301 18.41 8.63 -32.77
C GLY C 301 17.10 7.86 -32.67
N ASP C 302 16.57 7.37 -33.80
CA ASP C 302 15.25 6.76 -33.80
C ASP C 302 15.13 5.65 -32.76
N ASP C 303 16.21 4.86 -32.64
CA ASP C 303 16.25 3.76 -31.71
C ASP C 303 16.92 4.25 -30.42
N TYR C 304 16.23 5.19 -29.74
CA TYR C 304 16.84 5.99 -28.70
C TYR C 304 17.18 5.12 -27.49
N TRP C 305 16.38 4.07 -27.27
CA TRP C 305 16.72 3.11 -26.22
C TRP C 305 17.06 1.76 -26.84
N PRO C 306 18.27 1.62 -27.45
CA PRO C 306 18.62 0.39 -28.16
C PRO C 306 19.04 -0.69 -27.17
N TYR C 307 18.61 -1.94 -27.44
CA TYR C 307 19.33 -3.12 -26.97
C TYR C 307 20.38 -3.46 -28.03
N GLY C 308 21.30 -4.41 -27.71
CA GLY C 308 22.27 -4.88 -28.69
C GLY C 308 23.62 -4.16 -28.61
N VAL C 309 24.69 -4.88 -28.98
CA VAL C 309 26.04 -4.43 -28.70
C VAL C 309 26.45 -3.27 -29.62
N ALA C 310 26.46 -3.53 -30.93
CA ALA C 310 26.90 -2.57 -31.92
C ALA C 310 26.24 -1.21 -31.63
N ALA C 311 24.92 -1.24 -31.42
CA ALA C 311 24.10 -0.04 -31.22
C ALA C 311 24.43 0.71 -29.93
N SER C 312 25.31 0.15 -29.10
CA SER C 312 25.59 0.73 -27.79
C SER C 312 27.10 0.81 -27.54
N ARG C 313 27.88 0.65 -28.62
CA ARG C 313 29.31 0.42 -28.49
C ARG C 313 29.96 1.52 -27.68
N ARG C 314 29.75 2.79 -28.06
CA ARG C 314 30.36 3.90 -27.37
C ARG C 314 30.11 3.81 -25.85
N THR C 315 28.87 3.48 -25.47
CA THR C 315 28.47 3.41 -24.07
C THR C 315 29.18 2.26 -23.37
N LEU C 316 29.21 1.09 -24.04
CA LEU C 316 29.83 -0.08 -23.47
C LEU C 316 31.32 0.19 -23.26
N GLU C 317 31.95 0.77 -24.29
CA GLU C 317 33.37 1.06 -24.31
C GLU C 317 33.73 1.90 -23.08
N ALA C 318 32.92 2.95 -22.85
CA ALA C 318 33.17 3.90 -21.77
C ALA C 318 33.00 3.20 -20.44
N PHE C 319 32.00 2.32 -20.37
CA PHE C 319 31.69 1.70 -19.09
C PHE C 319 32.91 0.93 -18.59
N VAL C 320 33.41 0.01 -19.41
CA VAL C 320 34.52 -0.85 -18.99
C VAL C 320 35.68 0.01 -18.53
N ARG C 321 36.01 1.06 -19.30
CA ARG C 321 37.06 2.01 -18.92
C ARG C 321 36.82 2.55 -17.50
N HIS C 322 35.67 3.22 -17.31
CA HIS C 322 35.34 3.83 -16.02
C HIS C 322 35.38 2.79 -14.90
N HIS C 323 34.81 1.61 -15.19
CA HIS C 323 34.69 0.54 -14.20
C HIS C 323 36.08 0.14 -13.70
N HIS C 324 37.01 0.00 -14.66
CA HIS C 324 38.39 -0.35 -14.34
C HIS C 324 39.09 0.81 -13.62
N ALA C 325 38.99 2.02 -14.17
CA ALA C 325 39.52 3.21 -13.49
C ALA C 325 39.05 3.26 -12.04
N GLN C 326 37.73 3.24 -11.80
CA GLN C 326 37.18 3.47 -10.47
C GLN C 326 37.52 2.35 -9.51
N GLY C 327 38.13 1.26 -10.04
CA GLY C 327 38.78 0.25 -9.21
C GLY C 327 37.92 -0.99 -8.97
N LEU C 328 36.95 -1.26 -9.86
CA LEU C 328 35.92 -2.26 -9.66
C LEU C 328 36.10 -3.47 -10.58
N SER C 329 36.92 -3.29 -11.63
CA SER C 329 37.31 -4.37 -12.52
C SER C 329 38.67 -4.90 -12.08
N ALA C 330 38.80 -6.25 -12.00
CA ALA C 330 40.08 -6.92 -11.77
C ALA C 330 41.16 -6.36 -12.71
N ARG C 331 41.04 -6.68 -14.02
CA ARG C 331 41.76 -6.00 -15.09
C ARG C 331 40.73 -5.29 -15.97
N LEU C 332 41.18 -4.43 -16.89
CA LEU C 332 40.26 -3.71 -17.78
C LEU C 332 39.58 -4.70 -18.72
N MET C 333 38.24 -4.82 -18.64
CA MET C 333 37.52 -5.77 -19.47
C MET C 333 37.38 -5.27 -20.90
N ALA C 334 37.28 -6.21 -21.85
CA ALA C 334 37.04 -5.89 -23.25
C ALA C 334 35.56 -6.09 -23.54
N VAL C 335 34.98 -5.15 -24.29
CA VAL C 335 33.58 -5.26 -24.62
C VAL C 335 33.30 -6.69 -25.07
N GLU C 336 34.30 -7.34 -25.69
CA GLU C 336 34.13 -8.59 -26.39
C GLU C 336 33.87 -9.75 -25.45
N GLU C 337 34.13 -9.54 -24.15
CA GLU C 337 34.03 -10.64 -23.19
C GLU C 337 32.91 -10.35 -22.19
N LEU C 338 32.11 -9.32 -22.48
CA LEU C 338 31.07 -8.87 -21.55
C LEU C 338 29.84 -9.78 -21.60
N PHE C 339 29.54 -10.34 -22.78
CA PHE C 339 28.28 -11.05 -22.94
C PHE C 339 28.53 -12.43 -23.51
N HIS C 340 27.50 -13.30 -23.45
CA HIS C 340 27.62 -14.63 -24.00
C HIS C 340 27.88 -14.53 -25.51
N PRO C 341 28.86 -15.30 -26.04
CA PRO C 341 29.32 -15.13 -27.42
C PRO C 341 28.22 -15.13 -28.48
N SER C 342 27.09 -15.78 -28.23
CA SER C 342 26.09 -15.95 -29.26
C SER C 342 25.26 -14.68 -29.48
N THR C 343 25.62 -13.58 -28.79
CA THR C 343 24.75 -12.42 -28.73
C THR C 343 25.42 -11.15 -29.28
N TYR C 344 26.49 -11.31 -30.05
CA TYR C 344 27.22 -10.15 -30.53
C TYR C 344 26.63 -9.63 -31.84
N GLU C 345 25.50 -10.19 -32.26
CA GLU C 345 24.60 -9.45 -33.13
C GLU C 345 23.16 -9.94 -32.90
N MET D 21 -19.19 -14.90 -0.74
CA MET D 21 -18.61 -13.64 -1.27
C MET D 21 -19.24 -13.40 -2.63
N ASN D 22 -20.35 -12.66 -2.65
CA ASN D 22 -21.05 -12.41 -3.90
C ASN D 22 -20.85 -10.95 -4.32
N LYS D 23 -20.19 -10.79 -5.49
CA LYS D 23 -19.86 -9.51 -6.08
C LYS D 23 -20.55 -9.37 -7.44
N LEU D 24 -20.39 -8.19 -8.04
CA LEU D 24 -21.01 -7.90 -9.31
C LEU D 24 -20.06 -8.24 -10.46
N ARG D 25 -20.50 -9.15 -11.34
CA ARG D 25 -19.71 -9.52 -12.51
C ARG D 25 -19.87 -8.46 -13.59
N LEU D 26 -18.92 -7.52 -13.65
CA LEU D 26 -19.04 -6.42 -14.60
C LEU D 26 -17.95 -6.51 -15.66
N SER D 27 -18.29 -6.12 -16.89
CA SER D 27 -17.30 -5.97 -17.95
C SER D 27 -16.75 -4.56 -17.91
N VAL D 28 -15.43 -4.42 -18.09
CA VAL D 28 -14.76 -3.13 -18.01
C VAL D 28 -13.84 -2.98 -19.22
N ALA D 29 -13.98 -1.85 -19.93
CA ALA D 29 -13.28 -1.62 -21.19
C ALA D 29 -12.50 -0.32 -21.11
N MET D 30 -11.16 -0.41 -21.21
CA MET D 30 -10.27 0.73 -21.04
C MET D 30 -9.07 0.58 -21.97
N GLY D 31 -8.24 1.64 -22.02
CA GLY D 31 -6.98 1.63 -22.76
C GLY D 31 -5.87 0.94 -21.95
N ASP D 32 -4.75 0.70 -22.64
CA ASP D 32 -3.60 0.03 -22.06
C ASP D 32 -2.61 1.12 -21.70
N TYR D 33 -2.71 1.59 -20.45
CA TYR D 33 -1.91 2.69 -19.96
C TYR D 33 -1.25 2.27 -18.66
N ASP D 34 -0.21 3.02 -18.27
CA ASP D 34 0.44 2.81 -16.98
C ASP D 34 -0.61 2.93 -15.89
N ARG D 35 -1.53 3.87 -16.10
CA ARG D 35 -2.52 4.24 -15.10
C ARG D 35 -3.70 3.26 -15.10
N THR D 36 -3.68 2.22 -15.95
CA THR D 36 -4.73 1.21 -15.90
C THR D 36 -4.16 -0.17 -15.60
N ARG D 37 -2.84 -0.33 -15.76
CA ARG D 37 -2.21 -1.62 -15.52
C ARG D 37 -2.63 -2.17 -14.14
N PRO D 38 -2.54 -1.39 -13.03
CA PRO D 38 -2.77 -1.92 -11.70
C PRO D 38 -4.20 -2.41 -11.46
N LEU D 39 -5.15 -1.90 -12.25
CA LEU D 39 -6.50 -2.45 -12.30
C LEU D 39 -6.47 -3.79 -13.01
N TYR D 40 -5.95 -3.75 -14.25
CA TYR D 40 -5.95 -4.92 -15.12
C TYR D 40 -5.46 -6.13 -14.33
N ASP D 41 -4.30 -6.00 -13.68
CA ASP D 41 -3.60 -7.14 -13.11
C ASP D 41 -3.96 -7.38 -11.64
N GLY D 42 -4.99 -6.69 -11.14
CA GLY D 42 -5.53 -7.02 -9.83
C GLY D 42 -4.92 -6.25 -8.67
N ARG D 43 -3.83 -5.53 -8.88
CA ARG D 43 -3.18 -4.79 -7.79
C ARG D 43 -4.18 -3.87 -7.10
N VAL D 44 -5.06 -3.25 -7.90
CA VAL D 44 -6.13 -2.41 -7.40
C VAL D 44 -7.42 -3.16 -7.71
N GLN D 45 -8.34 -3.19 -6.74
CA GLN D 45 -9.59 -3.92 -6.92
C GLN D 45 -10.79 -3.00 -6.82
N ILE D 46 -11.90 -3.41 -7.43
CA ILE D 46 -13.06 -2.55 -7.42
C ILE D 46 -13.96 -2.99 -6.27
N ASP D 47 -14.34 -2.06 -5.39
CA ASP D 47 -15.24 -2.43 -4.31
C ASP D 47 -16.42 -3.21 -4.87
N GLY D 48 -16.64 -4.42 -4.34
CA GLY D 48 -17.85 -5.21 -4.58
C GLY D 48 -18.02 -5.67 -6.02
N VAL D 49 -16.94 -5.64 -6.80
CA VAL D 49 -17.02 -6.01 -8.21
C VAL D 49 -15.96 -7.09 -8.48
N ASP D 50 -16.27 -7.95 -9.45
CA ASP D 50 -15.36 -8.92 -10.02
C ASP D 50 -15.18 -8.58 -11.49
N PRO D 51 -14.18 -7.75 -11.82
CA PRO D 51 -14.11 -7.13 -13.15
C PRO D 51 -13.58 -8.09 -14.22
N VAL D 52 -14.15 -8.04 -15.41
CA VAL D 52 -13.63 -8.70 -16.59
C VAL D 52 -13.15 -7.59 -17.51
N PHE D 53 -11.84 -7.51 -17.73
CA PHE D 53 -11.28 -6.38 -18.45
C PHE D 53 -11.03 -6.72 -19.92
N MET D 54 -11.18 -5.73 -20.80
CA MET D 54 -10.91 -5.81 -22.22
C MET D 54 -10.23 -4.52 -22.67
N LEU D 55 -9.03 -4.62 -23.23
CA LEU D 55 -8.22 -3.45 -23.53
C LEU D 55 -8.40 -3.06 -25.00
N LEU D 56 -8.86 -1.82 -25.32
CA LEU D 56 -9.34 -1.52 -26.68
C LEU D 56 -8.64 -0.38 -27.45
N ASN D 57 -9.03 -0.13 -28.73
CA ASN D 57 -9.09 1.23 -29.30
C ASN D 57 -10.43 1.51 -29.99
N PRO D 58 -10.87 0.77 -31.05
CA PRO D 58 -12.25 0.91 -31.52
C PRO D 58 -13.26 0.69 -30.37
N ARG D 67 -22.01 2.29 -27.07
CA ARG D 67 -22.80 1.57 -28.09
C ARG D 67 -22.02 0.40 -28.67
N SER D 68 -20.78 0.21 -28.22
CA SER D 68 -19.88 -0.75 -28.85
C SER D 68 -19.95 -2.13 -28.17
N GLN D 69 -20.73 -3.06 -28.73
CA GLN D 69 -20.84 -4.42 -28.23
C GLN D 69 -20.99 -4.44 -26.70
N ASP D 70 -22.03 -3.77 -26.21
CA ASP D 70 -22.17 -3.18 -24.89
C ASP D 70 -21.37 -3.78 -23.72
N PHE D 71 -20.68 -2.85 -23.06
CA PHE D 71 -19.99 -3.01 -21.80
C PHE D 71 -20.72 -2.38 -20.63
N ASP D 72 -20.33 -2.82 -19.43
CA ASP D 72 -20.92 -2.32 -18.21
C ASP D 72 -20.29 -0.98 -17.82
N ILE D 73 -18.95 -0.97 -17.85
CA ILE D 73 -18.14 0.20 -17.56
C ILE D 73 -17.19 0.38 -18.75
N THR D 74 -17.08 1.61 -19.26
CA THR D 74 -16.19 1.86 -20.37
C THR D 74 -15.65 3.29 -20.37
N GLU D 75 -14.37 3.40 -20.77
CA GLU D 75 -13.78 4.65 -21.19
C GLU D 75 -14.53 5.16 -22.43
N ILE D 76 -14.80 6.48 -22.53
CA ILE D 76 -15.51 7.01 -23.69
C ILE D 76 -14.93 8.35 -24.15
N SER D 77 -15.14 8.70 -25.43
CA SER D 77 -14.84 10.04 -25.93
C SER D 77 -15.64 11.04 -25.09
N PHE D 78 -14.96 12.05 -24.54
CA PHE D 78 -15.68 13.05 -23.78
C PHE D 78 -16.67 13.74 -24.70
N SER D 79 -16.21 14.08 -25.91
CA SER D 79 -17.09 14.75 -26.85
C SER D 79 -18.32 13.89 -27.13
N SER D 80 -18.07 12.67 -27.64
CA SER D 80 -19.16 11.77 -28.01
C SER D 80 -20.17 11.63 -26.88
N TYR D 81 -19.68 11.27 -25.68
CA TYR D 81 -20.51 11.16 -24.51
C TYR D 81 -21.38 12.41 -24.39
N LEU D 82 -20.78 13.61 -24.52
CA LEU D 82 -21.54 14.84 -24.31
C LEU D 82 -22.64 14.99 -25.36
N VAL D 83 -22.32 14.63 -26.61
CA VAL D 83 -23.34 14.71 -27.65
C VAL D 83 -24.56 13.92 -27.21
N LYS D 84 -24.37 12.62 -26.92
CA LYS D 84 -25.48 11.76 -26.53
C LYS D 84 -26.03 12.13 -25.15
N HIS D 85 -25.19 12.63 -24.23
CA HIS D 85 -25.64 12.97 -22.89
C HIS D 85 -26.51 14.23 -22.90
N SER D 86 -26.23 15.15 -23.84
CA SER D 86 -26.94 16.41 -23.88
C SER D 86 -28.40 16.20 -24.31
N GLN D 87 -28.67 15.06 -24.96
CA GLN D 87 -29.98 14.75 -25.52
C GLN D 87 -30.72 13.77 -24.63
N ASP D 88 -30.15 13.47 -23.44
CA ASP D 88 -30.62 12.44 -22.52
C ASP D 88 -30.94 11.12 -23.24
N SER D 89 -30.09 10.76 -24.19
CA SER D 89 -30.18 9.48 -24.87
C SER D 89 -28.78 8.86 -24.98
N CYS D 90 -28.04 8.89 -23.87
CA CYS D 90 -26.82 8.14 -23.71
C CYS D 90 -27.07 7.00 -22.74
N PRO D 91 -26.67 5.76 -23.08
CA PRO D 91 -26.82 4.61 -22.18
C PRO D 91 -25.95 4.67 -20.92
N TYR D 92 -24.94 5.55 -20.94
CA TYR D 92 -23.95 5.63 -19.88
C TYR D 92 -24.11 6.97 -19.14
N ILE D 93 -23.67 6.95 -17.87
CA ILE D 93 -23.49 8.17 -17.10
C ILE D 93 -21.99 8.29 -16.80
N GLY D 94 -21.46 9.51 -16.90
CA GLY D 94 -20.03 9.69 -16.74
C GLY D 94 -19.62 9.76 -15.27
N ILE D 95 -18.36 9.41 -15.00
CA ILE D 95 -17.70 9.70 -13.73
C ILE D 95 -16.41 10.46 -14.08
N PRO D 96 -15.92 11.35 -13.20
CA PRO D 96 -14.75 12.16 -13.53
C PRO D 96 -13.40 11.43 -13.45
N VAL D 97 -13.29 10.31 -14.16
CA VAL D 97 -12.03 9.60 -14.32
C VAL D 97 -11.50 9.93 -15.70
N PHE D 98 -10.53 10.82 -15.75
CA PHE D 98 -10.02 11.34 -17.01
C PHE D 98 -8.79 10.55 -17.44
N VAL D 99 -9.02 9.28 -17.82
CA VAL D 99 -7.95 8.36 -18.21
C VAL D 99 -7.21 8.87 -19.43
N SER D 100 -7.72 9.92 -20.09
CA SER D 100 -7.00 10.52 -21.21
C SER D 100 -6.96 12.04 -21.13
N ARG D 101 -5.76 12.61 -20.93
CA ARG D 101 -5.54 14.04 -20.95
C ARG D 101 -4.29 14.30 -21.78
N ALA D 102 -4.20 15.50 -22.37
CA ALA D 102 -3.08 15.91 -23.21
C ALA D 102 -3.39 17.23 -23.90
N PHE D 103 -2.36 18.08 -24.03
CA PHE D 103 -2.52 19.32 -24.76
C PHE D 103 -2.59 19.00 -26.23
N ARG D 104 -3.40 19.77 -26.94
CA ARG D 104 -3.58 19.48 -28.34
C ARG D 104 -3.09 20.67 -29.17
N HIS D 105 -2.07 21.36 -28.65
CA HIS D 105 -1.34 22.32 -29.47
C HIS D 105 -0.63 21.54 -30.57
N THR D 106 -0.18 20.32 -30.23
CA THR D 106 0.53 19.47 -31.17
C THR D 106 -0.43 18.91 -32.21
N SER D 107 -1.69 19.28 -32.09
CA SER D 107 -2.73 18.64 -32.86
C SER D 107 -2.91 19.35 -34.21
N ILE D 108 -2.38 20.57 -34.29
CA ILE D 108 -2.67 21.46 -35.41
C ILE D 108 -1.43 21.56 -36.28
N TYR D 109 -1.54 20.95 -37.47
CA TYR D 109 -0.56 21.05 -38.55
C TYR D 109 -1.12 22.04 -39.57
N VAL D 110 -0.23 22.89 -40.10
CA VAL D 110 -0.58 23.88 -41.10
C VAL D 110 0.48 23.89 -42.18
N ARG D 111 0.15 24.52 -43.31
CA ARG D 111 1.16 24.80 -44.31
C ARG D 111 1.84 26.12 -43.96
N LYS D 112 3.09 26.01 -43.45
CA LYS D 112 3.85 27.16 -42.98
C LYS D 112 4.03 28.19 -44.10
N ASP D 113 3.91 27.75 -45.35
CA ASP D 113 4.08 28.60 -46.51
C ASP D 113 2.88 29.54 -46.70
N ARG D 114 1.78 29.26 -45.99
CA ARG D 114 0.56 30.07 -46.05
C ARG D 114 0.29 30.76 -44.72
N ILE D 115 0.35 30.00 -43.63
CA ILE D 115 0.00 30.50 -42.31
C ILE D 115 1.26 30.93 -41.56
N GLN D 116 1.46 32.25 -41.44
CA GLN D 116 2.60 32.82 -40.74
C GLN D 116 2.29 32.83 -39.25
N ARG D 117 1.04 33.15 -38.88
CA ARG D 117 0.60 33.09 -37.49
C ARG D 117 -0.86 32.61 -37.47
N PRO D 118 -1.36 32.04 -36.33
CA PRO D 118 -2.70 31.44 -36.28
C PRO D 118 -3.86 32.21 -36.91
N GLU D 119 -3.86 33.56 -36.78
CA GLU D 119 -4.98 34.38 -37.23
C GLU D 119 -5.21 34.26 -38.74
N ASP D 120 -4.21 33.74 -39.47
CA ASP D 120 -4.25 33.64 -40.93
C ASP D 120 -5.24 32.55 -41.38
N LEU D 121 -5.68 31.72 -40.44
CA LEU D 121 -6.55 30.58 -40.73
C LEU D 121 -8.00 31.01 -40.99
N LYS D 122 -8.33 32.27 -40.68
CA LYS D 122 -9.65 32.80 -41.00
C LYS D 122 -9.93 32.55 -42.47
N GLY D 123 -11.07 31.89 -42.75
CA GLY D 123 -11.58 31.74 -44.10
C GLY D 123 -10.77 30.77 -44.96
N LYS D 124 -10.01 29.88 -44.32
CA LYS D 124 -9.25 28.88 -45.04
C LYS D 124 -9.99 27.53 -45.00
N ARG D 125 -9.39 26.52 -45.62
CA ARG D 125 -9.88 25.16 -45.59
C ARG D 125 -9.02 24.36 -44.60
N ILE D 126 -9.61 23.91 -43.49
CA ILE D 126 -8.95 23.03 -42.51
C ILE D 126 -9.55 21.62 -42.68
N GLY D 127 -8.70 20.59 -42.59
CA GLY D 127 -9.18 19.23 -42.70
C GLY D 127 -9.12 18.50 -41.36
N LEU D 128 -10.10 17.62 -41.13
CA LEU D 128 -10.12 16.75 -39.96
C LEU D 128 -10.70 15.40 -40.34
N PRO D 129 -10.41 14.30 -39.60
CA PRO D 129 -11.00 13.00 -39.87
C PRO D 129 -12.50 12.93 -39.58
N GLU D 130 -12.91 13.50 -38.45
CA GLU D 130 -14.32 13.63 -38.09
C GLU D 130 -14.43 14.91 -37.27
N TYR D 131 -15.58 15.59 -37.34
CA TYR D 131 -15.73 16.91 -36.73
C TYR D 131 -15.79 16.76 -35.20
N GLN D 132 -16.43 15.69 -34.72
CA GLN D 132 -16.88 15.69 -33.34
C GLN D 132 -15.80 15.24 -32.37
N LEU D 133 -14.60 14.92 -32.87
CA LEU D 133 -13.57 14.24 -32.09
C LEU D 133 -13.04 15.08 -30.93
N THR D 134 -12.79 14.42 -29.79
CA THR D 134 -12.52 15.19 -28.58
C THR D 134 -11.36 16.17 -28.78
N ALA D 135 -10.27 15.72 -29.41
CA ALA D 135 -9.10 16.58 -29.58
C ALA D 135 -9.44 17.80 -30.46
N ASN D 136 -10.20 17.54 -31.53
CA ASN D 136 -10.63 18.59 -32.45
C ASN D 136 -11.40 19.70 -31.72
N VAL D 137 -12.15 19.32 -30.69
CA VAL D 137 -12.88 20.30 -29.92
C VAL D 137 -11.88 21.21 -29.21
N TRP D 138 -10.90 20.63 -28.52
CA TRP D 138 -9.88 21.43 -27.86
C TRP D 138 -9.10 22.29 -28.84
N ALA D 139 -8.85 21.75 -30.03
CA ALA D 139 -8.07 22.48 -31.02
C ALA D 139 -8.82 23.73 -31.50
N ARG D 140 -10.11 23.56 -31.85
CA ARG D 140 -10.92 24.67 -32.34
C ARG D 140 -11.11 25.72 -31.24
N ALA D 141 -11.10 25.27 -29.98
CA ALA D 141 -11.25 26.12 -28.82
C ALA D 141 -10.04 27.03 -28.68
N ILE D 142 -8.85 26.51 -29.00
CA ILE D 142 -7.65 27.34 -28.93
C ILE D 142 -7.75 28.45 -29.98
N LEU D 143 -8.16 28.05 -31.19
CA LEU D 143 -8.20 28.96 -32.33
C LEU D 143 -9.24 30.07 -32.10
N GLU D 144 -10.38 29.70 -31.49
CA GLU D 144 -11.40 30.65 -31.07
C GLU D 144 -10.87 31.51 -29.93
N ALA D 145 -10.63 30.89 -28.77
CA ALA D 145 -10.35 31.62 -27.53
C ALA D 145 -9.14 32.54 -27.67
N ASP D 146 -8.25 32.30 -28.64
CA ASP D 146 -6.94 32.92 -28.58
C ASP D 146 -6.53 33.61 -29.88
N HIS D 147 -7.33 33.46 -30.95
CA HIS D 147 -6.95 33.99 -32.25
C HIS D 147 -8.18 34.51 -33.00
N GLY D 148 -9.37 34.25 -32.42
CA GLY D 148 -10.63 34.73 -32.97
C GLY D 148 -11.03 33.96 -34.22
N VAL D 149 -10.49 32.75 -34.37
CA VAL D 149 -10.83 31.90 -35.50
C VAL D 149 -11.93 30.95 -35.05
N ARG D 150 -13.18 31.35 -35.36
CA ARG D 150 -14.36 30.67 -34.86
C ARG D 150 -14.75 29.59 -35.85
N PRO D 151 -15.21 28.41 -35.36
CA PRO D 151 -15.73 27.35 -36.23
C PRO D 151 -16.38 27.76 -37.56
N CYS D 152 -17.19 28.82 -37.52
CA CYS D 152 -17.97 29.24 -38.68
C CYS D 152 -17.10 29.99 -39.70
N ASP D 153 -15.90 30.42 -39.27
CA ASP D 153 -14.97 31.16 -40.11
C ASP D 153 -14.10 30.22 -40.94
N VAL D 154 -14.46 28.94 -41.00
CA VAL D 154 -13.56 27.97 -41.59
C VAL D 154 -14.35 27.06 -42.52
N HIS D 155 -13.77 26.74 -43.68
CA HIS D 155 -14.28 25.69 -44.54
C HIS D 155 -13.68 24.37 -44.05
N TRP D 156 -14.52 23.56 -43.40
CA TRP D 156 -14.08 22.29 -42.82
C TRP D 156 -14.12 21.18 -43.88
N VAL D 157 -13.10 20.31 -43.88
CA VAL D 157 -13.02 19.22 -44.84
C VAL D 157 -12.72 17.91 -44.10
N ARG D 158 -13.59 16.90 -44.31
CA ARG D 158 -13.52 15.68 -43.51
C ARG D 158 -13.25 14.43 -44.34
N GLY D 159 -12.48 13.46 -43.80
CA GLY D 159 -12.67 12.05 -44.13
C GLY D 159 -11.44 11.41 -44.76
N LEU D 172 -24.74 13.60 -37.96
CA LEU D 172 -24.63 14.69 -36.96
C LEU D 172 -25.46 15.90 -37.40
N ALA D 173 -25.92 16.68 -36.41
CA ALA D 173 -26.77 17.83 -36.64
C ALA D 173 -26.00 19.12 -36.33
N LEU D 174 -25.29 19.64 -37.34
CA LEU D 174 -24.42 20.81 -37.17
C LEU D 174 -25.17 22.11 -37.47
N PRO D 175 -25.00 23.17 -36.65
CA PRO D 175 -25.53 24.50 -36.96
C PRO D 175 -25.16 24.94 -38.37
N SER D 176 -26.03 25.74 -38.99
CA SER D 176 -25.99 26.11 -40.40
C SER D 176 -24.79 26.99 -40.76
N ASP D 177 -24.18 27.60 -39.76
CA ASP D 177 -23.12 28.58 -39.99
C ASP D 177 -21.77 27.86 -40.13
N ILE D 178 -21.74 26.58 -39.78
CA ILE D 178 -20.59 25.69 -39.89
C ILE D 178 -20.65 25.03 -41.27
N HIS D 179 -19.78 25.49 -42.18
CA HIS D 179 -19.67 24.92 -43.52
C HIS D 179 -18.75 23.71 -43.45
N ILE D 180 -19.20 22.58 -44.02
CA ILE D 180 -18.49 21.32 -43.84
C ILE D 180 -18.72 20.37 -45.02
N GLU D 181 -17.64 19.98 -45.69
CA GLU D 181 -17.71 19.14 -46.87
C GLU D 181 -16.76 17.95 -46.72
N ASN D 182 -17.15 16.80 -47.30
CA ASN D 182 -16.25 15.66 -47.46
C ASN D 182 -15.02 16.05 -48.28
N ALA D 183 -13.97 15.26 -48.14
CA ALA D 183 -12.78 15.39 -48.98
C ALA D 183 -13.13 14.88 -50.38
N PRO D 184 -12.48 15.37 -51.47
CA PRO D 184 -12.58 14.73 -52.78
C PRO D 184 -12.38 13.22 -52.62
N GLU D 185 -13.32 12.45 -53.17
CA GLU D 185 -13.46 11.06 -52.77
C GLU D 185 -12.18 10.31 -53.11
N GLY D 186 -11.72 9.46 -52.17
CA GLY D 186 -10.57 8.62 -52.41
C GLY D 186 -9.26 9.28 -51.99
N GLU D 187 -9.31 10.59 -51.65
CA GLU D 187 -8.11 11.31 -51.25
C GLU D 187 -8.11 11.56 -49.74
N THR D 188 -6.97 11.30 -49.09
CA THR D 188 -6.89 11.51 -47.64
C THR D 188 -6.63 12.98 -47.34
N ILE D 189 -6.95 13.38 -46.10
CA ILE D 189 -6.65 14.70 -45.55
C ILE D 189 -5.16 14.96 -45.70
N SER D 190 -4.37 13.92 -45.38
CA SER D 190 -2.92 13.98 -45.43
C SER D 190 -2.47 14.41 -46.82
N ALA D 191 -3.01 13.73 -47.84
CA ALA D 191 -2.73 14.07 -49.23
C ALA D 191 -3.16 15.51 -49.53
N LEU D 192 -4.39 15.87 -49.11
CA LEU D 192 -4.99 17.15 -49.42
C LEU D 192 -4.16 18.29 -48.84
N LEU D 193 -3.49 18.04 -47.71
CA LEU D 193 -2.61 19.01 -47.11
C LEU D 193 -1.31 19.10 -47.92
N ASP D 194 -0.85 17.94 -48.39
CA ASP D 194 0.38 17.81 -49.15
C ASP D 194 0.27 18.64 -50.43
N ARG D 195 -0.88 18.55 -51.09
CA ARG D 195 -1.15 19.27 -52.33
C ARG D 195 -1.60 20.69 -52.04
N GLY D 196 -1.98 20.94 -50.79
CA GLY D 196 -2.40 22.26 -50.35
C GLY D 196 -3.77 22.64 -50.88
N ASP D 197 -4.69 21.67 -50.96
CA ASP D 197 -6.12 21.90 -51.17
C ASP D 197 -6.74 22.40 -49.87
N ILE D 198 -6.06 22.09 -48.75
CA ILE D 198 -6.37 22.60 -47.44
C ILE D 198 -5.14 23.30 -46.87
N ASP D 199 -5.35 24.32 -46.02
CA ASP D 199 -4.25 25.09 -45.46
C ASP D 199 -3.89 24.54 -44.07
N GLY D 200 -4.80 23.74 -43.48
CA GLY D 200 -4.62 23.26 -42.13
C GLY D 200 -5.20 21.87 -41.91
N PHE D 201 -4.85 21.30 -40.76
CA PHE D 201 -5.16 19.92 -40.43
C PHE D 201 -5.28 19.86 -38.92
N ILE D 202 -6.34 19.21 -38.41
CA ILE D 202 -6.38 18.82 -37.00
C ILE D 202 -6.87 17.39 -36.83
N GLY D 203 -6.33 16.71 -35.80
CA GLY D 203 -6.74 15.36 -35.44
C GLY D 203 -5.90 14.77 -34.30
N PRO D 204 -6.30 13.63 -33.71
CA PRO D 204 -5.54 13.01 -32.61
C PRO D 204 -4.19 12.42 -33.06
N ARG D 205 -4.02 12.21 -34.37
CA ARG D 205 -2.76 11.77 -34.94
C ARG D 205 -2.19 12.86 -35.83
N PRO D 206 -0.85 12.90 -36.03
CA PRO D 206 -0.28 13.78 -37.05
C PRO D 206 -0.68 13.24 -38.42
N PRO D 207 -0.44 13.99 -39.52
CA PRO D 207 -0.71 13.48 -40.87
C PRO D 207 0.19 12.29 -41.19
N ALA D 208 -0.09 11.60 -42.32
CA ALA D 208 0.72 10.47 -42.78
C ALA D 208 2.07 10.96 -43.32
N SER D 209 2.87 10.04 -43.88
CA SER D 209 4.14 10.38 -44.52
C SER D 209 3.97 11.43 -45.64
N LEU D 212 3.39 13.81 -46.52
CA LEU D 212 3.44 14.97 -45.61
C LEU D 212 4.79 15.04 -44.92
N ARG D 213 5.84 14.44 -45.51
CA ARG D 213 7.24 14.77 -45.16
C ARG D 213 7.61 16.16 -45.68
N ASN D 214 6.81 16.65 -46.63
CA ASN D 214 6.77 17.98 -47.21
C ASN D 214 7.33 19.01 -46.24
N PRO D 215 8.45 19.69 -46.58
CA PRO D 215 9.06 20.66 -45.66
C PRO D 215 8.17 21.86 -45.32
N ASN D 216 7.02 22.00 -45.99
CA ASN D 216 6.12 23.13 -45.79
C ASN D 216 5.05 22.83 -44.74
N ILE D 217 5.03 21.59 -44.27
CA ILE D 217 4.11 21.21 -43.20
C ILE D 217 4.88 21.15 -41.88
N GLY D 218 4.24 21.65 -40.83
CA GLY D 218 4.75 21.58 -39.47
C GLY D 218 3.66 21.98 -38.47
N TRP D 219 3.97 21.93 -37.18
CA TRP D 219 3.06 22.46 -36.18
C TRP D 219 2.82 23.94 -36.41
N LEU D 220 1.58 24.37 -36.17
CA LEU D 220 1.25 25.78 -36.13
C LEU D 220 2.16 26.46 -35.10
N TYR D 221 2.18 25.90 -33.89
CA TYR D 221 3.04 26.45 -32.84
C TYR D 221 4.45 25.91 -33.00
N ASP D 222 5.43 26.81 -33.15
CA ASP D 222 6.83 26.42 -33.33
C ASP D 222 7.35 25.75 -32.08
N ASP D 223 6.83 26.16 -30.92
CA ASP D 223 7.20 25.52 -29.67
C ASP D 223 5.91 25.18 -28.91
N PRO D 224 5.24 24.07 -29.28
CA PRO D 224 3.97 23.68 -28.66
C PRO D 224 4.06 23.58 -27.14
N THR D 225 5.15 23.00 -26.63
CA THR D 225 5.27 22.85 -25.19
C THR D 225 5.16 24.25 -24.55
N ALA D 226 5.91 25.21 -25.11
CA ALA D 226 5.98 26.53 -24.51
C ALA D 226 4.60 27.19 -24.54
N ALA D 227 3.91 27.08 -25.67
CA ALA D 227 2.65 27.75 -25.92
C ALA D 227 1.58 27.18 -25.02
N ALA D 228 1.68 25.87 -24.76
CA ALA D 228 0.68 25.16 -23.97
C ALA D 228 0.85 25.51 -22.49
N LYS D 229 2.10 25.74 -22.06
CA LYS D 229 2.38 26.07 -20.67
C LYS D 229 1.87 27.47 -20.37
N ASP D 230 2.00 28.35 -21.37
CA ASP D 230 1.47 29.69 -21.32
C ASP D 230 -0.06 29.64 -21.28
N TYR D 231 -0.64 28.93 -22.26
CA TYR D 231 -2.07 28.64 -22.34
C TYR D 231 -2.57 28.21 -20.97
N TYR D 232 -1.90 27.23 -20.35
CA TYR D 232 -2.33 26.67 -19.08
C TYR D 232 -2.23 27.71 -17.97
N ARG D 233 -1.18 28.54 -17.99
CA ARG D 233 -1.10 29.61 -16.99
C ARG D 233 -2.29 30.55 -17.16
N ARG D 234 -2.62 30.84 -18.44
CA ARG D 234 -3.66 31.79 -18.76
C ARG D 234 -5.06 31.22 -18.46
N THR D 235 -5.29 29.93 -18.71
CA THR D 235 -6.65 29.43 -18.71
C THR D 235 -6.91 28.39 -17.62
N GLY D 236 -5.85 27.70 -17.18
CA GLY D 236 -5.97 26.62 -16.21
C GLY D 236 -6.52 25.35 -16.85
N ILE D 237 -6.38 25.24 -18.19
CA ILE D 237 -6.98 24.15 -18.94
C ILE D 237 -5.96 23.06 -19.28
N PHE D 238 -6.11 21.88 -18.71
CA PHE D 238 -5.38 20.70 -19.16
C PHE D 238 -6.39 19.80 -19.86
N PRO D 239 -6.52 19.89 -21.19
CA PRO D 239 -7.62 19.24 -21.92
C PRO D 239 -7.85 17.79 -21.54
N ILE D 240 -9.13 17.41 -21.45
CA ILE D 240 -9.53 16.04 -21.18
C ILE D 240 -10.03 15.42 -22.48
N MET D 241 -9.60 14.20 -22.77
CA MET D 241 -9.99 13.52 -24.00
C MET D 241 -11.08 12.51 -23.69
N HIS D 242 -10.82 11.65 -22.69
CA HIS D 242 -11.67 10.51 -22.39
C HIS D 242 -12.15 10.55 -20.94
N ILE D 243 -13.41 10.20 -20.70
CA ILE D 243 -13.89 9.97 -19.34
C ILE D 243 -14.19 8.49 -19.19
N VAL D 244 -14.81 8.11 -18.07
CA VAL D 244 -15.30 6.76 -17.91
C VAL D 244 -16.79 6.81 -17.66
N GLY D 245 -17.48 5.73 -18.02
CA GLY D 245 -18.94 5.67 -18.00
C GLY D 245 -19.46 4.34 -17.46
N ILE D 246 -20.65 4.39 -16.88
CA ILE D 246 -21.29 3.20 -16.36
C ILE D 246 -22.70 3.22 -16.93
N ARG D 247 -23.26 2.04 -17.25
CA ARG D 247 -24.64 2.00 -17.72
C ARG D 247 -25.53 2.70 -16.71
N LYS D 248 -26.46 3.53 -17.21
CA LYS D 248 -27.47 4.22 -16.39
C LYS D 248 -28.07 3.22 -15.40
N GLU D 249 -28.51 2.06 -15.89
CA GLU D 249 -29.26 1.10 -15.12
C GLU D 249 -28.46 0.64 -13.91
N LEU D 250 -27.17 0.44 -14.17
CA LEU D 250 -26.29 -0.10 -13.16
C LEU D 250 -26.13 0.89 -12.02
N ALA D 251 -25.95 2.17 -12.37
CA ALA D 251 -25.73 3.27 -11.43
C ALA D 251 -26.98 3.49 -10.57
N ALA D 252 -28.15 3.26 -11.16
CA ALA D 252 -29.42 3.39 -10.48
C ALA D 252 -29.61 2.24 -9.49
N GLN D 253 -29.27 1.02 -9.91
CA GLN D 253 -29.44 -0.16 -9.07
C GLN D 253 -28.42 -0.17 -7.92
N HIS D 254 -27.24 0.38 -8.19
CA HIS D 254 -26.13 0.28 -7.27
C HIS D 254 -25.53 1.68 -7.03
N PRO D 255 -26.18 2.53 -6.21
CA PRO D 255 -25.76 3.94 -6.06
C PRO D 255 -24.35 4.16 -5.51
N TRP D 256 -23.66 3.07 -5.17
CA TRP D 256 -22.32 3.11 -4.61
C TRP D 256 -21.30 2.78 -5.70
N LEU D 257 -21.77 2.25 -6.82
CA LEU D 257 -20.92 1.69 -7.87
C LEU D 257 -20.16 2.80 -8.59
N PRO D 258 -20.81 3.92 -8.96
CA PRO D 258 -20.07 5.10 -9.44
C PRO D 258 -18.88 5.40 -8.54
N SER D 259 -19.12 5.62 -7.24
CA SER D 259 -18.05 6.03 -6.35
C SER D 259 -16.96 4.97 -6.29
N ALA D 260 -17.34 3.68 -6.30
CA ALA D 260 -16.38 2.60 -6.17
C ALA D 260 -15.42 2.58 -7.34
N VAL D 261 -15.98 2.74 -8.54
CA VAL D 261 -15.21 2.75 -9.77
C VAL D 261 -14.30 3.96 -9.76
N PHE D 262 -14.82 5.13 -9.41
CA PHE D 262 -14.03 6.36 -9.35
C PHE D 262 -12.78 6.13 -8.51
N LYS D 263 -12.94 5.44 -7.37
CA LYS D 263 -11.86 5.19 -6.43
C LYS D 263 -10.78 4.30 -7.07
N ALA D 264 -11.22 3.16 -7.59
CA ALA D 264 -10.28 2.20 -8.17
C ALA D 264 -9.39 2.90 -9.21
N PHE D 265 -9.98 3.61 -10.16
CA PHE D 265 -9.20 4.20 -11.23
C PHE D 265 -8.20 5.17 -10.63
N SER D 266 -8.69 5.91 -9.62
CA SER D 266 -7.90 6.84 -8.82
C SER D 266 -6.69 6.16 -8.20
N GLN D 267 -6.90 4.98 -7.60
CA GLN D 267 -5.82 4.24 -6.96
C GLN D 267 -4.80 3.80 -8.01
N ALA D 268 -5.30 3.27 -9.13
CA ALA D 268 -4.47 2.78 -10.22
C ALA D 268 -3.52 3.86 -10.72
N LYS D 269 -4.07 5.09 -10.87
CA LYS D 269 -3.26 6.22 -11.29
C LYS D 269 -2.21 6.53 -10.22
N GLN D 270 -2.61 6.56 -8.95
CA GLN D 270 -1.67 6.79 -7.88
C GLN D 270 -0.56 5.74 -7.89
N ALA D 271 -0.94 4.46 -8.04
CA ALA D 271 0.04 3.38 -8.05
C ALA D 271 1.07 3.63 -9.14
N ALA D 272 0.58 3.93 -10.35
CA ALA D 272 1.44 4.11 -11.51
C ALA D 272 2.34 5.33 -11.32
N LEU D 273 1.77 6.44 -10.83
CA LEU D 273 2.54 7.66 -10.56
C LEU D 273 3.62 7.36 -9.50
N ASP D 274 3.29 6.53 -8.51
CA ASP D 274 4.22 6.23 -7.44
C ASP D 274 5.44 5.54 -8.03
N LEU D 275 5.19 4.59 -8.94
CA LEU D 275 6.21 3.83 -9.64
C LEU D 275 7.02 4.75 -10.55
N LEU D 276 6.32 5.65 -11.27
CA LEU D 276 6.94 6.42 -12.33
C LEU D 276 7.94 7.42 -11.76
N GLU D 277 7.63 7.96 -10.59
CA GLU D 277 8.45 9.00 -9.98
C GLU D 277 9.74 8.40 -9.42
N ASP D 278 9.77 7.08 -9.26
CA ASP D 278 10.97 6.43 -8.75
C ASP D 278 12.01 6.29 -9.87
N THR D 279 13.23 6.74 -9.56
CA THR D 279 14.26 6.88 -10.57
C THR D 279 15.26 5.73 -10.50
N SER D 280 14.94 4.69 -9.72
CA SER D 280 15.78 3.50 -9.70
C SER D 280 15.95 2.96 -11.13
N ALA D 281 14.92 3.18 -11.95
CA ALA D 281 14.80 2.74 -13.32
C ALA D 281 13.58 3.45 -13.87
N THR D 282 13.70 4.04 -15.05
CA THR D 282 12.56 4.75 -15.61
C THR D 282 11.57 3.73 -16.17
N LYS D 283 10.29 3.89 -15.80
CA LYS D 283 9.25 2.93 -16.10
C LYS D 283 8.73 3.12 -17.54
N VAL D 284 8.99 4.30 -18.13
CA VAL D 284 8.68 4.50 -19.55
C VAL D 284 9.99 4.42 -20.32
N THR D 285 9.91 4.06 -21.59
CA THR D 285 11.11 4.10 -22.42
C THR D 285 11.29 5.52 -22.95
N LEU D 286 11.67 6.46 -22.06
CA LEU D 286 12.12 7.79 -22.46
C LEU D 286 13.37 8.17 -21.68
N PRO D 287 14.20 9.09 -22.21
CA PRO D 287 15.21 9.76 -21.39
C PRO D 287 14.53 10.83 -20.53
N PHE D 288 15.28 11.37 -19.57
CA PHE D 288 14.95 12.60 -18.86
C PHE D 288 13.60 12.57 -18.12
N VAL D 289 13.13 11.39 -17.70
CA VAL D 289 11.82 11.34 -17.06
C VAL D 289 11.80 12.15 -15.76
N GLU D 290 12.84 12.00 -14.92
CA GLU D 290 12.95 12.75 -13.66
C GLU D 290 12.66 14.22 -13.92
N GLU D 291 13.30 14.76 -14.97
CA GLU D 291 13.29 16.20 -15.27
C GLU D 291 11.87 16.58 -15.68
N GLN D 292 11.27 15.72 -16.50
CA GLN D 292 9.94 15.92 -17.05
C GLN D 292 8.91 16.03 -15.93
N ILE D 293 8.94 15.04 -15.04
CA ILE D 293 7.99 14.95 -13.95
C ILE D 293 8.04 16.27 -13.19
N ARG D 294 9.25 16.75 -12.91
CA ARG D 294 9.42 17.89 -12.03
C ARG D 294 8.99 19.19 -12.74
N ALA D 295 9.18 19.23 -14.06
CA ALA D 295 8.71 20.35 -14.86
C ALA D 295 7.18 20.34 -14.91
N ALA D 296 6.62 19.15 -15.11
CA ALA D 296 5.18 18.97 -15.19
C ALA D 296 4.52 19.42 -13.89
N LYS D 297 5.07 18.98 -12.74
CA LYS D 297 4.58 19.32 -11.41
C LYS D 297 4.67 20.83 -11.19
N SER D 298 5.69 21.44 -11.79
CA SER D 298 5.93 22.87 -11.67
C SER D 298 4.83 23.67 -12.39
N THR D 299 4.51 23.27 -13.63
CA THR D 299 3.57 24.02 -14.45
C THR D 299 2.13 23.70 -14.05
N LEU D 300 1.84 22.44 -13.75
CA LEU D 300 0.47 21.97 -13.64
C LEU D 300 0.04 21.83 -12.17
N GLY D 301 0.99 21.60 -11.27
CA GLY D 301 0.70 21.32 -9.87
C GLY D 301 1.03 19.86 -9.54
N ASP D 302 1.18 19.57 -8.24
CA ASP D 302 1.57 18.24 -7.79
C ASP D 302 0.74 17.13 -8.44
N ASP D 303 -0.56 17.37 -8.54
CA ASP D 303 -1.49 16.40 -9.09
C ASP D 303 -1.67 16.70 -10.57
N TYR D 304 -0.59 16.56 -11.34
CA TYR D 304 -0.49 17.09 -12.70
C TYR D 304 -1.48 16.39 -13.63
N TRP D 305 -1.76 15.12 -13.35
CA TRP D 305 -2.82 14.45 -14.11
C TRP D 305 -4.00 14.13 -13.21
N PRO D 306 -4.82 15.15 -12.84
CA PRO D 306 -5.86 14.94 -11.83
C PRO D 306 -7.07 14.22 -12.41
N TYR D 307 -7.61 13.26 -11.66
CA TYR D 307 -9.00 12.87 -11.77
C TYR D 307 -9.77 13.77 -10.79
N GLY D 308 -11.12 13.76 -10.88
CA GLY D 308 -11.95 14.49 -9.93
C GLY D 308 -12.38 15.87 -10.44
N VAL D 309 -13.55 16.32 -10.00
CA VAL D 309 -14.19 17.48 -10.60
C VAL D 309 -13.50 18.78 -10.16
N ALA D 310 -13.48 19.03 -8.85
CA ALA D 310 -12.90 20.25 -8.30
C ALA D 310 -11.55 20.52 -8.96
N ALA D 311 -10.69 19.49 -9.00
CA ALA D 311 -9.32 19.58 -9.49
C ALA D 311 -9.24 19.84 -11.00
N SER D 312 -10.38 19.87 -11.68
CA SER D 312 -10.39 20.00 -13.13
C SER D 312 -11.40 21.06 -13.57
N ARG D 313 -11.85 21.89 -12.62
CA ARG D 313 -13.01 22.73 -12.85
C ARG D 313 -12.81 23.60 -14.09
N ARG D 314 -11.71 24.36 -14.12
CA ARG D 314 -11.48 25.25 -15.26
C ARG D 314 -11.59 24.50 -16.59
N THR D 315 -11.02 23.30 -16.66
CA THR D 315 -11.04 22.50 -17.87
C THR D 315 -12.47 22.06 -18.22
N LEU D 316 -13.21 21.61 -17.21
CA LEU D 316 -14.57 21.14 -17.42
C LEU D 316 -15.43 22.30 -17.91
N GLU D 317 -15.27 23.44 -17.24
CA GLU D 317 -16.02 24.66 -17.52
C GLU D 317 -15.86 25.01 -19.00
N ALA D 318 -14.60 24.97 -19.47
CA ALA D 318 -14.26 25.37 -20.83
C ALA D 318 -14.87 24.37 -21.81
N PHE D 319 -14.84 23.09 -21.42
CA PHE D 319 -15.27 22.05 -22.34
C PHE D 319 -16.73 22.28 -22.70
N VAL D 320 -17.60 22.35 -21.69
CA VAL D 320 -19.04 22.44 -21.94
C VAL D 320 -19.32 23.64 -22.84
N ARG D 321 -18.68 24.78 -22.50
CA ARG D 321 -18.89 25.99 -23.28
C ARG D 321 -18.54 25.76 -24.74
N HIS D 322 -17.31 25.31 -24.98
CA HIS D 322 -16.81 25.09 -26.32
C HIS D 322 -17.66 24.06 -27.05
N HIS D 323 -18.05 22.99 -26.36
CA HIS D 323 -18.82 21.91 -26.96
C HIS D 323 -20.15 22.47 -27.49
N HIS D 324 -20.79 23.32 -26.66
CA HIS D 324 -22.04 23.96 -27.06
C HIS D 324 -21.80 24.96 -28.20
N ALA D 325 -20.80 25.85 -28.04
CA ALA D 325 -20.43 26.79 -29.09
C ALA D 325 -20.23 26.03 -30.41
N GLN D 326 -19.34 25.03 -30.42
CA GLN D 326 -18.93 24.36 -31.66
C GLN D 326 -20.08 23.59 -32.29
N GLY D 327 -21.22 23.49 -31.58
CA GLY D 327 -22.48 23.03 -32.16
C GLY D 327 -22.77 21.54 -31.95
N LEU D 328 -22.24 20.99 -30.84
CA LEU D 328 -22.26 19.55 -30.57
C LEU D 328 -23.15 19.25 -29.36
N SER D 329 -23.46 20.26 -28.55
CA SER D 329 -24.36 20.13 -27.41
C SER D 329 -25.75 20.62 -27.80
N ALA D 330 -26.78 19.85 -27.43
CA ALA D 330 -28.18 20.24 -27.60
C ALA D 330 -28.40 21.67 -27.08
N ARG D 331 -28.38 21.81 -25.74
CA ARG D 331 -28.28 23.08 -25.05
C ARG D 331 -26.96 23.09 -24.27
N LEU D 332 -26.55 24.26 -23.75
CA LEU D 332 -25.30 24.39 -23.02
C LEU D 332 -25.41 23.63 -21.69
N MET D 333 -24.56 22.62 -21.51
CA MET D 333 -24.58 21.82 -20.30
C MET D 333 -23.97 22.58 -19.12
N ALA D 334 -24.42 22.21 -17.92
CA ALA D 334 -23.83 22.70 -16.67
C ALA D 334 -22.83 21.68 -16.16
N VAL D 335 -21.68 22.14 -15.68
CA VAL D 335 -20.71 21.18 -15.17
C VAL D 335 -21.44 20.21 -14.22
N GLU D 336 -22.49 20.70 -13.57
CA GLU D 336 -23.17 20.00 -12.50
C GLU D 336 -23.92 18.77 -12.99
N GLU D 337 -24.14 18.68 -14.31
CA GLU D 337 -24.96 17.61 -14.84
C GLU D 337 -24.13 16.67 -15.72
N LEU D 338 -22.80 16.84 -15.64
CA LEU D 338 -21.88 16.08 -16.49
C LEU D 338 -21.69 14.66 -15.97
N PHE D 339 -21.72 14.48 -14.65
CA PHE D 339 -21.34 13.20 -14.07
C PHE D 339 -22.42 12.74 -13.09
N HIS D 340 -22.34 11.46 -12.67
CA HIS D 340 -23.28 10.94 -11.69
C HIS D 340 -23.14 11.73 -10.40
N PRO D 341 -24.27 12.16 -9.79
CA PRO D 341 -24.23 13.08 -8.65
C PRO D 341 -23.31 12.69 -7.50
N SER D 342 -23.06 11.40 -7.32
CA SER D 342 -22.34 10.96 -6.13
C SER D 342 -20.84 11.20 -6.26
N THR D 343 -20.40 11.83 -7.36
CA THR D 343 -18.98 11.83 -7.71
C THR D 343 -18.42 13.23 -7.85
N TYR D 344 -19.07 14.23 -7.26
CA TYR D 344 -18.57 15.59 -7.40
C TYR D 344 -17.49 15.90 -6.35
N GLU D 345 -17.20 14.92 -5.52
CA GLU D 345 -16.36 15.10 -4.36
C GLU D 345 -16.00 13.73 -3.82
N THR D 346 -14.78 13.61 -3.30
CA THR D 346 -14.49 12.50 -2.42
C THR D 346 -14.07 13.08 -1.07
N TYR D 347 -14.20 12.24 -0.03
CA TYR D 347 -13.84 12.60 1.33
C TYR D 347 -12.34 12.88 1.45
N SER D 348 -11.97 13.48 2.59
CA SER D 348 -10.60 13.77 2.94
C SER D 348 -10.46 13.66 4.47
N ILE D 349 -9.21 13.47 4.93
CA ILE D 349 -8.91 13.31 6.34
C ILE D 349 -8.18 14.56 6.87
ZN ZN E . 2.93 -25.70 20.13
ZN ZN F . -16.69 10.18 13.68
ZN ZN G . 22.71 0.18 -9.72
MG MG H . -9.82 11.96 -29.01
#